data_1HKF
# 
_entry.id   1HKF 
# 
_audit_conform.dict_name       mmcif_pdbx.dic 
_audit_conform.dict_version    5.397 
_audit_conform.dict_location   http://mmcif.pdb.org/dictionaries/ascii/mmcif_pdbx.dic 
# 
loop_
_database_2.database_id 
_database_2.database_code 
_database_2.pdbx_database_accession 
_database_2.pdbx_DOI 
PDB   1HKF         pdb_00001hkf 10.2210/pdb1hkf/pdb 
PDBE  EBI-12219    ?            ?                   
WWPDB D_1290012219 ?            ?                   
# 
loop_
_pdbx_audit_revision_history.ordinal 
_pdbx_audit_revision_history.data_content_type 
_pdbx_audit_revision_history.major_revision 
_pdbx_audit_revision_history.minor_revision 
_pdbx_audit_revision_history.revision_date 
1 'Structure model' 1 0 2003-06-11 
2 'Structure model' 1 1 2011-05-08 
3 'Structure model' 1 2 2011-07-13 
4 'Structure model' 1 3 2024-10-23 
# 
_pdbx_audit_revision_details.ordinal             1 
_pdbx_audit_revision_details.revision_ordinal    1 
_pdbx_audit_revision_details.data_content_type   'Structure model' 
_pdbx_audit_revision_details.provider            repository 
_pdbx_audit_revision_details.type                'Initial release' 
_pdbx_audit_revision_details.description         ? 
_pdbx_audit_revision_details.details             ? 
# 
loop_
_pdbx_audit_revision_group.ordinal 
_pdbx_audit_revision_group.revision_ordinal 
_pdbx_audit_revision_group.data_content_type 
_pdbx_audit_revision_group.group 
1 2 'Structure model' 'Version format compliance' 
2 3 'Structure model' 'Version format compliance' 
3 4 'Structure model' 'Data collection'           
4 4 'Structure model' 'Database references'       
5 4 'Structure model' Other                       
6 4 'Structure model' 'Structure summary'         
# 
loop_
_pdbx_audit_revision_category.ordinal 
_pdbx_audit_revision_category.revision_ordinal 
_pdbx_audit_revision_category.data_content_type 
_pdbx_audit_revision_category.category 
1 4 'Structure model' chem_comp_atom            
2 4 'Structure model' chem_comp_bond            
3 4 'Structure model' database_2                
4 4 'Structure model' pdbx_database_status      
5 4 'Structure model' pdbx_entry_details        
6 4 'Structure model' pdbx_modification_feature 
# 
loop_
_pdbx_audit_revision_item.ordinal 
_pdbx_audit_revision_item.revision_ordinal 
_pdbx_audit_revision_item.data_content_type 
_pdbx_audit_revision_item.item 
1 4 'Structure model' '_database_2.pdbx_DOI'                         
2 4 'Structure model' '_database_2.pdbx_database_accession'          
3 4 'Structure model' '_pdbx_database_status.status_code_sf'         
4 4 'Structure model' '_pdbx_entry_details.has_protein_modification' 
# 
_pdbx_database_status.status_code                     REL 
_pdbx_database_status.entry_id                        1HKF 
_pdbx_database_status.deposit_site                    PDBE 
_pdbx_database_status.process_site                    PDBE 
_pdbx_database_status.SG_entry                        . 
_pdbx_database_status.recvd_initial_deposition_date   2003-03-10 
_pdbx_database_status.pdb_format_compatible           Y 
_pdbx_database_status.status_code_sf                  REL 
_pdbx_database_status.status_code_mr                  ? 
_pdbx_database_status.status_code_cs                  ? 
_pdbx_database_status.methods_development_category    ? 
_pdbx_database_status.status_code_nmr_data            ? 
# 
loop_
_audit_author.name 
_audit_author.pdbx_ordinal 
'Ponassi, M.'     1 
'Cantoni, C.'     2 
'Biassoni, R.'    3 
'Conte, R.'       4 
'Spallarossa, A.' 5 
'Moretta, A.'     6 
'Moretta, L.'     7 
'Bolognesi, M.'   8 
'Bordo, D.'       9 
# 
_citation.id                        primary 
_citation.title                     
'The Three-Dimensional Structure of the Human Nk Cell Receptor Nkp44, a Triggering Partner in Natural Cytotoxicity' 
_citation.journal_abbrev            Structure 
_citation.journal_volume            11 
_citation.page_first                725 
_citation.page_last                 ? 
_citation.year                      2003 
_citation.journal_id_ASTM           STRUE6 
_citation.country                   UK 
_citation.journal_id_ISSN           0969-2126 
_citation.journal_id_CSD            2005 
_citation.book_publisher            ? 
_citation.pdbx_database_id_PubMed   12791260 
_citation.pdbx_database_id_DOI      '10.1016/S0969-2126(03)00095-9' 
# 
loop_
_citation_author.citation_id 
_citation_author.name 
_citation_author.ordinal 
_citation_author.identifier_ORCID 
primary 'Cantoni, C.'     1 ? 
primary 'Ponassi, M.'     2 ? 
primary 'Biassoni, R.'    3 ? 
primary 'Conte, R.'       4 ? 
primary 'Spallarossa, A.' 5 ? 
primary 'Moretta, A.'     6 ? 
primary 'Moretta, L.'     7 ? 
primary 'Bolognesi, M.'   8 ? 
primary 'Bordo, D.'       9 ? 
# 
loop_
_entity.id 
_entity.type 
_entity.src_method 
_entity.pdbx_description 
_entity.formula_weight 
_entity.pdbx_number_of_molecules 
_entity.pdbx_ec 
_entity.pdbx_mutation 
_entity.pdbx_fragment 
_entity.details 
1 polymer man 'NK CELL ACTIVATING RECEPTOR' 13957.725 1   ? ? 'IG DOMAIN, RESIDUES 19-130' ? 
2 water   nat water                         18.015    117 ? ? ?                            ? 
# 
_entity_name_com.entity_id   1 
_entity_name_com.name        NKP44 
# 
_entity_poly.entity_id                      1 
_entity_poly.type                           'polypeptide(L)' 
_entity_poly.nstd_linkage                   no 
_entity_poly.nstd_monomer                   no 
_entity_poly.pdbx_seq_one_letter_code       
;MEGSHHHHHHSQAQSKAQVLQSVAGQTLTVRCQYPPTGSLYEKKGWCKEASALVCIRLVTSSKPRTMAWTSRFTIWDDPD
AGFFTVTMTDLREEDSGHYWCRIYRPSDNSVSKSVRFYLVVS
;
_entity_poly.pdbx_seq_one_letter_code_can   
;MEGSHHHHHHSQAQSKAQVLQSVAGQTLTVRCQYPPTGSLYEKKGWCKEASALVCIRLVTSSKPRTMAWTSRFTIWDDPD
AGFFTVTMTDLREEDSGHYWCRIYRPSDNSVSKSVRFYLVVS
;
_entity_poly.pdbx_strand_id                 A 
_entity_poly.pdbx_target_identifier         ? 
# 
_pdbx_entity_nonpoly.entity_id   2 
_pdbx_entity_nonpoly.name        water 
_pdbx_entity_nonpoly.comp_id     HOH 
# 
loop_
_entity_poly_seq.entity_id 
_entity_poly_seq.num 
_entity_poly_seq.mon_id 
_entity_poly_seq.hetero 
1 1   MET n 
1 2   GLU n 
1 3   GLY n 
1 4   SER n 
1 5   HIS n 
1 6   HIS n 
1 7   HIS n 
1 8   HIS n 
1 9   HIS n 
1 10  HIS n 
1 11  SER n 
1 12  GLN n 
1 13  ALA n 
1 14  GLN n 
1 15  SER n 
1 16  LYS n 
1 17  ALA n 
1 18  GLN n 
1 19  VAL n 
1 20  LEU n 
1 21  GLN n 
1 22  SER n 
1 23  VAL n 
1 24  ALA n 
1 25  GLY n 
1 26  GLN n 
1 27  THR n 
1 28  LEU n 
1 29  THR n 
1 30  VAL n 
1 31  ARG n 
1 32  CYS n 
1 33  GLN n 
1 34  TYR n 
1 35  PRO n 
1 36  PRO n 
1 37  THR n 
1 38  GLY n 
1 39  SER n 
1 40  LEU n 
1 41  TYR n 
1 42  GLU n 
1 43  LYS n 
1 44  LYS n 
1 45  GLY n 
1 46  TRP n 
1 47  CYS n 
1 48  LYS n 
1 49  GLU n 
1 50  ALA n 
1 51  SER n 
1 52  ALA n 
1 53  LEU n 
1 54  VAL n 
1 55  CYS n 
1 56  ILE n 
1 57  ARG n 
1 58  LEU n 
1 59  VAL n 
1 60  THR n 
1 61  SER n 
1 62  SER n 
1 63  LYS n 
1 64  PRO n 
1 65  ARG n 
1 66  THR n 
1 67  MET n 
1 68  ALA n 
1 69  TRP n 
1 70  THR n 
1 71  SER n 
1 72  ARG n 
1 73  PHE n 
1 74  THR n 
1 75  ILE n 
1 76  TRP n 
1 77  ASP n 
1 78  ASP n 
1 79  PRO n 
1 80  ASP n 
1 81  ALA n 
1 82  GLY n 
1 83  PHE n 
1 84  PHE n 
1 85  THR n 
1 86  VAL n 
1 87  THR n 
1 88  MET n 
1 89  THR n 
1 90  ASP n 
1 91  LEU n 
1 92  ARG n 
1 93  GLU n 
1 94  GLU n 
1 95  ASP n 
1 96  SER n 
1 97  GLY n 
1 98  HIS n 
1 99  TYR n 
1 100 TRP n 
1 101 CYS n 
1 102 ARG n 
1 103 ILE n 
1 104 TYR n 
1 105 ARG n 
1 106 PRO n 
1 107 SER n 
1 108 ASP n 
1 109 ASN n 
1 110 SER n 
1 111 VAL n 
1 112 SER n 
1 113 LYS n 
1 114 SER n 
1 115 VAL n 
1 116 ARG n 
1 117 PHE n 
1 118 TYR n 
1 119 LEU n 
1 120 VAL n 
1 121 VAL n 
1 122 SER n 
# 
_entity_src_gen.entity_id                          1 
_entity_src_gen.pdbx_src_id                        1 
_entity_src_gen.pdbx_alt_source_flag               sample 
_entity_src_gen.pdbx_seq_type                      ? 
_entity_src_gen.pdbx_beg_seq_num                   ? 
_entity_src_gen.pdbx_end_seq_num                   ? 
_entity_src_gen.gene_src_common_name               HUMAN 
_entity_src_gen.gene_src_genus                     ? 
_entity_src_gen.pdbx_gene_src_gene                 ? 
_entity_src_gen.gene_src_species                   ? 
_entity_src_gen.gene_src_strain                    ? 
_entity_src_gen.gene_src_tissue                    ? 
_entity_src_gen.gene_src_tissue_fraction           ? 
_entity_src_gen.gene_src_details                   ? 
_entity_src_gen.pdbx_gene_src_fragment             ? 
_entity_src_gen.pdbx_gene_src_scientific_name      'HOMO SAPIENS' 
_entity_src_gen.pdbx_gene_src_ncbi_taxonomy_id     9606 
_entity_src_gen.pdbx_gene_src_variant              ? 
_entity_src_gen.pdbx_gene_src_cell_line            ? 
_entity_src_gen.pdbx_gene_src_atcc                 ? 
_entity_src_gen.pdbx_gene_src_organ                ? 
_entity_src_gen.pdbx_gene_src_organelle            ? 
_entity_src_gen.pdbx_gene_src_cell                 ? 
_entity_src_gen.pdbx_gene_src_cellular_location    ? 
_entity_src_gen.host_org_common_name               ? 
_entity_src_gen.pdbx_host_org_scientific_name      'ESCHERICHIA COLI' 
_entity_src_gen.pdbx_host_org_ncbi_taxonomy_id     562 
_entity_src_gen.host_org_genus                     ? 
_entity_src_gen.pdbx_host_org_gene                 ? 
_entity_src_gen.pdbx_host_org_organ                ? 
_entity_src_gen.host_org_species                   ? 
_entity_src_gen.pdbx_host_org_tissue               ? 
_entity_src_gen.pdbx_host_org_tissue_fraction      ? 
_entity_src_gen.pdbx_host_org_strain               'M15(PREP4)' 
_entity_src_gen.pdbx_host_org_variant              ? 
_entity_src_gen.pdbx_host_org_cell_line            ? 
_entity_src_gen.pdbx_host_org_atcc                 ? 
_entity_src_gen.pdbx_host_org_culture_collection   ? 
_entity_src_gen.pdbx_host_org_cell                 ? 
_entity_src_gen.pdbx_host_org_organelle            ? 
_entity_src_gen.pdbx_host_org_cellular_location    ? 
_entity_src_gen.pdbx_host_org_vector_type          ? 
_entity_src_gen.pdbx_host_org_vector               ? 
_entity_src_gen.host_org_details                   ? 
_entity_src_gen.expression_system_id               ? 
_entity_src_gen.plasmid_name                       ? 
_entity_src_gen.plasmid_details                    ? 
_entity_src_gen.pdbx_description                   ? 
# 
loop_
_chem_comp.id 
_chem_comp.type 
_chem_comp.mon_nstd_flag 
_chem_comp.name 
_chem_comp.pdbx_synonyms 
_chem_comp.formula 
_chem_comp.formula_weight 
ALA 'L-peptide linking' y ALANINE         ? 'C3 H7 N O2'     89.093  
ARG 'L-peptide linking' y ARGININE        ? 'C6 H15 N4 O2 1' 175.209 
ASN 'L-peptide linking' y ASPARAGINE      ? 'C4 H8 N2 O3'    132.118 
ASP 'L-peptide linking' y 'ASPARTIC ACID' ? 'C4 H7 N O4'     133.103 
CYS 'L-peptide linking' y CYSTEINE        ? 'C3 H7 N O2 S'   121.158 
GLN 'L-peptide linking' y GLUTAMINE       ? 'C5 H10 N2 O3'   146.144 
GLU 'L-peptide linking' y 'GLUTAMIC ACID' ? 'C5 H9 N O4'     147.129 
GLY 'peptide linking'   y GLYCINE         ? 'C2 H5 N O2'     75.067  
HIS 'L-peptide linking' y HISTIDINE       ? 'C6 H10 N3 O2 1' 156.162 
HOH non-polymer         . WATER           ? 'H2 O'           18.015  
ILE 'L-peptide linking' y ISOLEUCINE      ? 'C6 H13 N O2'    131.173 
LEU 'L-peptide linking' y LEUCINE         ? 'C6 H13 N O2'    131.173 
LYS 'L-peptide linking' y LYSINE          ? 'C6 H15 N2 O2 1' 147.195 
MET 'L-peptide linking' y METHIONINE      ? 'C5 H11 N O2 S'  149.211 
PHE 'L-peptide linking' y PHENYLALANINE   ? 'C9 H11 N O2'    165.189 
PRO 'L-peptide linking' y PROLINE         ? 'C5 H9 N O2'     115.130 
SER 'L-peptide linking' y SERINE          ? 'C3 H7 N O3'     105.093 
THR 'L-peptide linking' y THREONINE       ? 'C4 H9 N O3'     119.119 
TRP 'L-peptide linking' y TRYPTOPHAN      ? 'C11 H12 N2 O2'  204.225 
TYR 'L-peptide linking' y TYROSINE        ? 'C9 H11 N O3'    181.189 
VAL 'L-peptide linking' y VALINE          ? 'C5 H11 N O2'    117.146 
# 
loop_
_pdbx_poly_seq_scheme.asym_id 
_pdbx_poly_seq_scheme.entity_id 
_pdbx_poly_seq_scheme.seq_id 
_pdbx_poly_seq_scheme.mon_id 
_pdbx_poly_seq_scheme.ndb_seq_num 
_pdbx_poly_seq_scheme.pdb_seq_num 
_pdbx_poly_seq_scheme.auth_seq_num 
_pdbx_poly_seq_scheme.pdb_mon_id 
_pdbx_poly_seq_scheme.auth_mon_id 
_pdbx_poly_seq_scheme.pdb_strand_id 
_pdbx_poly_seq_scheme.pdb_ins_code 
_pdbx_poly_seq_scheme.hetero 
A 1 1   MET 1   -10 ?   ?   ?   A . n 
A 1 2   GLU 2   -9  ?   ?   ?   A . n 
A 1 3   GLY 3   -8  ?   ?   ?   A . n 
A 1 4   SER 4   -7  ?   ?   ?   A . n 
A 1 5   HIS 5   -6  ?   ?   ?   A . n 
A 1 6   HIS 6   -5  ?   ?   ?   A . n 
A 1 7   HIS 7   -4  ?   ?   ?   A . n 
A 1 8   HIS 8   -3  ?   ?   ?   A . n 
A 1 9   HIS 9   -2  ?   ?   ?   A . n 
A 1 10  HIS 10  -1  ?   ?   ?   A . n 
A 1 11  SER 11  1   ?   ?   ?   A . n 
A 1 12  GLN 12  2   ?   ?   ?   A . n 
A 1 13  ALA 13  3   ?   ?   ?   A . n 
A 1 14  GLN 14  4   ?   ?   ?   A . n 
A 1 15  SER 15  5   5   SER SER A . n 
A 1 16  LYS 16  6   6   LYS LYS A . n 
A 1 17  ALA 17  7   7   ALA ALA A . n 
A 1 18  GLN 18  8   8   GLN GLN A . n 
A 1 19  VAL 19  9   9   VAL VAL A . n 
A 1 20  LEU 20  10  10  LEU LEU A . n 
A 1 21  GLN 21  11  11  GLN GLN A . n 
A 1 22  SER 22  12  12  SER SER A . n 
A 1 23  VAL 23  13  13  VAL VAL A . n 
A 1 24  ALA 24  14  14  ALA ALA A . n 
A 1 25  GLY 25  15  15  GLY GLY A . n 
A 1 26  GLN 26  16  16  GLN GLN A . n 
A 1 27  THR 27  17  17  THR THR A . n 
A 1 28  LEU 28  18  18  LEU LEU A . n 
A 1 29  THR 29  19  19  THR THR A . n 
A 1 30  VAL 30  20  20  VAL VAL A . n 
A 1 31  ARG 31  21  21  ARG ARG A . n 
A 1 32  CYS 32  22  22  CYS CYS A . n 
A 1 33  GLN 33  23  23  GLN GLN A . n 
A 1 34  TYR 34  24  24  TYR TYR A . n 
A 1 35  PRO 35  25  25  PRO PRO A . n 
A 1 36  PRO 36  26  26  PRO PRO A . n 
A 1 37  THR 37  27  27  THR THR A . n 
A 1 38  GLY 38  28  28  GLY GLY A . n 
A 1 39  SER 39  29  29  SER SER A . n 
A 1 40  LEU 40  30  30  LEU LEU A . n 
A 1 41  TYR 41  31  31  TYR TYR A . n 
A 1 42  GLU 42  32  32  GLU GLU A . n 
A 1 43  LYS 43  33  33  LYS LYS A . n 
A 1 44  LYS 44  34  34  LYS LYS A . n 
A 1 45  GLY 45  35  35  GLY GLY A . n 
A 1 46  TRP 46  36  36  TRP TRP A . n 
A 1 47  CYS 47  37  37  CYS CYS A . n 
A 1 48  LYS 48  38  38  LYS LYS A . n 
A 1 49  GLU 49  39  39  GLU GLU A . n 
A 1 50  ALA 50  40  40  ALA ALA A . n 
A 1 51  SER 51  41  41  SER SER A . n 
A 1 52  ALA 52  42  42  ALA ALA A . n 
A 1 53  LEU 53  43  43  LEU LEU A . n 
A 1 54  VAL 54  44  44  VAL VAL A . n 
A 1 55  CYS 55  45  45  CYS CYS A . n 
A 1 56  ILE 56  46  46  ILE ILE A . n 
A 1 57  ARG 57  47  47  ARG ARG A . n 
A 1 58  LEU 58  48  48  LEU LEU A . n 
A 1 59  VAL 59  49  49  VAL VAL A . n 
A 1 60  THR 60  50  50  THR THR A . n 
A 1 61  SER 61  51  51  SER SER A . n 
A 1 62  SER 62  52  52  SER SER A . n 
A 1 63  LYS 63  53  53  LYS LYS A . n 
A 1 64  PRO 64  54  54  PRO PRO A . n 
A 1 65  ARG 65  55  55  ARG ARG A . n 
A 1 66  THR 66  56  56  THR THR A . n 
A 1 67  MET 67  57  57  MET MET A . n 
A 1 68  ALA 68  58  58  ALA ALA A . n 
A 1 69  TRP 69  59  59  TRP TRP A . n 
A 1 70  THR 70  60  60  THR THR A . n 
A 1 71  SER 71  61  61  SER SER A . n 
A 1 72  ARG 72  62  62  ARG ARG A . n 
A 1 73  PHE 73  63  63  PHE PHE A . n 
A 1 74  THR 74  64  64  THR THR A . n 
A 1 75  ILE 75  65  65  ILE ILE A . n 
A 1 76  TRP 76  66  66  TRP TRP A . n 
A 1 77  ASP 77  67  67  ASP ASP A . n 
A 1 78  ASP 78  68  68  ASP ASP A . n 
A 1 79  PRO 79  69  69  PRO PRO A . n 
A 1 80  ASP 80  70  70  ASP ASP A . n 
A 1 81  ALA 81  71  71  ALA ALA A . n 
A 1 82  GLY 82  72  72  GLY GLY A . n 
A 1 83  PHE 83  73  73  PHE PHE A . n 
A 1 84  PHE 84  74  74  PHE PHE A . n 
A 1 85  THR 85  75  75  THR THR A . n 
A 1 86  VAL 86  76  76  VAL VAL A . n 
A 1 87  THR 87  77  77  THR THR A . n 
A 1 88  MET 88  78  78  MET MET A . n 
A 1 89  THR 89  79  79  THR THR A . n 
A 1 90  ASP 90  80  80  ASP ASP A . n 
A 1 91  LEU 91  81  81  LEU LEU A . n 
A 1 92  ARG 92  82  82  ARG ARG A . n 
A 1 93  GLU 93  83  83  GLU GLU A . n 
A 1 94  GLU 94  84  84  GLU GLU A . n 
A 1 95  ASP 95  85  85  ASP ASP A . n 
A 1 96  SER 96  86  86  SER SER A . n 
A 1 97  GLY 97  87  87  GLY GLY A . n 
A 1 98  HIS 98  88  88  HIS HIS A . n 
A 1 99  TYR 99  89  89  TYR TYR A . n 
A 1 100 TRP 100 90  90  TRP TRP A . n 
A 1 101 CYS 101 91  91  CYS CYS A . n 
A 1 102 ARG 102 92  92  ARG ARG A . n 
A 1 103 ILE 103 93  93  ILE ILE A . n 
A 1 104 TYR 104 94  94  TYR TYR A . n 
A 1 105 ARG 105 95  95  ARG ARG A . n 
A 1 106 PRO 106 96  96  PRO PRO A . n 
A 1 107 SER 107 97  97  SER SER A . n 
A 1 108 ASP 108 98  98  ASP ASP A . n 
A 1 109 ASN 109 99  99  ASN ASN A . n 
A 1 110 SER 110 100 100 SER SER A . n 
A 1 111 VAL 111 101 101 VAL VAL A . n 
A 1 112 SER 112 102 102 SER SER A . n 
A 1 113 LYS 113 103 103 LYS LYS A . n 
A 1 114 SER 114 104 104 SER SER A . n 
A 1 115 VAL 115 105 105 VAL VAL A . n 
A 1 116 ARG 116 106 106 ARG ARG A . n 
A 1 117 PHE 117 107 107 PHE PHE A . n 
A 1 118 TYR 118 108 108 TYR TYR A . n 
A 1 119 LEU 119 109 109 LEU LEU A . n 
A 1 120 VAL 120 110 110 VAL VAL A . n 
A 1 121 VAL 121 111 111 VAL VAL A . n 
A 1 122 SER 122 112 112 SER SER A . n 
# 
loop_
_pdbx_nonpoly_scheme.asym_id 
_pdbx_nonpoly_scheme.entity_id 
_pdbx_nonpoly_scheme.mon_id 
_pdbx_nonpoly_scheme.ndb_seq_num 
_pdbx_nonpoly_scheme.pdb_seq_num 
_pdbx_nonpoly_scheme.auth_seq_num 
_pdbx_nonpoly_scheme.pdb_mon_id 
_pdbx_nonpoly_scheme.auth_mon_id 
_pdbx_nonpoly_scheme.pdb_strand_id 
_pdbx_nonpoly_scheme.pdb_ins_code 
B 2 HOH 1   2001 2001 HOH HOH A . 
B 2 HOH 2   2002 2002 HOH HOH A . 
B 2 HOH 3   2003 2003 HOH HOH A . 
B 2 HOH 4   2004 2004 HOH HOH A . 
B 2 HOH 5   2005 2005 HOH HOH A . 
B 2 HOH 6   2006 2006 HOH HOH A . 
B 2 HOH 7   2007 2007 HOH HOH A . 
B 2 HOH 8   2008 2008 HOH HOH A . 
B 2 HOH 9   2009 2009 HOH HOH A . 
B 2 HOH 10  2010 2010 HOH HOH A . 
B 2 HOH 11  2011 2011 HOH HOH A . 
B 2 HOH 12  2012 2012 HOH HOH A . 
B 2 HOH 13  2013 2013 HOH HOH A . 
B 2 HOH 14  2014 2014 HOH HOH A . 
B 2 HOH 15  2015 2015 HOH HOH A . 
B 2 HOH 16  2016 2016 HOH HOH A . 
B 2 HOH 17  2017 2017 HOH HOH A . 
B 2 HOH 18  2018 2018 HOH HOH A . 
B 2 HOH 19  2019 2019 HOH HOH A . 
B 2 HOH 20  2020 2020 HOH HOH A . 
B 2 HOH 21  2021 2021 HOH HOH A . 
B 2 HOH 22  2022 2022 HOH HOH A . 
B 2 HOH 23  2023 2023 HOH HOH A . 
B 2 HOH 24  2024 2024 HOH HOH A . 
B 2 HOH 25  2025 2025 HOH HOH A . 
B 2 HOH 26  2026 2026 HOH HOH A . 
B 2 HOH 27  2027 2027 HOH HOH A . 
B 2 HOH 28  2028 2028 HOH HOH A . 
B 2 HOH 29  2029 2029 HOH HOH A . 
B 2 HOH 30  2030 2030 HOH HOH A . 
B 2 HOH 31  2031 2031 HOH HOH A . 
B 2 HOH 32  2032 2032 HOH HOH A . 
B 2 HOH 33  2033 2033 HOH HOH A . 
B 2 HOH 34  2034 2034 HOH HOH A . 
B 2 HOH 35  2035 2035 HOH HOH A . 
B 2 HOH 36  2036 2036 HOH HOH A . 
B 2 HOH 37  2037 2037 HOH HOH A . 
B 2 HOH 38  2038 2038 HOH HOH A . 
B 2 HOH 39  2039 2039 HOH HOH A . 
B 2 HOH 40  2040 2040 HOH HOH A . 
B 2 HOH 41  2041 2041 HOH HOH A . 
B 2 HOH 42  2042 2042 HOH HOH A . 
B 2 HOH 43  2043 2043 HOH HOH A . 
B 2 HOH 44  2044 2044 HOH HOH A . 
B 2 HOH 45  2045 2045 HOH HOH A . 
B 2 HOH 46  2046 2046 HOH HOH A . 
B 2 HOH 47  2047 2047 HOH HOH A . 
B 2 HOH 48  2048 2048 HOH HOH A . 
B 2 HOH 49  2049 2049 HOH HOH A . 
B 2 HOH 50  2050 2050 HOH HOH A . 
B 2 HOH 51  2051 2051 HOH HOH A . 
B 2 HOH 52  2052 2052 HOH HOH A . 
B 2 HOH 53  2053 2053 HOH HOH A . 
B 2 HOH 54  2054 2054 HOH HOH A . 
B 2 HOH 55  2055 2055 HOH HOH A . 
B 2 HOH 56  2056 2056 HOH HOH A . 
B 2 HOH 57  2057 2057 HOH HOH A . 
B 2 HOH 58  2058 2058 HOH HOH A . 
B 2 HOH 59  2059 2059 HOH HOH A . 
B 2 HOH 60  2060 2060 HOH HOH A . 
B 2 HOH 61  2061 2061 HOH HOH A . 
B 2 HOH 62  2062 2062 HOH HOH A . 
B 2 HOH 63  2063 2063 HOH HOH A . 
B 2 HOH 64  2064 2064 HOH HOH A . 
B 2 HOH 65  2065 2065 HOH HOH A . 
B 2 HOH 66  2066 2066 HOH HOH A . 
B 2 HOH 67  2067 2067 HOH HOH A . 
B 2 HOH 68  2068 2068 HOH HOH A . 
B 2 HOH 69  2069 2069 HOH HOH A . 
B 2 HOH 70  2070 2070 HOH HOH A . 
B 2 HOH 71  2071 2071 HOH HOH A . 
B 2 HOH 72  2072 2072 HOH HOH A . 
B 2 HOH 73  2073 2073 HOH HOH A . 
B 2 HOH 74  2074 2074 HOH HOH A . 
B 2 HOH 75  2075 2075 HOH HOH A . 
B 2 HOH 76  2076 2076 HOH HOH A . 
B 2 HOH 77  2077 2077 HOH HOH A . 
B 2 HOH 78  2078 2078 HOH HOH A . 
B 2 HOH 79  2079 2079 HOH HOH A . 
B 2 HOH 80  2080 2080 HOH HOH A . 
B 2 HOH 81  2081 2081 HOH HOH A . 
B 2 HOH 82  2082 2082 HOH HOH A . 
B 2 HOH 83  2083 2083 HOH HOH A . 
B 2 HOH 84  2084 2084 HOH HOH A . 
B 2 HOH 85  2085 2085 HOH HOH A . 
B 2 HOH 86  2086 2086 HOH HOH A . 
B 2 HOH 87  2087 2087 HOH HOH A . 
B 2 HOH 88  2088 2088 HOH HOH A . 
B 2 HOH 89  2089 2089 HOH HOH A . 
B 2 HOH 90  2090 2090 HOH HOH A . 
B 2 HOH 91  2091 2091 HOH HOH A . 
B 2 HOH 92  2092 2092 HOH HOH A . 
B 2 HOH 93  2093 2093 HOH HOH A . 
B 2 HOH 94  2094 2094 HOH HOH A . 
B 2 HOH 95  2095 2095 HOH HOH A . 
B 2 HOH 96  2096 2096 HOH HOH A . 
B 2 HOH 97  2097 2097 HOH HOH A . 
B 2 HOH 98  2098 2098 HOH HOH A . 
B 2 HOH 99  2099 2099 HOH HOH A . 
B 2 HOH 100 2100 2100 HOH HOH A . 
B 2 HOH 101 2101 2101 HOH HOH A . 
B 2 HOH 102 2102 2102 HOH HOH A . 
B 2 HOH 103 2103 2103 HOH HOH A . 
B 2 HOH 104 2104 2104 HOH HOH A . 
B 2 HOH 105 2105 2105 HOH HOH A . 
B 2 HOH 106 2106 2106 HOH HOH A . 
B 2 HOH 107 2107 2107 HOH HOH A . 
B 2 HOH 108 2108 2108 HOH HOH A . 
B 2 HOH 109 2109 2109 HOH HOH A . 
B 2 HOH 110 2110 2110 HOH HOH A . 
B 2 HOH 111 2111 2111 HOH HOH A . 
B 2 HOH 112 2112 2112 HOH HOH A . 
B 2 HOH 113 2113 2113 HOH HOH A . 
B 2 HOH 114 2114 2114 HOH HOH A . 
B 2 HOH 115 2115 2115 HOH HOH A . 
B 2 HOH 116 2116 2116 HOH HOH A . 
B 2 HOH 117 2117 2117 HOH HOH A . 
# 
loop_
_software.name 
_software.classification 
_software.version 
_software.citation_id 
_software.pdbx_ordinal 
CNS       refinement       1.0 ? 1 
DENZO     'data reduction' .   ? 2 
SCALEPACK 'data scaling'   .   ? 3 
# 
_cell.entry_id           1HKF 
_cell.length_a           60.437 
_cell.length_b           60.437 
_cell.length_c           197.253 
_cell.angle_alpha        90.00 
_cell.angle_beta         90.00 
_cell.angle_gamma        120.00 
_cell.Z_PDB              12 
_cell.pdbx_unique_axis   ? 
# 
_symmetry.entry_id                         1HKF 
_symmetry.space_group_name_H-M             'P 62 2 2' 
_symmetry.pdbx_full_space_group_name_H-M   ? 
_symmetry.cell_setting                     ? 
_symmetry.Int_Tables_number                180 
# 
_exptl.entry_id          1HKF 
_exptl.method            'X-RAY DIFFRACTION' 
_exptl.crystals_number   1 
# 
_exptl_crystal.id                    1 
_exptl_crystal.density_meas          ? 
_exptl_crystal.density_Matthews      3.0 
_exptl_crystal.density_percent_sol   67 
_exptl_crystal.description           ? 
# 
_exptl_crystal_grow.crystal_id      1 
_exptl_crystal_grow.method          ? 
_exptl_crystal_grow.temp            ? 
_exptl_crystal_grow.temp_details    ? 
_exptl_crystal_grow.pH              5.00 
_exptl_crystal_grow.pdbx_pH_range   ? 
_exptl_crystal_grow.pdbx_details    'pH 5.00' 
# 
_diffrn.id                     1 
_diffrn.ambient_temp           100.0 
_diffrn.ambient_temp_details   ? 
_diffrn.crystal_id             1 
# 
_diffrn_radiation.diffrn_id                        1 
_diffrn_radiation.wavelength_id                    1 
_diffrn_radiation.pdbx_monochromatic_or_laue_m_l   M 
_diffrn_radiation.monochromator                    ? 
_diffrn_radiation.pdbx_diffrn_protocol             'SINGLE WAVELENGTH' 
_diffrn_radiation.pdbx_scattering_type             x-ray 
# 
_diffrn_radiation_wavelength.id           1 
_diffrn_radiation_wavelength.wavelength   0.9792 
_diffrn_radiation_wavelength.wt           1.0 
# 
_diffrn_source.diffrn_id                   1 
_diffrn_source.source                      SYNCHROTRON 
_diffrn_source.type                        'ESRF BEAMLINE BM30A' 
_diffrn_source.pdbx_synchrotron_site       ESRF 
_diffrn_source.pdbx_synchrotron_beamline   BM30A 
_diffrn_source.pdbx_wavelength             0.9792 
_diffrn_source.pdbx_wavelength_list        ? 
# 
_reflns.pdbx_diffrn_id               1 
_reflns.pdbx_ordinal                 1 
_reflns.entry_id                     1HKF 
_reflns.observed_criterion_sigma_I   2.000 
_reflns.observed_criterion_sigma_F   ? 
_reflns.d_resolution_low             20.000 
_reflns.d_resolution_high            2.200 
_reflns.number_obs                   11487 
_reflns.number_all                   ? 
_reflns.percent_possible_obs         99.6 
_reflns.pdbx_Rmerge_I_obs            0.07400 
_reflns.pdbx_Rsym_value              ? 
_reflns.pdbx_netI_over_sigmaI        23.6000 
_reflns.B_iso_Wilson_estimate        ? 
_reflns.pdbx_redundancy              31.000 
# 
_reflns_shell.pdbx_diffrn_id         1 
_reflns_shell.pdbx_ordinal           1 
_reflns_shell.d_res_high             2.00 
_reflns_shell.d_res_low              2.20 
_reflns_shell.percent_possible_all   96.8 
_reflns_shell.Rmerge_I_obs           0.52300 
_reflns_shell.pdbx_Rsym_value        ? 
_reflns_shell.meanI_over_sigI_obs    5.700 
_reflns_shell.pdbx_redundancy        ? 
# 
_refine.pdbx_refine_id                           'X-RAY DIFFRACTION' 
_refine.entry_id                                 1HKF 
_refine.pdbx_diffrn_id                           1 
_refine.pdbx_TLS_residual_ADP_flag               ? 
_refine.ls_number_reflns_obs                     11487 
_refine.ls_number_reflns_all                     ? 
_refine.pdbx_ls_sigma_I                          ? 
_refine.pdbx_ls_sigma_F                          0.0 
_refine.pdbx_data_cutoff_high_absF               ? 
_refine.pdbx_data_cutoff_low_absF                ? 
_refine.pdbx_data_cutoff_high_rms_absF           ? 
_refine.ls_d_res_low                             100 
_refine.ls_d_res_high                            2.2 
_refine.ls_percent_reflns_obs                    98.8 
_refine.ls_R_factor_obs                          0.2399 
_refine.ls_R_factor_all                          ? 
_refine.ls_R_factor_R_work                       0.2399 
_refine.ls_R_factor_R_free                       0.2446 
_refine.ls_R_factor_R_free_error                 ? 
_refine.ls_R_factor_R_free_error_details         ? 
_refine.ls_percent_reflns_R_free                 ? 
_refine.ls_number_reflns_R_free                  ? 
_refine.ls_number_parameters                     ? 
_refine.ls_number_restraints                     ? 
_refine.occupancy_min                            ? 
_refine.occupancy_max                            ? 
_refine.correlation_coeff_Fo_to_Fc               ? 
_refine.correlation_coeff_Fo_to_Fc_free          ? 
_refine.B_iso_mean                               ? 
_refine.aniso_B[1][1]                            ? 
_refine.aniso_B[2][2]                            ? 
_refine.aniso_B[3][3]                            ? 
_refine.aniso_B[1][2]                            ? 
_refine.aniso_B[1][3]                            ? 
_refine.aniso_B[2][3]                            ? 
_refine.solvent_model_details                    ? 
_refine.solvent_model_param_ksol                 ? 
_refine.solvent_model_param_bsol                 ? 
_refine.pdbx_solvent_vdw_probe_radii             ? 
_refine.pdbx_solvent_ion_probe_radii             ? 
_refine.pdbx_solvent_shrinkage_radii             ? 
_refine.pdbx_ls_cross_valid_method               THROUGHOUT 
_refine.details                                  ? 
_refine.pdbx_starting_model                      ? 
_refine.pdbx_method_to_determine_struct          SIRAS 
_refine.pdbx_isotropic_thermal_model             ? 
_refine.pdbx_stereochemistry_target_values       ? 
_refine.pdbx_stereochem_target_val_spec_case     ? 
_refine.pdbx_R_Free_selection_details            RANDOM 
_refine.pdbx_overall_ESU_R                       ? 
_refine.pdbx_overall_ESU_R_Free                  ? 
_refine.overall_SU_ML                            ? 
_refine.pdbx_overall_phase_error                 ? 
_refine.overall_SU_B                             ? 
_refine.overall_SU_R_Cruickshank_DPI             ? 
_refine.pdbx_overall_SU_R_free_Cruickshank_DPI   ? 
_refine.pdbx_overall_SU_R_Blow_DPI               ? 
_refine.pdbx_overall_SU_R_free_Blow_DPI          ? 
# 
_refine_analyze.pdbx_refine_id                  'X-RAY DIFFRACTION' 
_refine_analyze.entry_id                        1HKF 
_refine_analyze.Luzzati_coordinate_error_obs    0.32 
_refine_analyze.Luzzati_sigma_a_obs             0.30 
_refine_analyze.Luzzati_d_res_low_obs           5.00 
_refine_analyze.Luzzati_coordinate_error_free   ? 
_refine_analyze.Luzzati_sigma_a_free            ? 
_refine_analyze.Luzzati_d_res_low_free          ? 
_refine_analyze.number_disordered_residues      ? 
_refine_analyze.occupancy_sum_hydrogen          ? 
_refine_analyze.occupancy_sum_non_hydrogen      ? 
# 
_refine_hist.pdbx_refine_id                   'X-RAY DIFFRACTION' 
_refine_hist.cycle_id                         LAST 
_refine_hist.pdbx_number_atoms_protein        864 
_refine_hist.pdbx_number_atoms_nucleic_acid   0 
_refine_hist.pdbx_number_atoms_ligand         0 
_refine_hist.number_atoms_solvent             117 
_refine_hist.number_atoms_total               981 
_refine_hist.d_res_high                       2.2 
_refine_hist.d_res_low                        100 
# 
loop_
_refine_ls_restr.type 
_refine_ls_restr.dev_ideal 
_refine_ls_restr.dev_ideal_target 
_refine_ls_restr.weight 
_refine_ls_restr.number 
_refine_ls_restr.pdbx_refine_id 
_refine_ls_restr.pdbx_restraint_function 
c_bond_d                0.021 ? ? ? 'X-RAY DIFFRACTION' ? 
c_bond_d_na             ?     ? ? ? 'X-RAY DIFFRACTION' ? 
c_bond_d_prot           ?     ? ? ? 'X-RAY DIFFRACTION' ? 
c_angle_d               ?     ? ? ? 'X-RAY DIFFRACTION' ? 
c_angle_d_na            ?     ? ? ? 'X-RAY DIFFRACTION' ? 
c_angle_d_prot          ?     ? ? ? 'X-RAY DIFFRACTION' ? 
c_angle_deg             2.08  ? ? ? 'X-RAY DIFFRACTION' ? 
c_angle_deg_na          ?     ? ? ? 'X-RAY DIFFRACTION' ? 
c_angle_deg_prot        ?     ? ? ? 'X-RAY DIFFRACTION' ? 
c_dihedral_angle_d      27.8  ? ? ? 'X-RAY DIFFRACTION' ? 
c_dihedral_angle_d_na   ?     ? ? ? 'X-RAY DIFFRACTION' ? 
c_dihedral_angle_d_prot ?     ? ? ? 'X-RAY DIFFRACTION' ? 
c_improper_angle_d      1.87  ? ? ? 'X-RAY DIFFRACTION' ? 
c_improper_angle_d_na   ?     ? ? ? 'X-RAY DIFFRACTION' ? 
c_improper_angle_d_prot ?     ? ? ? 'X-RAY DIFFRACTION' ? 
c_mcbond_it             ?     ? ? ? 'X-RAY DIFFRACTION' ? 
c_mcangle_it            ?     ? ? ? 'X-RAY DIFFRACTION' ? 
c_scbond_it             ?     ? ? ? 'X-RAY DIFFRACTION' ? 
c_scangle_it            ?     ? ? ? 'X-RAY DIFFRACTION' ? 
# 
_refine_ls_shell.pdbx_refine_id                   'X-RAY DIFFRACTION' 
_refine_ls_shell.pdbx_total_number_of_bins_used   10 
_refine_ls_shell.d_res_high                       2.20 
_refine_ls_shell.d_res_low                        2.28 
_refine_ls_shell.number_reflns_R_work             ? 
_refine_ls_shell.R_factor_R_work                  ? 
_refine_ls_shell.percent_reflns_obs               90.0 
_refine_ls_shell.R_factor_R_free                  ? 
_refine_ls_shell.R_factor_R_free_error            ? 
_refine_ls_shell.percent_reflns_R_free            ? 
_refine_ls_shell.number_reflns_R_free             ? 
_refine_ls_shell.number_reflns_all                ? 
_refine_ls_shell.R_factor_all                     ? 
# 
_struct.entry_id                  1HKF 
_struct.title                     
'The three dimensional structure of NK cell receptor Nkp44, a triggering partner in natural cytotoxicity' 
_struct.pdbx_model_details        ? 
_struct.pdbx_CASP_flag            ? 
_struct.pdbx_model_type_details   ? 
# 
_struct_keywords.entry_id        1HKF 
_struct_keywords.pdbx_keywords   RECEPTOR 
_struct_keywords.text            'NATURAL CYTOTOXICITY RECEPTOR, NKP44, RECEPTOR, IMMUNOGLOBULIN DOMAIN' 
# 
loop_
_struct_asym.id 
_struct_asym.pdbx_blank_PDB_chainid_flag 
_struct_asym.pdbx_modified 
_struct_asym.entity_id 
_struct_asym.details 
A N N 1 ? 
B N N 2 ? 
# 
loop_
_struct_ref.id 
_struct_ref.db_name 
_struct_ref.db_code 
_struct_ref.entity_id 
_struct_ref.pdbx_seq_one_letter_code 
_struct_ref.pdbx_align_begin 
_struct_ref.pdbx_db_accession 
_struct_ref.pdbx_db_isoform 
1 PDB 1HKF   1 ? ? 1HKF   ? 
2 UNP O95944 1 ? ? O95944 ? 
# 
loop_
_struct_ref_seq.align_id 
_struct_ref_seq.ref_id 
_struct_ref_seq.pdbx_PDB_id_code 
_struct_ref_seq.pdbx_strand_id 
_struct_ref_seq.seq_align_beg 
_struct_ref_seq.pdbx_seq_align_beg_ins_code 
_struct_ref_seq.seq_align_end 
_struct_ref_seq.pdbx_seq_align_end_ins_code 
_struct_ref_seq.pdbx_db_accession 
_struct_ref_seq.db_align_beg 
_struct_ref_seq.pdbx_db_align_beg_ins_code 
_struct_ref_seq.db_align_end 
_struct_ref_seq.pdbx_db_align_end_ins_code 
_struct_ref_seq.pdbx_auth_seq_align_beg 
_struct_ref_seq.pdbx_auth_seq_align_end 
1 1 1HKF A 1  ? 10  ? 1HKF   -10 ? -1  ? -10 -1  
2 2 1HKF A 11 ? 122 ? O95944 19  ? 130 ? 1   112 
# 
_pdbx_struct_assembly.id                   1 
_pdbx_struct_assembly.details              author_and_software_defined_assembly 
_pdbx_struct_assembly.method_details       PQS 
_pdbx_struct_assembly.oligomeric_details   dimeric 
_pdbx_struct_assembly.oligomeric_count     2 
# 
_pdbx_struct_assembly_gen.assembly_id       1 
_pdbx_struct_assembly_gen.oper_expression   1,2 
_pdbx_struct_assembly_gen.asym_id_list      A,B 
# 
loop_
_pdbx_struct_oper_list.id 
_pdbx_struct_oper_list.type 
_pdbx_struct_oper_list.name 
_pdbx_struct_oper_list.symmetry_operation 
_pdbx_struct_oper_list.matrix[1][1] 
_pdbx_struct_oper_list.matrix[1][2] 
_pdbx_struct_oper_list.matrix[1][3] 
_pdbx_struct_oper_list.vector[1] 
_pdbx_struct_oper_list.matrix[2][1] 
_pdbx_struct_oper_list.matrix[2][2] 
_pdbx_struct_oper_list.matrix[2][3] 
_pdbx_struct_oper_list.vector[2] 
_pdbx_struct_oper_list.matrix[3][1] 
_pdbx_struct_oper_list.matrix[3][2] 
_pdbx_struct_oper_list.matrix[3][3] 
_pdbx_struct_oper_list.vector[3] 
1 'identity operation'         1_555 x,y,z     1.0000000000  0.0000000000 0.0000000000  0.0000000000   0.0000000000 1.0000000000  0.0000000000  0.0000000000  0.0000000000  0.0000000000  1.0000000000 0.0000000000 
2 'crystal symmetry operation' 4_755 -x+2,-y,z -0.7008591315 0.3430834173 -0.6253720865 -17.3076117621 0.3430834173 -0.6065190563 -0.7172366437 19.1563999391 -0.6253720865 -0.7172366437 0.3073781878 2.2303987831 
# 
_struct_biol.id   1 
# 
_struct_conf.conf_type_id            HELX_P 
_struct_conf.id                      HELX_P1 
_struct_conf.pdbx_PDB_helix_id       1 
_struct_conf.beg_label_comp_id       ARG 
_struct_conf.beg_label_asym_id       A 
_struct_conf.beg_label_seq_id        92 
_struct_conf.pdbx_beg_PDB_ins_code   ? 
_struct_conf.end_label_comp_id       SER 
_struct_conf.end_label_asym_id       A 
_struct_conf.end_label_seq_id        96 
_struct_conf.pdbx_end_PDB_ins_code   ? 
_struct_conf.beg_auth_comp_id        ARG 
_struct_conf.beg_auth_asym_id        A 
_struct_conf.beg_auth_seq_id         82 
_struct_conf.end_auth_comp_id        SER 
_struct_conf.end_auth_asym_id        A 
_struct_conf.end_auth_seq_id         86 
_struct_conf.pdbx_PDB_helix_class    5 
_struct_conf.details                 ? 
_struct_conf.pdbx_PDB_helix_length   5 
# 
_struct_conf_type.id          HELX_P 
_struct_conf_type.criteria    ? 
_struct_conf_type.reference   ? 
# 
loop_
_struct_conn.id 
_struct_conn.conn_type_id 
_struct_conn.pdbx_leaving_atom_flag 
_struct_conn.pdbx_PDB_id 
_struct_conn.ptnr1_label_asym_id 
_struct_conn.ptnr1_label_comp_id 
_struct_conn.ptnr1_label_seq_id 
_struct_conn.ptnr1_label_atom_id 
_struct_conn.pdbx_ptnr1_label_alt_id 
_struct_conn.pdbx_ptnr1_PDB_ins_code 
_struct_conn.pdbx_ptnr1_standard_comp_id 
_struct_conn.ptnr1_symmetry 
_struct_conn.ptnr2_label_asym_id 
_struct_conn.ptnr2_label_comp_id 
_struct_conn.ptnr2_label_seq_id 
_struct_conn.ptnr2_label_atom_id 
_struct_conn.pdbx_ptnr2_label_alt_id 
_struct_conn.pdbx_ptnr2_PDB_ins_code 
_struct_conn.ptnr1_auth_asym_id 
_struct_conn.ptnr1_auth_comp_id 
_struct_conn.ptnr1_auth_seq_id 
_struct_conn.ptnr2_auth_asym_id 
_struct_conn.ptnr2_auth_comp_id 
_struct_conn.ptnr2_auth_seq_id 
_struct_conn.ptnr2_symmetry 
_struct_conn.pdbx_ptnr3_label_atom_id 
_struct_conn.pdbx_ptnr3_label_seq_id 
_struct_conn.pdbx_ptnr3_label_comp_id 
_struct_conn.pdbx_ptnr3_label_asym_id 
_struct_conn.pdbx_ptnr3_label_alt_id 
_struct_conn.pdbx_ptnr3_PDB_ins_code 
_struct_conn.details 
_struct_conn.pdbx_dist_value 
_struct_conn.pdbx_value_order 
_struct_conn.pdbx_role 
disulf1 disulf ? ? A CYS 32 SG ? ? ? 1_555 A CYS 101 SG ? ? A CYS 22 A CYS 91 1_555 ? ? ? ? ? ? ? 2.035 ? ? 
disulf2 disulf ? ? A CYS 47 SG ? ? ? 1_555 A CYS 55  SG ? ? A CYS 37 A CYS 45 1_555 ? ? ? ? ? ? ? 2.067 ? ? 
# 
_struct_conn_type.id          disulf 
_struct_conn_type.criteria    ? 
_struct_conn_type.reference   ? 
# 
loop_
_pdbx_modification_feature.ordinal 
_pdbx_modification_feature.label_comp_id 
_pdbx_modification_feature.label_asym_id 
_pdbx_modification_feature.label_seq_id 
_pdbx_modification_feature.label_alt_id 
_pdbx_modification_feature.modified_residue_label_comp_id 
_pdbx_modification_feature.modified_residue_label_asym_id 
_pdbx_modification_feature.modified_residue_label_seq_id 
_pdbx_modification_feature.modified_residue_label_alt_id 
_pdbx_modification_feature.auth_comp_id 
_pdbx_modification_feature.auth_asym_id 
_pdbx_modification_feature.auth_seq_id 
_pdbx_modification_feature.PDB_ins_code 
_pdbx_modification_feature.symmetry 
_pdbx_modification_feature.modified_residue_auth_comp_id 
_pdbx_modification_feature.modified_residue_auth_asym_id 
_pdbx_modification_feature.modified_residue_auth_seq_id 
_pdbx_modification_feature.modified_residue_PDB_ins_code 
_pdbx_modification_feature.modified_residue_symmetry 
_pdbx_modification_feature.comp_id_linking_atom 
_pdbx_modification_feature.modified_residue_id_linking_atom 
_pdbx_modification_feature.modified_residue_id 
_pdbx_modification_feature.ref_pcm_id 
_pdbx_modification_feature.ref_comp_id 
_pdbx_modification_feature.type 
_pdbx_modification_feature.category 
1 CYS A 32 ? CYS A 101 ? CYS A 22 ? 1_555 CYS A 91 ? 1_555 SG SG . . . None 'Disulfide bridge' 
2 CYS A 47 ? CYS A 55  ? CYS A 37 ? 1_555 CYS A 45 ? 1_555 SG SG . . . None 'Disulfide bridge' 
# 
loop_
_struct_sheet.id 
_struct_sheet.type 
_struct_sheet.number_strands 
_struct_sheet.details 
AA ? 5 ? 
AB ? 3 ? 
# 
loop_
_struct_sheet_order.sheet_id 
_struct_sheet_order.range_id_1 
_struct_sheet_order.range_id_2 
_struct_sheet_order.offset 
_struct_sheet_order.sense 
AA 1 2 ? parallel      
AA 2 3 ? anti-parallel 
AA 3 4 ? anti-parallel 
AA 4 5 ? anti-parallel 
AB 1 2 ? anti-parallel 
AB 2 3 ? anti-parallel 
# 
loop_
_struct_sheet_range.sheet_id 
_struct_sheet_range.id 
_struct_sheet_range.beg_label_comp_id 
_struct_sheet_range.beg_label_asym_id 
_struct_sheet_range.beg_label_seq_id 
_struct_sheet_range.pdbx_beg_PDB_ins_code 
_struct_sheet_range.end_label_comp_id 
_struct_sheet_range.end_label_asym_id 
_struct_sheet_range.end_label_seq_id 
_struct_sheet_range.pdbx_end_PDB_ins_code 
_struct_sheet_range.beg_auth_comp_id 
_struct_sheet_range.beg_auth_asym_id 
_struct_sheet_range.beg_auth_seq_id 
_struct_sheet_range.end_auth_comp_id 
_struct_sheet_range.end_auth_asym_id 
_struct_sheet_range.end_auth_seq_id 
AA 1 GLN A 18  ? VAL A 23  ? GLN A 8   VAL A 13  
AA 2 VAL A 111 ? SER A 122 ? VAL A 101 SER A 112 
AA 3 GLY A 97  ? TYR A 104 ? GLY A 87  TYR A 94  
AA 4 LYS A 43  ? SER A 51  ? LYS A 33  SER A 41  
AA 5 VAL A 54  ? SER A 61  ? VAL A 44  SER A 51  
AB 1 LEU A 28  ? GLN A 33  ? LEU A 18  GLN A 23  
AB 2 PHE A 83  ? MET A 88  ? PHE A 73  MET A 78  
AB 3 PHE A 73  ? ASP A 77  ? PHE A 63  ASP A 67  
# 
loop_
_pdbx_struct_sheet_hbond.sheet_id 
_pdbx_struct_sheet_hbond.range_id_1 
_pdbx_struct_sheet_hbond.range_id_2 
_pdbx_struct_sheet_hbond.range_1_label_atom_id 
_pdbx_struct_sheet_hbond.range_1_label_comp_id 
_pdbx_struct_sheet_hbond.range_1_label_asym_id 
_pdbx_struct_sheet_hbond.range_1_label_seq_id 
_pdbx_struct_sheet_hbond.range_1_PDB_ins_code 
_pdbx_struct_sheet_hbond.range_1_auth_atom_id 
_pdbx_struct_sheet_hbond.range_1_auth_comp_id 
_pdbx_struct_sheet_hbond.range_1_auth_asym_id 
_pdbx_struct_sheet_hbond.range_1_auth_seq_id 
_pdbx_struct_sheet_hbond.range_2_label_atom_id 
_pdbx_struct_sheet_hbond.range_2_label_comp_id 
_pdbx_struct_sheet_hbond.range_2_label_asym_id 
_pdbx_struct_sheet_hbond.range_2_label_seq_id 
_pdbx_struct_sheet_hbond.range_2_PDB_ins_code 
_pdbx_struct_sheet_hbond.range_2_auth_atom_id 
_pdbx_struct_sheet_hbond.range_2_auth_comp_id 
_pdbx_struct_sheet_hbond.range_2_auth_asym_id 
_pdbx_struct_sheet_hbond.range_2_auth_seq_id 
AA 1 2 N GLN A 18  ? N GLN A 8   O ARG A 116 ? O ARG A 106 
AA 2 3 N LEU A 119 ? N LEU A 109 O GLY A 97  ? O GLY A 87  
AA 3 4 N TYR A 104 ? N TYR A 94  O LYS A 43  ? O LYS A 33  
AA 4 5 N ALA A 50  ? N ALA A 40  O VAL A 54  ? O VAL A 44  
AB 1 2 N CYS A 32  ? N CYS A 22  O PHE A 84  ? O PHE A 74  
AB 2 3 N THR A 87  ? N THR A 77  O THR A 74  ? O THR A 64  
# 
_pdbx_entry_details.entry_id                   1HKF 
_pdbx_entry_details.compound_details           
;THIS PROTEIN IS A TRIGGERING RECEPTOR THAT IS INVOLVED IN
 TUMOR CELL LYSIS BY HUMAN NATURAL KILLER CELLS. CONTAINS
 AN IMMUNOGLOBULIN FOLD.
;
_pdbx_entry_details.source_details             ? 
_pdbx_entry_details.nonpolymer_details         ? 
_pdbx_entry_details.sequence_details           ? 
_pdbx_entry_details.has_ligand_of_interest     ? 
_pdbx_entry_details.has_protein_modification   Y 
# 
loop_
_pdbx_validate_rmsd_bond.id 
_pdbx_validate_rmsd_bond.PDB_model_num 
_pdbx_validate_rmsd_bond.auth_atom_id_1 
_pdbx_validate_rmsd_bond.auth_asym_id_1 
_pdbx_validate_rmsd_bond.auth_comp_id_1 
_pdbx_validate_rmsd_bond.auth_seq_id_1 
_pdbx_validate_rmsd_bond.PDB_ins_code_1 
_pdbx_validate_rmsd_bond.label_alt_id_1 
_pdbx_validate_rmsd_bond.auth_atom_id_2 
_pdbx_validate_rmsd_bond.auth_asym_id_2 
_pdbx_validate_rmsd_bond.auth_comp_id_2 
_pdbx_validate_rmsd_bond.auth_seq_id_2 
_pdbx_validate_rmsd_bond.PDB_ins_code_2 
_pdbx_validate_rmsd_bond.label_alt_id_2 
_pdbx_validate_rmsd_bond.bond_value 
_pdbx_validate_rmsd_bond.bond_target_value 
_pdbx_validate_rmsd_bond.bond_deviation 
_pdbx_validate_rmsd_bond.bond_standard_deviation 
_pdbx_validate_rmsd_bond.linker_flag 
1 1 CD A GLU 39  ? ? OE2 A GLU 39  ? ? 1.333 1.252 0.081  0.011 N 
2 1 C  A SER 112 ? ? O   A SER 112 ? ? 0.906 1.229 -0.323 0.019 N 
# 
loop_
_pdbx_validate_torsion.id 
_pdbx_validate_torsion.PDB_model_num 
_pdbx_validate_torsion.auth_comp_id 
_pdbx_validate_torsion.auth_asym_id 
_pdbx_validate_torsion.auth_seq_id 
_pdbx_validate_torsion.PDB_ins_code 
_pdbx_validate_torsion.label_alt_id 
_pdbx_validate_torsion.phi 
_pdbx_validate_torsion.psi 
1 1 ALA A 58 ? ? -65.29  93.80   
2 1 TRP A 59 ? ? -73.22  -140.73 
3 1 THR A 60 ? ? 97.54   67.61   
4 1 SER A 61 ? ? 66.32   -138.42 
5 1 ASP A 98 ? ? -145.80 10.42   
# 
loop_
_pdbx_distant_solvent_atoms.id 
_pdbx_distant_solvent_atoms.PDB_model_num 
_pdbx_distant_solvent_atoms.auth_atom_id 
_pdbx_distant_solvent_atoms.label_alt_id 
_pdbx_distant_solvent_atoms.auth_asym_id 
_pdbx_distant_solvent_atoms.auth_comp_id 
_pdbx_distant_solvent_atoms.auth_seq_id 
_pdbx_distant_solvent_atoms.PDB_ins_code 
_pdbx_distant_solvent_atoms.neighbor_macromolecule_distance 
_pdbx_distant_solvent_atoms.neighbor_ligand_distance 
1 1 O ? A HOH 2014 ? 6.35 . 
2 1 O ? A HOH 2021 ? 5.84 . 
3 1 O ? A HOH 2039 ? 5.95 . 
# 
loop_
_pdbx_unobs_or_zero_occ_residues.id 
_pdbx_unobs_or_zero_occ_residues.PDB_model_num 
_pdbx_unobs_or_zero_occ_residues.polymer_flag 
_pdbx_unobs_or_zero_occ_residues.occupancy_flag 
_pdbx_unobs_or_zero_occ_residues.auth_asym_id 
_pdbx_unobs_or_zero_occ_residues.auth_comp_id 
_pdbx_unobs_or_zero_occ_residues.auth_seq_id 
_pdbx_unobs_or_zero_occ_residues.PDB_ins_code 
_pdbx_unobs_or_zero_occ_residues.label_asym_id 
_pdbx_unobs_or_zero_occ_residues.label_comp_id 
_pdbx_unobs_or_zero_occ_residues.label_seq_id 
1  1 Y 1 A MET -10 ? A MET 1  
2  1 Y 1 A GLU -9  ? A GLU 2  
3  1 Y 1 A GLY -8  ? A GLY 3  
4  1 Y 1 A SER -7  ? A SER 4  
5  1 Y 1 A HIS -6  ? A HIS 5  
6  1 Y 1 A HIS -5  ? A HIS 6  
7  1 Y 1 A HIS -4  ? A HIS 7  
8  1 Y 1 A HIS -3  ? A HIS 8  
9  1 Y 1 A HIS -2  ? A HIS 9  
10 1 Y 1 A HIS -1  ? A HIS 10 
11 1 Y 1 A SER 1   ? A SER 11 
12 1 Y 1 A GLN 2   ? A GLN 12 
13 1 Y 1 A ALA 3   ? A ALA 13 
14 1 Y 1 A GLN 4   ? A GLN 14 
# 
loop_
_chem_comp_atom.comp_id 
_chem_comp_atom.atom_id 
_chem_comp_atom.type_symbol 
_chem_comp_atom.pdbx_aromatic_flag 
_chem_comp_atom.pdbx_stereo_config 
_chem_comp_atom.pdbx_ordinal 
ALA N    N N N 1   
ALA CA   C N S 2   
ALA C    C N N 3   
ALA O    O N N 4   
ALA CB   C N N 5   
ALA OXT  O N N 6   
ALA H    H N N 7   
ALA H2   H N N 8   
ALA HA   H N N 9   
ALA HB1  H N N 10  
ALA HB2  H N N 11  
ALA HB3  H N N 12  
ALA HXT  H N N 13  
ARG N    N N N 14  
ARG CA   C N S 15  
ARG C    C N N 16  
ARG O    O N N 17  
ARG CB   C N N 18  
ARG CG   C N N 19  
ARG CD   C N N 20  
ARG NE   N N N 21  
ARG CZ   C N N 22  
ARG NH1  N N N 23  
ARG NH2  N N N 24  
ARG OXT  O N N 25  
ARG H    H N N 26  
ARG H2   H N N 27  
ARG HA   H N N 28  
ARG HB2  H N N 29  
ARG HB3  H N N 30  
ARG HG2  H N N 31  
ARG HG3  H N N 32  
ARG HD2  H N N 33  
ARG HD3  H N N 34  
ARG HE   H N N 35  
ARG HH11 H N N 36  
ARG HH12 H N N 37  
ARG HH21 H N N 38  
ARG HH22 H N N 39  
ARG HXT  H N N 40  
ASN N    N N N 41  
ASN CA   C N S 42  
ASN C    C N N 43  
ASN O    O N N 44  
ASN CB   C N N 45  
ASN CG   C N N 46  
ASN OD1  O N N 47  
ASN ND2  N N N 48  
ASN OXT  O N N 49  
ASN H    H N N 50  
ASN H2   H N N 51  
ASN HA   H N N 52  
ASN HB2  H N N 53  
ASN HB3  H N N 54  
ASN HD21 H N N 55  
ASN HD22 H N N 56  
ASN HXT  H N N 57  
ASP N    N N N 58  
ASP CA   C N S 59  
ASP C    C N N 60  
ASP O    O N N 61  
ASP CB   C N N 62  
ASP CG   C N N 63  
ASP OD1  O N N 64  
ASP OD2  O N N 65  
ASP OXT  O N N 66  
ASP H    H N N 67  
ASP H2   H N N 68  
ASP HA   H N N 69  
ASP HB2  H N N 70  
ASP HB3  H N N 71  
ASP HD2  H N N 72  
ASP HXT  H N N 73  
CYS N    N N N 74  
CYS CA   C N R 75  
CYS C    C N N 76  
CYS O    O N N 77  
CYS CB   C N N 78  
CYS SG   S N N 79  
CYS OXT  O N N 80  
CYS H    H N N 81  
CYS H2   H N N 82  
CYS HA   H N N 83  
CYS HB2  H N N 84  
CYS HB3  H N N 85  
CYS HG   H N N 86  
CYS HXT  H N N 87  
GLN N    N N N 88  
GLN CA   C N S 89  
GLN C    C N N 90  
GLN O    O N N 91  
GLN CB   C N N 92  
GLN CG   C N N 93  
GLN CD   C N N 94  
GLN OE1  O N N 95  
GLN NE2  N N N 96  
GLN OXT  O N N 97  
GLN H    H N N 98  
GLN H2   H N N 99  
GLN HA   H N N 100 
GLN HB2  H N N 101 
GLN HB3  H N N 102 
GLN HG2  H N N 103 
GLN HG3  H N N 104 
GLN HE21 H N N 105 
GLN HE22 H N N 106 
GLN HXT  H N N 107 
GLU N    N N N 108 
GLU CA   C N S 109 
GLU C    C N N 110 
GLU O    O N N 111 
GLU CB   C N N 112 
GLU CG   C N N 113 
GLU CD   C N N 114 
GLU OE1  O N N 115 
GLU OE2  O N N 116 
GLU OXT  O N N 117 
GLU H    H N N 118 
GLU H2   H N N 119 
GLU HA   H N N 120 
GLU HB2  H N N 121 
GLU HB3  H N N 122 
GLU HG2  H N N 123 
GLU HG3  H N N 124 
GLU HE2  H N N 125 
GLU HXT  H N N 126 
GLY N    N N N 127 
GLY CA   C N N 128 
GLY C    C N N 129 
GLY O    O N N 130 
GLY OXT  O N N 131 
GLY H    H N N 132 
GLY H2   H N N 133 
GLY HA2  H N N 134 
GLY HA3  H N N 135 
GLY HXT  H N N 136 
HIS N    N N N 137 
HIS CA   C N S 138 
HIS C    C N N 139 
HIS O    O N N 140 
HIS CB   C N N 141 
HIS CG   C Y N 142 
HIS ND1  N Y N 143 
HIS CD2  C Y N 144 
HIS CE1  C Y N 145 
HIS NE2  N Y N 146 
HIS OXT  O N N 147 
HIS H    H N N 148 
HIS H2   H N N 149 
HIS HA   H N N 150 
HIS HB2  H N N 151 
HIS HB3  H N N 152 
HIS HD1  H N N 153 
HIS HD2  H N N 154 
HIS HE1  H N N 155 
HIS HE2  H N N 156 
HIS HXT  H N N 157 
HOH O    O N N 158 
HOH H1   H N N 159 
HOH H2   H N N 160 
ILE N    N N N 161 
ILE CA   C N S 162 
ILE C    C N N 163 
ILE O    O N N 164 
ILE CB   C N S 165 
ILE CG1  C N N 166 
ILE CG2  C N N 167 
ILE CD1  C N N 168 
ILE OXT  O N N 169 
ILE H    H N N 170 
ILE H2   H N N 171 
ILE HA   H N N 172 
ILE HB   H N N 173 
ILE HG12 H N N 174 
ILE HG13 H N N 175 
ILE HG21 H N N 176 
ILE HG22 H N N 177 
ILE HG23 H N N 178 
ILE HD11 H N N 179 
ILE HD12 H N N 180 
ILE HD13 H N N 181 
ILE HXT  H N N 182 
LEU N    N N N 183 
LEU CA   C N S 184 
LEU C    C N N 185 
LEU O    O N N 186 
LEU CB   C N N 187 
LEU CG   C N N 188 
LEU CD1  C N N 189 
LEU CD2  C N N 190 
LEU OXT  O N N 191 
LEU H    H N N 192 
LEU H2   H N N 193 
LEU HA   H N N 194 
LEU HB2  H N N 195 
LEU HB3  H N N 196 
LEU HG   H N N 197 
LEU HD11 H N N 198 
LEU HD12 H N N 199 
LEU HD13 H N N 200 
LEU HD21 H N N 201 
LEU HD22 H N N 202 
LEU HD23 H N N 203 
LEU HXT  H N N 204 
LYS N    N N N 205 
LYS CA   C N S 206 
LYS C    C N N 207 
LYS O    O N N 208 
LYS CB   C N N 209 
LYS CG   C N N 210 
LYS CD   C N N 211 
LYS CE   C N N 212 
LYS NZ   N N N 213 
LYS OXT  O N N 214 
LYS H    H N N 215 
LYS H2   H N N 216 
LYS HA   H N N 217 
LYS HB2  H N N 218 
LYS HB3  H N N 219 
LYS HG2  H N N 220 
LYS HG3  H N N 221 
LYS HD2  H N N 222 
LYS HD3  H N N 223 
LYS HE2  H N N 224 
LYS HE3  H N N 225 
LYS HZ1  H N N 226 
LYS HZ2  H N N 227 
LYS HZ3  H N N 228 
LYS HXT  H N N 229 
MET N    N N N 230 
MET CA   C N S 231 
MET C    C N N 232 
MET O    O N N 233 
MET CB   C N N 234 
MET CG   C N N 235 
MET SD   S N N 236 
MET CE   C N N 237 
MET OXT  O N N 238 
MET H    H N N 239 
MET H2   H N N 240 
MET HA   H N N 241 
MET HB2  H N N 242 
MET HB3  H N N 243 
MET HG2  H N N 244 
MET HG3  H N N 245 
MET HE1  H N N 246 
MET HE2  H N N 247 
MET HE3  H N N 248 
MET HXT  H N N 249 
PHE N    N N N 250 
PHE CA   C N S 251 
PHE C    C N N 252 
PHE O    O N N 253 
PHE CB   C N N 254 
PHE CG   C Y N 255 
PHE CD1  C Y N 256 
PHE CD2  C Y N 257 
PHE CE1  C Y N 258 
PHE CE2  C Y N 259 
PHE CZ   C Y N 260 
PHE OXT  O N N 261 
PHE H    H N N 262 
PHE H2   H N N 263 
PHE HA   H N N 264 
PHE HB2  H N N 265 
PHE HB3  H N N 266 
PHE HD1  H N N 267 
PHE HD2  H N N 268 
PHE HE1  H N N 269 
PHE HE2  H N N 270 
PHE HZ   H N N 271 
PHE HXT  H N N 272 
PRO N    N N N 273 
PRO CA   C N S 274 
PRO C    C N N 275 
PRO O    O N N 276 
PRO CB   C N N 277 
PRO CG   C N N 278 
PRO CD   C N N 279 
PRO OXT  O N N 280 
PRO H    H N N 281 
PRO HA   H N N 282 
PRO HB2  H N N 283 
PRO HB3  H N N 284 
PRO HG2  H N N 285 
PRO HG3  H N N 286 
PRO HD2  H N N 287 
PRO HD3  H N N 288 
PRO HXT  H N N 289 
SER N    N N N 290 
SER CA   C N S 291 
SER C    C N N 292 
SER O    O N N 293 
SER CB   C N N 294 
SER OG   O N N 295 
SER OXT  O N N 296 
SER H    H N N 297 
SER H2   H N N 298 
SER HA   H N N 299 
SER HB2  H N N 300 
SER HB3  H N N 301 
SER HG   H N N 302 
SER HXT  H N N 303 
THR N    N N N 304 
THR CA   C N S 305 
THR C    C N N 306 
THR O    O N N 307 
THR CB   C N R 308 
THR OG1  O N N 309 
THR CG2  C N N 310 
THR OXT  O N N 311 
THR H    H N N 312 
THR H2   H N N 313 
THR HA   H N N 314 
THR HB   H N N 315 
THR HG1  H N N 316 
THR HG21 H N N 317 
THR HG22 H N N 318 
THR HG23 H N N 319 
THR HXT  H N N 320 
TRP N    N N N 321 
TRP CA   C N S 322 
TRP C    C N N 323 
TRP O    O N N 324 
TRP CB   C N N 325 
TRP CG   C Y N 326 
TRP CD1  C Y N 327 
TRP CD2  C Y N 328 
TRP NE1  N Y N 329 
TRP CE2  C Y N 330 
TRP CE3  C Y N 331 
TRP CZ2  C Y N 332 
TRP CZ3  C Y N 333 
TRP CH2  C Y N 334 
TRP OXT  O N N 335 
TRP H    H N N 336 
TRP H2   H N N 337 
TRP HA   H N N 338 
TRP HB2  H N N 339 
TRP HB3  H N N 340 
TRP HD1  H N N 341 
TRP HE1  H N N 342 
TRP HE3  H N N 343 
TRP HZ2  H N N 344 
TRP HZ3  H N N 345 
TRP HH2  H N N 346 
TRP HXT  H N N 347 
TYR N    N N N 348 
TYR CA   C N S 349 
TYR C    C N N 350 
TYR O    O N N 351 
TYR CB   C N N 352 
TYR CG   C Y N 353 
TYR CD1  C Y N 354 
TYR CD2  C Y N 355 
TYR CE1  C Y N 356 
TYR CE2  C Y N 357 
TYR CZ   C Y N 358 
TYR OH   O N N 359 
TYR OXT  O N N 360 
TYR H    H N N 361 
TYR H2   H N N 362 
TYR HA   H N N 363 
TYR HB2  H N N 364 
TYR HB3  H N N 365 
TYR HD1  H N N 366 
TYR HD2  H N N 367 
TYR HE1  H N N 368 
TYR HE2  H N N 369 
TYR HH   H N N 370 
TYR HXT  H N N 371 
VAL N    N N N 372 
VAL CA   C N S 373 
VAL C    C N N 374 
VAL O    O N N 375 
VAL CB   C N N 376 
VAL CG1  C N N 377 
VAL CG2  C N N 378 
VAL OXT  O N N 379 
VAL H    H N N 380 
VAL H2   H N N 381 
VAL HA   H N N 382 
VAL HB   H N N 383 
VAL HG11 H N N 384 
VAL HG12 H N N 385 
VAL HG13 H N N 386 
VAL HG21 H N N 387 
VAL HG22 H N N 388 
VAL HG23 H N N 389 
VAL HXT  H N N 390 
# 
loop_
_chem_comp_bond.comp_id 
_chem_comp_bond.atom_id_1 
_chem_comp_bond.atom_id_2 
_chem_comp_bond.value_order 
_chem_comp_bond.pdbx_aromatic_flag 
_chem_comp_bond.pdbx_stereo_config 
_chem_comp_bond.pdbx_ordinal 
ALA N   CA   sing N N 1   
ALA N   H    sing N N 2   
ALA N   H2   sing N N 3   
ALA CA  C    sing N N 4   
ALA CA  CB   sing N N 5   
ALA CA  HA   sing N N 6   
ALA C   O    doub N N 7   
ALA C   OXT  sing N N 8   
ALA CB  HB1  sing N N 9   
ALA CB  HB2  sing N N 10  
ALA CB  HB3  sing N N 11  
ALA OXT HXT  sing N N 12  
ARG N   CA   sing N N 13  
ARG N   H    sing N N 14  
ARG N   H2   sing N N 15  
ARG CA  C    sing N N 16  
ARG CA  CB   sing N N 17  
ARG CA  HA   sing N N 18  
ARG C   O    doub N N 19  
ARG C   OXT  sing N N 20  
ARG CB  CG   sing N N 21  
ARG CB  HB2  sing N N 22  
ARG CB  HB3  sing N N 23  
ARG CG  CD   sing N N 24  
ARG CG  HG2  sing N N 25  
ARG CG  HG3  sing N N 26  
ARG CD  NE   sing N N 27  
ARG CD  HD2  sing N N 28  
ARG CD  HD3  sing N N 29  
ARG NE  CZ   sing N N 30  
ARG NE  HE   sing N N 31  
ARG CZ  NH1  sing N N 32  
ARG CZ  NH2  doub N N 33  
ARG NH1 HH11 sing N N 34  
ARG NH1 HH12 sing N N 35  
ARG NH2 HH21 sing N N 36  
ARG NH2 HH22 sing N N 37  
ARG OXT HXT  sing N N 38  
ASN N   CA   sing N N 39  
ASN N   H    sing N N 40  
ASN N   H2   sing N N 41  
ASN CA  C    sing N N 42  
ASN CA  CB   sing N N 43  
ASN CA  HA   sing N N 44  
ASN C   O    doub N N 45  
ASN C   OXT  sing N N 46  
ASN CB  CG   sing N N 47  
ASN CB  HB2  sing N N 48  
ASN CB  HB3  sing N N 49  
ASN CG  OD1  doub N N 50  
ASN CG  ND2  sing N N 51  
ASN ND2 HD21 sing N N 52  
ASN ND2 HD22 sing N N 53  
ASN OXT HXT  sing N N 54  
ASP N   CA   sing N N 55  
ASP N   H    sing N N 56  
ASP N   H2   sing N N 57  
ASP CA  C    sing N N 58  
ASP CA  CB   sing N N 59  
ASP CA  HA   sing N N 60  
ASP C   O    doub N N 61  
ASP C   OXT  sing N N 62  
ASP CB  CG   sing N N 63  
ASP CB  HB2  sing N N 64  
ASP CB  HB3  sing N N 65  
ASP CG  OD1  doub N N 66  
ASP CG  OD2  sing N N 67  
ASP OD2 HD2  sing N N 68  
ASP OXT HXT  sing N N 69  
CYS N   CA   sing N N 70  
CYS N   H    sing N N 71  
CYS N   H2   sing N N 72  
CYS CA  C    sing N N 73  
CYS CA  CB   sing N N 74  
CYS CA  HA   sing N N 75  
CYS C   O    doub N N 76  
CYS C   OXT  sing N N 77  
CYS CB  SG   sing N N 78  
CYS CB  HB2  sing N N 79  
CYS CB  HB3  sing N N 80  
CYS SG  HG   sing N N 81  
CYS OXT HXT  sing N N 82  
GLN N   CA   sing N N 83  
GLN N   H    sing N N 84  
GLN N   H2   sing N N 85  
GLN CA  C    sing N N 86  
GLN CA  CB   sing N N 87  
GLN CA  HA   sing N N 88  
GLN C   O    doub N N 89  
GLN C   OXT  sing N N 90  
GLN CB  CG   sing N N 91  
GLN CB  HB2  sing N N 92  
GLN CB  HB3  sing N N 93  
GLN CG  CD   sing N N 94  
GLN CG  HG2  sing N N 95  
GLN CG  HG3  sing N N 96  
GLN CD  OE1  doub N N 97  
GLN CD  NE2  sing N N 98  
GLN NE2 HE21 sing N N 99  
GLN NE2 HE22 sing N N 100 
GLN OXT HXT  sing N N 101 
GLU N   CA   sing N N 102 
GLU N   H    sing N N 103 
GLU N   H2   sing N N 104 
GLU CA  C    sing N N 105 
GLU CA  CB   sing N N 106 
GLU CA  HA   sing N N 107 
GLU C   O    doub N N 108 
GLU C   OXT  sing N N 109 
GLU CB  CG   sing N N 110 
GLU CB  HB2  sing N N 111 
GLU CB  HB3  sing N N 112 
GLU CG  CD   sing N N 113 
GLU CG  HG2  sing N N 114 
GLU CG  HG3  sing N N 115 
GLU CD  OE1  doub N N 116 
GLU CD  OE2  sing N N 117 
GLU OE2 HE2  sing N N 118 
GLU OXT HXT  sing N N 119 
GLY N   CA   sing N N 120 
GLY N   H    sing N N 121 
GLY N   H2   sing N N 122 
GLY CA  C    sing N N 123 
GLY CA  HA2  sing N N 124 
GLY CA  HA3  sing N N 125 
GLY C   O    doub N N 126 
GLY C   OXT  sing N N 127 
GLY OXT HXT  sing N N 128 
HIS N   CA   sing N N 129 
HIS N   H    sing N N 130 
HIS N   H2   sing N N 131 
HIS CA  C    sing N N 132 
HIS CA  CB   sing N N 133 
HIS CA  HA   sing N N 134 
HIS C   O    doub N N 135 
HIS C   OXT  sing N N 136 
HIS CB  CG   sing N N 137 
HIS CB  HB2  sing N N 138 
HIS CB  HB3  sing N N 139 
HIS CG  ND1  sing Y N 140 
HIS CG  CD2  doub Y N 141 
HIS ND1 CE1  doub Y N 142 
HIS ND1 HD1  sing N N 143 
HIS CD2 NE2  sing Y N 144 
HIS CD2 HD2  sing N N 145 
HIS CE1 NE2  sing Y N 146 
HIS CE1 HE1  sing N N 147 
HIS NE2 HE2  sing N N 148 
HIS OXT HXT  sing N N 149 
HOH O   H1   sing N N 150 
HOH O   H2   sing N N 151 
ILE N   CA   sing N N 152 
ILE N   H    sing N N 153 
ILE N   H2   sing N N 154 
ILE CA  C    sing N N 155 
ILE CA  CB   sing N N 156 
ILE CA  HA   sing N N 157 
ILE C   O    doub N N 158 
ILE C   OXT  sing N N 159 
ILE CB  CG1  sing N N 160 
ILE CB  CG2  sing N N 161 
ILE CB  HB   sing N N 162 
ILE CG1 CD1  sing N N 163 
ILE CG1 HG12 sing N N 164 
ILE CG1 HG13 sing N N 165 
ILE CG2 HG21 sing N N 166 
ILE CG2 HG22 sing N N 167 
ILE CG2 HG23 sing N N 168 
ILE CD1 HD11 sing N N 169 
ILE CD1 HD12 sing N N 170 
ILE CD1 HD13 sing N N 171 
ILE OXT HXT  sing N N 172 
LEU N   CA   sing N N 173 
LEU N   H    sing N N 174 
LEU N   H2   sing N N 175 
LEU CA  C    sing N N 176 
LEU CA  CB   sing N N 177 
LEU CA  HA   sing N N 178 
LEU C   O    doub N N 179 
LEU C   OXT  sing N N 180 
LEU CB  CG   sing N N 181 
LEU CB  HB2  sing N N 182 
LEU CB  HB3  sing N N 183 
LEU CG  CD1  sing N N 184 
LEU CG  CD2  sing N N 185 
LEU CG  HG   sing N N 186 
LEU CD1 HD11 sing N N 187 
LEU CD1 HD12 sing N N 188 
LEU CD1 HD13 sing N N 189 
LEU CD2 HD21 sing N N 190 
LEU CD2 HD22 sing N N 191 
LEU CD2 HD23 sing N N 192 
LEU OXT HXT  sing N N 193 
LYS N   CA   sing N N 194 
LYS N   H    sing N N 195 
LYS N   H2   sing N N 196 
LYS CA  C    sing N N 197 
LYS CA  CB   sing N N 198 
LYS CA  HA   sing N N 199 
LYS C   O    doub N N 200 
LYS C   OXT  sing N N 201 
LYS CB  CG   sing N N 202 
LYS CB  HB2  sing N N 203 
LYS CB  HB3  sing N N 204 
LYS CG  CD   sing N N 205 
LYS CG  HG2  sing N N 206 
LYS CG  HG3  sing N N 207 
LYS CD  CE   sing N N 208 
LYS CD  HD2  sing N N 209 
LYS CD  HD3  sing N N 210 
LYS CE  NZ   sing N N 211 
LYS CE  HE2  sing N N 212 
LYS CE  HE3  sing N N 213 
LYS NZ  HZ1  sing N N 214 
LYS NZ  HZ2  sing N N 215 
LYS NZ  HZ3  sing N N 216 
LYS OXT HXT  sing N N 217 
MET N   CA   sing N N 218 
MET N   H    sing N N 219 
MET N   H2   sing N N 220 
MET CA  C    sing N N 221 
MET CA  CB   sing N N 222 
MET CA  HA   sing N N 223 
MET C   O    doub N N 224 
MET C   OXT  sing N N 225 
MET CB  CG   sing N N 226 
MET CB  HB2  sing N N 227 
MET CB  HB3  sing N N 228 
MET CG  SD   sing N N 229 
MET CG  HG2  sing N N 230 
MET CG  HG3  sing N N 231 
MET SD  CE   sing N N 232 
MET CE  HE1  sing N N 233 
MET CE  HE2  sing N N 234 
MET CE  HE3  sing N N 235 
MET OXT HXT  sing N N 236 
PHE N   CA   sing N N 237 
PHE N   H    sing N N 238 
PHE N   H2   sing N N 239 
PHE CA  C    sing N N 240 
PHE CA  CB   sing N N 241 
PHE CA  HA   sing N N 242 
PHE C   O    doub N N 243 
PHE C   OXT  sing N N 244 
PHE CB  CG   sing N N 245 
PHE CB  HB2  sing N N 246 
PHE CB  HB3  sing N N 247 
PHE CG  CD1  doub Y N 248 
PHE CG  CD2  sing Y N 249 
PHE CD1 CE1  sing Y N 250 
PHE CD1 HD1  sing N N 251 
PHE CD2 CE2  doub Y N 252 
PHE CD2 HD2  sing N N 253 
PHE CE1 CZ   doub Y N 254 
PHE CE1 HE1  sing N N 255 
PHE CE2 CZ   sing Y N 256 
PHE CE2 HE2  sing N N 257 
PHE CZ  HZ   sing N N 258 
PHE OXT HXT  sing N N 259 
PRO N   CA   sing N N 260 
PRO N   CD   sing N N 261 
PRO N   H    sing N N 262 
PRO CA  C    sing N N 263 
PRO CA  CB   sing N N 264 
PRO CA  HA   sing N N 265 
PRO C   O    doub N N 266 
PRO C   OXT  sing N N 267 
PRO CB  CG   sing N N 268 
PRO CB  HB2  sing N N 269 
PRO CB  HB3  sing N N 270 
PRO CG  CD   sing N N 271 
PRO CG  HG2  sing N N 272 
PRO CG  HG3  sing N N 273 
PRO CD  HD2  sing N N 274 
PRO CD  HD3  sing N N 275 
PRO OXT HXT  sing N N 276 
SER N   CA   sing N N 277 
SER N   H    sing N N 278 
SER N   H2   sing N N 279 
SER CA  C    sing N N 280 
SER CA  CB   sing N N 281 
SER CA  HA   sing N N 282 
SER C   O    doub N N 283 
SER C   OXT  sing N N 284 
SER CB  OG   sing N N 285 
SER CB  HB2  sing N N 286 
SER CB  HB3  sing N N 287 
SER OG  HG   sing N N 288 
SER OXT HXT  sing N N 289 
THR N   CA   sing N N 290 
THR N   H    sing N N 291 
THR N   H2   sing N N 292 
THR CA  C    sing N N 293 
THR CA  CB   sing N N 294 
THR CA  HA   sing N N 295 
THR C   O    doub N N 296 
THR C   OXT  sing N N 297 
THR CB  OG1  sing N N 298 
THR CB  CG2  sing N N 299 
THR CB  HB   sing N N 300 
THR OG1 HG1  sing N N 301 
THR CG2 HG21 sing N N 302 
THR CG2 HG22 sing N N 303 
THR CG2 HG23 sing N N 304 
THR OXT HXT  sing N N 305 
TRP N   CA   sing N N 306 
TRP N   H    sing N N 307 
TRP N   H2   sing N N 308 
TRP CA  C    sing N N 309 
TRP CA  CB   sing N N 310 
TRP CA  HA   sing N N 311 
TRP C   O    doub N N 312 
TRP C   OXT  sing N N 313 
TRP CB  CG   sing N N 314 
TRP CB  HB2  sing N N 315 
TRP CB  HB3  sing N N 316 
TRP CG  CD1  doub Y N 317 
TRP CG  CD2  sing Y N 318 
TRP CD1 NE1  sing Y N 319 
TRP CD1 HD1  sing N N 320 
TRP CD2 CE2  doub Y N 321 
TRP CD2 CE3  sing Y N 322 
TRP NE1 CE2  sing Y N 323 
TRP NE1 HE1  sing N N 324 
TRP CE2 CZ2  sing Y N 325 
TRP CE3 CZ3  doub Y N 326 
TRP CE3 HE3  sing N N 327 
TRP CZ2 CH2  doub Y N 328 
TRP CZ2 HZ2  sing N N 329 
TRP CZ3 CH2  sing Y N 330 
TRP CZ3 HZ3  sing N N 331 
TRP CH2 HH2  sing N N 332 
TRP OXT HXT  sing N N 333 
TYR N   CA   sing N N 334 
TYR N   H    sing N N 335 
TYR N   H2   sing N N 336 
TYR CA  C    sing N N 337 
TYR CA  CB   sing N N 338 
TYR CA  HA   sing N N 339 
TYR C   O    doub N N 340 
TYR C   OXT  sing N N 341 
TYR CB  CG   sing N N 342 
TYR CB  HB2  sing N N 343 
TYR CB  HB3  sing N N 344 
TYR CG  CD1  doub Y N 345 
TYR CG  CD2  sing Y N 346 
TYR CD1 CE1  sing Y N 347 
TYR CD1 HD1  sing N N 348 
TYR CD2 CE2  doub Y N 349 
TYR CD2 HD2  sing N N 350 
TYR CE1 CZ   doub Y N 351 
TYR CE1 HE1  sing N N 352 
TYR CE2 CZ   sing Y N 353 
TYR CE2 HE2  sing N N 354 
TYR CZ  OH   sing N N 355 
TYR OH  HH   sing N N 356 
TYR OXT HXT  sing N N 357 
VAL N   CA   sing N N 358 
VAL N   H    sing N N 359 
VAL N   H2   sing N N 360 
VAL CA  C    sing N N 361 
VAL CA  CB   sing N N 362 
VAL CA  HA   sing N N 363 
VAL C   O    doub N N 364 
VAL C   OXT  sing N N 365 
VAL CB  CG1  sing N N 366 
VAL CB  CG2  sing N N 367 
VAL CB  HB   sing N N 368 
VAL CG1 HG11 sing N N 369 
VAL CG1 HG12 sing N N 370 
VAL CG1 HG13 sing N N 371 
VAL CG2 HG21 sing N N 372 
VAL CG2 HG22 sing N N 373 
VAL CG2 HG23 sing N N 374 
VAL OXT HXT  sing N N 375 
# 
_atom_sites.entry_id                    1HKF 
_atom_sites.fract_transf_matrix[1][1]   -0.01567375 
_atom_sites.fract_transf_matrix[1][2]   -0.00448945 
_atom_sites.fract_transf_matrix[1][3]   -0.00996033 
_atom_sites.fract_transf_matrix[2][1]   -0.00086749 
_atom_sites.fract_transf_matrix[2][2]   -0.01655553 
_atom_sites.fract_transf_matrix[2][3]   -0.00949743 
_atom_sites.fract_transf_matrix[3][1]   -0.00196079 
_atom_sites.fract_transf_matrix[3][2]   -0.00224882 
_atom_sites.fract_transf_matrix[3][3]   0.00409915 
_atom_sites.fract_transf_vector[1]      0.918462 
_atom_sites.fract_transf_vector[2]      0.161657 
_atom_sites.fract_transf_vector[3]      0.078397 
# 
loop_
_atom_type.symbol 
C 
N 
O 
S 
# 
loop_
_atom_site.group_PDB 
_atom_site.id 
_atom_site.type_symbol 
_atom_site.label_atom_id 
_atom_site.label_alt_id 
_atom_site.label_comp_id 
_atom_site.label_asym_id 
_atom_site.label_entity_id 
_atom_site.label_seq_id 
_atom_site.pdbx_PDB_ins_code 
_atom_site.Cartn_x 
_atom_site.Cartn_y 
_atom_site.Cartn_z 
_atom_site.occupancy 
_atom_site.B_iso_or_equiv 
_atom_site.pdbx_formal_charge 
_atom_site.auth_seq_id 
_atom_site.auth_comp_id 
_atom_site.auth_asym_id 
_atom_site.auth_atom_id 
_atom_site.pdbx_PDB_model_num 
ATOM   1   N N   . SER A 1 15  ? 6.091   0.808   -14.609 1.00 55.92 ? 5    SER A N   1 
ATOM   2   C CA  . SER A 1 15  ? 4.806   0.724   -15.369 1.00 55.87 ? 5    SER A CA  1 
ATOM   3   C C   . SER A 1 15  ? 4.083   2.071   -15.301 1.00 54.88 ? 5    SER A C   1 
ATOM   4   O O   . SER A 1 15  ? 4.571   3.002   -14.630 1.00 55.56 ? 5    SER A O   1 
ATOM   5   C CB  . SER A 1 15  ? 3.912   -0.380  -14.788 1.00 56.79 ? 5    SER A CB  1 
ATOM   6   O OG  . SER A 1 15  ? 3.615   -0.139  -13.423 1.00 56.17 ? 5    SER A OG  1 
ATOM   7   N N   . LYS A 1 16  ? 2.939   2.203   -15.984 1.00 52.19 ? 6    LYS A N   1 
ATOM   8   C CA  . LYS A 1 16  ? 2.279   3.499   -15.936 1.00 50.36 ? 6    LYS A CA  1 
ATOM   9   C C   . LYS A 1 16  ? 1.584   3.795   -14.609 1.00 47.70 ? 6    LYS A C   1 
ATOM   10  O O   . LYS A 1 16  ? 0.412   3.406   -14.374 1.00 46.58 ? 6    LYS A O   1 
ATOM   11  C CB  . LYS A 1 16  ? 1.275   3.698   -17.068 1.00 51.58 ? 6    LYS A CB  1 
ATOM   12  C CG  . LYS A 1 16  ? 1.094   5.189   -17.344 1.00 52.36 ? 6    LYS A CG  1 
ATOM   13  C CD  . LYS A 1 16  ? 0.092   5.464   -18.430 1.00 55.92 ? 6    LYS A CD  1 
ATOM   14  C CE  . LYS A 1 16  ? 0.539   4.934   -19.794 1.00 58.22 ? 6    LYS A CE  1 
ATOM   15  N NZ  . LYS A 1 16  ? -0.503  5.162   -20.875 1.00 59.23 ? 6    LYS A NZ  1 
ATOM   16  N N   . ALA A 1 17  ? 2.332   4.526   -13.782 1.00 43.08 ? 7    ALA A N   1 
ATOM   17  C CA  . ALA A 1 17  ? 1.904   4.951   -12.466 1.00 38.66 ? 7    ALA A CA  1 
ATOM   18  C C   . ALA A 1 17  ? 0.598   5.687   -12.538 1.00 36.04 ? 7    ALA A C   1 
ATOM   19  O O   . ALA A 1 17  ? 0.399   6.495   -13.429 1.00 36.07 ? 7    ALA A O   1 
ATOM   20  C CB  . ALA A 1 17  ? 2.987   5.859   -11.847 1.00 37.07 ? 7    ALA A CB  1 
ATOM   21  N N   . GLN A 1 18  ? -0.306  5.401   -11.613 1.00 34.46 ? 8    GLN A N   1 
ATOM   22  C CA  . GLN A 1 18  ? -1.542  6.149   -11.565 1.00 33.54 ? 8    GLN A CA  1 
ATOM   23  C C   . GLN A 1 18  ? -1.225  7.356   -10.655 1.00 32.66 ? 8    GLN A C   1 
ATOM   24  O O   . GLN A 1 18  ? -0.553  7.224   -9.615  1.00 32.19 ? 8    GLN A O   1 
ATOM   25  C CB  . GLN A 1 18  ? -2.624  5.284   -11.014 1.00 34.84 ? 8    GLN A CB  1 
ATOM   26  C CG  . GLN A 1 18  ? -3.066  4.314   -12.072 1.00 41.01 ? 8    GLN A CG  1 
ATOM   27  C CD  . GLN A 1 18  ? -4.070  3.323   -11.558 1.00 43.55 ? 8    GLN A CD  1 
ATOM   28  O OE1 . GLN A 1 18  ? -5.282  3.570   -11.571 1.00 45.06 ? 8    GLN A OE1 1 
ATOM   29  N NE2 . GLN A 1 18  ? -3.569  2.183   -11.079 1.00 46.17 ? 8    GLN A NE2 1 
ATOM   30  N N   . VAL A 1 19  ? -1.652  8.535   -11.087 1.00 32.07 ? 9    VAL A N   1 
ATOM   31  C CA  . VAL A 1 19  ? -1.354  9.774   -10.356 1.00 30.65 ? 9    VAL A CA  1 
ATOM   32  C C   . VAL A 1 19  ? -2.314  10.096  -9.251  1.00 28.03 ? 9    VAL A C   1 
ATOM   33  O O   . VAL A 1 19  ? -3.492  10.161  -9.461  1.00 28.50 ? 9    VAL A O   1 
ATOM   34  C CB  . VAL A 1 19  ? -1.264  10.964  -11.335 1.00 29.57 ? 9    VAL A CB  1 
ATOM   35  C CG1 . VAL A 1 19  ? -1.165  12.318  -10.563 1.00 28.79 ? 9    VAL A CG1 1 
ATOM   36  C CG2 . VAL A 1 19  ? -0.035  10.779  -12.184 1.00 26.55 ? 9    VAL A CG2 1 
ATOM   37  N N   . LEU A 1 20  ? -1.807  10.246  -8.048  1.00 28.09 ? 10   LEU A N   1 
ATOM   38  C CA  . LEU A 1 20  ? -2.700  10.618  -6.932  1.00 29.36 ? 10   LEU A CA  1 
ATOM   39  C C   . LEU A 1 20  ? -2.228  12.013  -6.538  1.00 27.17 ? 10   LEU A C   1 
ATOM   40  O O   . LEU A 1 20  ? -1.047  12.254  -6.442  1.00 28.08 ? 10   LEU A O   1 
ATOM   41  C CB  . LEU A 1 20  ? -2.498  9.673   -5.748  1.00 28.56 ? 10   LEU A CB  1 
ATOM   42  C CG  . LEU A 1 20  ? -2.782  8.201   -6.081  1.00 28.09 ? 10   LEU A CG  1 
ATOM   43  C CD1 . LEU A 1 20  ? -2.775  7.465   -4.790  1.00 26.19 ? 10   LEU A CD1 1 
ATOM   44  C CD2 . LEU A 1 20  ? -4.140  8.026   -6.742  1.00 26.34 ? 10   LEU A CD2 1 
ATOM   45  N N   . GLN A 1 21  ? -3.137  12.913  -6.258  1.00 27.23 ? 11   GLN A N   1 
ATOM   46  C CA  . GLN A 1 21  ? -2.710  14.284  -5.941  1.00 27.36 ? 11   GLN A CA  1 
ATOM   47  C C   . GLN A 1 21  ? -3.497  14.867  -4.775  1.00 25.85 ? 11   GLN A C   1 
ATOM   48  O O   . GLN A 1 21  ? -4.717  14.779  -4.750  1.00 22.99 ? 11   GLN A O   1 
ATOM   49  C CB  . GLN A 1 21  ? -2.909  15.168  -7.196  1.00 26.83 ? 11   GLN A CB  1 
ATOM   50  C CG  . GLN A 1 21  ? -2.685  16.646  -6.959  1.00 30.67 ? 11   GLN A CG  1 
ATOM   51  C CD  . GLN A 1 21  ? -2.467  17.480  -8.263  1.00 33.19 ? 11   GLN A CD  1 
ATOM   52  O OE1 . GLN A 1 21  ? -2.589  16.970  -9.416  1.00 28.89 ? 11   GLN A OE1 1 
ATOM   53  N NE2 . GLN A 1 21  ? -2.139  18.765  -8.074  1.00 29.78 ? 11   GLN A NE2 1 
ATOM   54  N N   . SER A 1 22  ? -2.811  15.496  -3.835  1.00 25.87 ? 12   SER A N   1 
ATOM   55  C CA  . SER A 1 22  ? -3.541  16.125  -2.730  1.00 28.74 ? 12   SER A CA  1 
ATOM   56  C C   . SER A 1 22  ? -2.714  17.320  -2.255  1.00 29.17 ? 12   SER A C   1 
ATOM   57  O O   . SER A 1 22  ? -1.788  17.722  -2.938  1.00 30.89 ? 12   SER A O   1 
ATOM   58  C CB  . SER A 1 22  ? -3.706  15.152  -1.558  1.00 30.96 ? 12   SER A CB  1 
ATOM   59  O OG  . SER A 1 22  ? -4.652  15.631  -0.614  1.00 32.76 ? 12   SER A OG  1 
ATOM   60  N N   . VAL A 1 23  ? -3.050  17.876  -1.089  1.00 27.67 ? 13   VAL A N   1 
ATOM   61  C CA  . VAL A 1 23  ? -2.325  19.007  -0.550  1.00 25.95 ? 13   VAL A CA  1 
ATOM   62  C C   . VAL A 1 23  ? -1.904  18.721  0.859   1.00 25.29 ? 13   VAL A C   1 
ATOM   63  O O   . VAL A 1 23  ? -2.491  17.872  1.530   1.00 26.92 ? 13   VAL A O   1 
ATOM   64  C CB  . VAL A 1 23  ? -3.153  20.335  -0.634  1.00 27.88 ? 13   VAL A CB  1 
ATOM   65  C CG1 . VAL A 1 23  ? -3.438  20.658  -2.112  1.00 26.05 ? 13   VAL A CG1 1 
ATOM   66  C CG2 . VAL A 1 23  ? -4.446  20.250  0.134   1.00 25.00 ? 13   VAL A CG2 1 
ATOM   67  N N   . ALA A 1 24  ? -0.857  19.414  1.305   1.00 25.25 ? 14   ALA A N   1 
ATOM   68  C CA  . ALA A 1 24  ? -0.300  19.205  2.607   1.00 24.96 ? 14   ALA A CA  1 
ATOM   69  C C   . ALA A 1 24  ? -1.354  19.288  3.697   1.00 25.75 ? 14   ALA A C   1 
ATOM   70  O O   . ALA A 1 24  ? -2.302  20.066  3.616   1.00 27.87 ? 14   ALA A O   1 
ATOM   71  C CB  . ALA A 1 24  ? 0.815   20.174  2.841   1.00 25.87 ? 14   ALA A CB  1 
ATOM   72  N N   . GLY A 1 25  ? -1.198  18.445  4.713   1.00 27.77 ? 15   GLY A N   1 
ATOM   73  C CA  . GLY A 1 25  ? -2.169  18.379  5.780   1.00 25.32 ? 15   GLY A CA  1 
ATOM   74  C C   . GLY A 1 25  ? -3.255  17.365  5.469   1.00 27.64 ? 15   GLY A C   1 
ATOM   75  O O   . GLY A 1 25  ? -3.818  16.807  6.395   1.00 26.86 ? 15   GLY A O   1 
ATOM   76  N N   . GLN A 1 26  ? -3.597  17.107  4.196   1.00 27.34 ? 16   GLN A N   1 
ATOM   77  C CA  . GLN A 1 26  ? -4.665  16.148  3.967   1.00 27.89 ? 16   GLN A CA  1 
ATOM   78  C C   . GLN A 1 26  ? -4.285  14.724  4.273   1.00 28.79 ? 16   GLN A C   1 
ATOM   79  O O   . GLN A 1 26  ? -3.132  14.417  4.606   1.00 27.29 ? 16   GLN A O   1 
ATOM   80  C CB  . GLN A 1 26  ? -5.157  16.197  2.540   1.00 29.39 ? 16   GLN A CB  1 
ATOM   81  C CG  . GLN A 1 26  ? -5.611  17.552  2.123   1.00 31.41 ? 16   GLN A CG  1 
ATOM   82  C CD  . GLN A 1 26  ? -6.942  17.907  2.711   1.00 30.89 ? 16   GLN A CD  1 
ATOM   83  O OE1 . GLN A 1 26  ? -7.922  17.158  2.579   1.00 30.59 ? 16   GLN A OE1 1 
ATOM   84  N NE2 . GLN A 1 26  ? -6.999  19.055  3.347   1.00 27.43 ? 16   GLN A NE2 1 
ATOM   85  N N   . THR A 1 27  ? -5.290  13.864  4.174   1.00 30.18 ? 17   THR A N   1 
ATOM   86  C CA  . THR A 1 27  ? -5.123  12.434  4.390   1.00 32.12 ? 17   THR A CA  1 
ATOM   87  C C   . THR A 1 27  ? -5.354  11.706  3.076   1.00 32.78 ? 17   THR A C   1 
ATOM   88  O O   . THR A 1 27  ? -6.309  11.998  2.340   1.00 33.24 ? 17   THR A O   1 
ATOM   89  C CB  . THR A 1 27  ? -6.127  11.876  5.399   1.00 31.58 ? 17   THR A CB  1 
ATOM   90  O OG1 . THR A 1 27  ? -5.720  12.242  6.723   1.00 30.46 ? 17   THR A OG1 1 
ATOM   91  C CG2 . THR A 1 27  ? -6.181  10.336  5.298   1.00 31.45 ? 17   THR A CG2 1 
ATOM   92  N N   . LEU A 1 28  ? -4.462  10.779  2.755   1.00 33.23 ? 18   LEU A N   1 
ATOM   93  C CA  . LEU A 1 28  ? -4.637  10.014  1.521   1.00 32.97 ? 18   LEU A CA  1 
ATOM   94  C C   . LEU A 1 28  ? -5.098  8.590   1.789   1.00 32.50 ? 18   LEU A C   1 
ATOM   95  O O   . LEU A 1 28  ? -4.552  7.917   2.669   1.00 32.99 ? 18   LEU A O   1 
ATOM   96  C CB  . LEU A 1 28  ? -3.348  9.924   0.745   1.00 33.60 ? 18   LEU A CB  1 
ATOM   97  C CG  . LEU A 1 28  ? -3.695  9.155   -0.532  1.00 34.16 ? 18   LEU A CG  1 
ATOM   98  C CD1 . LEU A 1 28  ? -4.992  9.733   -1.257  1.00 34.74 ? 18   LEU A CD1 1 
ATOM   99  C CD2 . LEU A 1 28  ? -2.514  9.222   -1.389  1.00 33.00 ? 18   LEU A CD2 1 
ATOM   100 N N   . THR A 1 29  ? -6.076  8.147   1.005   1.00 32.35 ? 19   THR A N   1 
ATOM   101 C CA  . THR A 1 29  ? -6.644  6.802   1.066   1.00 31.93 ? 19   THR A CA  1 
ATOM   102 C C   . THR A 1 29  ? -6.365  6.106   -0.263  1.00 31.68 ? 19   THR A C   1 
ATOM   103 O O   . THR A 1 29  ? -6.673  6.666   -1.323  1.00 30.68 ? 19   THR A O   1 
ATOM   104 C CB  . THR A 1 29  ? -8.144  6.894   1.200   1.00 34.48 ? 19   THR A CB  1 
ATOM   105 O OG1 . THR A 1 29  ? -8.450  7.618   2.401   1.00 39.38 ? 19   THR A OG1 1 
ATOM   106 C CG2 . THR A 1 29  ? -8.770  5.554   1.271   1.00 30.23 ? 19   THR A CG2 1 
ATOM   107 N N   . VAL A 1 30  ? -5.785  4.898   -0.227  1.00 29.88 ? 20   VAL A N   1 
ATOM   108 C CA  . VAL A 1 30  ? -5.546  4.134   -1.466  1.00 28.41 ? 20   VAL A CA  1 
ATOM   109 C C   . VAL A 1 30  ? -6.124  2.709   -1.338  1.00 28.71 ? 20   VAL A C   1 
ATOM   110 O O   . VAL A 1 30  ? -5.772  1.952   -0.417  1.00 26.15 ? 20   VAL A O   1 
ATOM   111 C CB  . VAL A 1 30  ? -4.036  4.001   -1.771  1.00 28.70 ? 20   VAL A CB  1 
ATOM   112 C CG1 . VAL A 1 30  ? -3.820  3.235   -3.080  1.00 29.32 ? 20   VAL A CG1 1 
ATOM   113 C CG2 . VAL A 1 30  ? -3.400  5.364   -1.903  1.00 28.48 ? 20   VAL A CG2 1 
ATOM   114 N N   . ARG A 1 31  ? -7.028  2.348   -2.237  1.00 28.41 ? 21   ARG A N   1 
ATOM   115 C CA  . ARG A 1 31  ? -7.597  1.019   -2.240  1.00 30.68 ? 21   ARG A CA  1 
ATOM   116 C C   . ARG A 1 31  ? -6.922  0.141   -3.331  1.00 32.86 ? 21   ARG A C   1 
ATOM   117 O O   . ARG A 1 31  ? -6.718  0.600   -4.481  1.00 32.01 ? 21   ARG A O   1 
ATOM   118 C CB  . ARG A 1 31  ? -9.071  1.084   -2.556  1.00 32.18 ? 21   ARG A CB  1 
ATOM   119 C CG  . ARG A 1 31  ? -9.907  1.176   -1.362  1.00 36.37 ? 21   ARG A CG  1 
ATOM   120 C CD  . ARG A 1 31  ? -11.083 2.031   -1.689  1.00 38.20 ? 21   ARG A CD  1 
ATOM   121 N NE  . ARG A 1 31  ? -12.211 1.242   -2.176  1.00 41.24 ? 21   ARG A NE  1 
ATOM   122 C CZ  . ARG A 1 31  ? -13.243 0.918   -1.401  1.00 41.08 ? 21   ARG A CZ  1 
ATOM   123 N NH1 . ARG A 1 31  ? -13.262 1.305   -0.122  1.00 41.34 ? 21   ARG A NH1 1 
ATOM   124 N NH2 . ARG A 1 31  ? -14.276 0.260   -1.899  1.00 39.87 ? 21   ARG A NH2 1 
ATOM   125 N N   . CYS A 1 32  ? -6.576  -1.103  -2.970  1.00 33.31 ? 22   CYS A N   1 
ATOM   126 C CA  . CYS A 1 32  ? -5.985  -2.064  -3.915  1.00 34.00 ? 22   CYS A CA  1 
ATOM   127 C C   . CYS A 1 32  ? -6.781  -3.346  -3.791  1.00 32.80 ? 22   CYS A C   1 
ATOM   128 O O   . CYS A 1 32  ? -6.826  -3.968  -2.711  1.00 33.04 ? 22   CYS A O   1 
ATOM   129 C CB  . CYS A 1 32  ? -4.492  -2.278  -3.623  1.00 37.72 ? 22   CYS A CB  1 
ATOM   130 S SG  . CYS A 1 32  ? -3.432  -0.868  -4.234  1.00 45.89 ? 22   CYS A SG  1 
ATOM   131 N N   . GLN A 1 33  ? -7.467  -3.729  -4.856  1.00 31.43 ? 23   GLN A N   1 
ATOM   132 C CA  . GLN A 1 33  ? -8.249  -4.946  -4.781  1.00 33.46 ? 23   GLN A CA  1 
ATOM   133 C C   . GLN A 1 33  ? -7.453  -6.169  -5.251  1.00 33.00 ? 23   GLN A C   1 
ATOM   134 O O   . GLN A 1 33  ? -6.381  -6.030  -5.828  1.00 31.18 ? 23   GLN A O   1 
ATOM   135 C CB  . GLN A 1 33  ? -9.529  -4.797  -5.555  1.00 34.73 ? 23   GLN A CB  1 
ATOM   136 C CG  . GLN A 1 33  ? -9.348  -4.630  -6.996  1.00 43.38 ? 23   GLN A CG  1 
ATOM   137 C CD  . GLN A 1 33  ? -10.708 -4.564  -7.696  1.00 49.32 ? 23   GLN A CD  1 
ATOM   138 O OE1 . GLN A 1 33  ? -11.752 -4.445  -7.033  1.00 52.66 ? 23   GLN A OE1 1 
ATOM   139 N NE2 . GLN A 1 33  ? -10.707 -4.642  -9.034  1.00 52.09 ? 23   GLN A NE2 1 
ATOM   140 N N   . TYR A 1 34  ? -7.965  -7.373  -4.992  1.00 33.90 ? 24   TYR A N   1 
ATOM   141 C CA  . TYR A 1 34  ? -7.227  -8.610  -5.353  1.00 33.58 ? 24   TYR A CA  1 
ATOM   142 C C   . TYR A 1 34  ? -8.160  -9.801  -5.345  1.00 34.79 ? 24   TYR A C   1 
ATOM   143 O O   . TYR A 1 34  ? -9.183  -9.769  -4.656  1.00 35.90 ? 24   TYR A O   1 
ATOM   144 C CB  . TYR A 1 34  ? -6.055  -8.845  -4.382  1.00 31.74 ? 24   TYR A CB  1 
ATOM   145 C CG  . TYR A 1 34  ? -6.463  -8.877  -2.924  1.00 33.41 ? 24   TYR A CG  1 
ATOM   146 C CD1 . TYR A 1 34  ? -7.048  -10.012 -2.373  1.00 31.55 ? 24   TYR A CD1 1 
ATOM   147 C CD2 . TYR A 1 34  ? -6.306  -7.733  -2.094  1.00 33.13 ? 24   TYR A CD2 1 
ATOM   148 C CE1 . TYR A 1 34  ? -7.480  -10.034 -1.053  1.00 31.08 ? 24   TYR A CE1 1 
ATOM   149 C CE2 . TYR A 1 34  ? -6.726  -7.740  -0.772  1.00 31.41 ? 24   TYR A CE2 1 
ATOM   150 C CZ  . TYR A 1 34  ? -7.311  -8.897  -0.252  1.00 32.87 ? 24   TYR A CZ  1 
ATOM   151 O OH  . TYR A 1 34  ? -7.647  -8.962  1.076   1.00 30.02 ? 24   TYR A OH  1 
ATOM   152 N N   . PRO A 1 35  ? -7.859  -10.847 -6.168  1.00 34.31 ? 25   PRO A N   1 
ATOM   153 C CA  . PRO A 1 35  ? -8.710  -12.043 -6.227  1.00 34.53 ? 25   PRO A CA  1 
ATOM   154 C C   . PRO A 1 35  ? -8.484  -12.991 -5.023  1.00 33.50 ? 25   PRO A C   1 
ATOM   155 O O   . PRO A 1 35  ? -7.437  -12.953 -4.374  1.00 32.81 ? 25   PRO A O   1 
ATOM   156 C CB  . PRO A 1 35  ? -8.345  -12.661 -7.589  1.00 33.71 ? 25   PRO A CB  1 
ATOM   157 C CG  . PRO A 1 35  ? -6.869  -12.416 -7.653  1.00 34.20 ? 25   PRO A CG  1 
ATOM   158 C CD  . PRO A 1 35  ? -6.705  -10.982 -7.074  1.00 33.32 ? 25   PRO A CD  1 
ATOM   159 N N   . PRO A 1 36  ? -9.459  -13.856 -4.728  1.00 33.88 ? 26   PRO A N   1 
ATOM   160 C CA  . PRO A 1 36  ? -9.426  -14.821 -3.613  1.00 35.10 ? 26   PRO A CA  1 
ATOM   161 C C   . PRO A 1 36  ? -8.346  -15.902 -3.631  1.00 35.98 ? 26   PRO A C   1 
ATOM   162 O O   . PRO A 1 36  ? -8.053  -16.470 -4.695  1.00 36.78 ? 26   PRO A O   1 
ATOM   163 C CB  . PRO A 1 36  ? -10.800 -15.465 -3.665  1.00 33.99 ? 26   PRO A CB  1 
ATOM   164 C CG  . PRO A 1 36  ? -11.612 -14.596 -4.546  1.00 35.92 ? 26   PRO A CG  1 
ATOM   165 C CD  . PRO A 1 36  ? -10.649 -14.081 -5.557  1.00 33.93 ? 26   PRO A CD  1 
ATOM   166 N N   . THR A 1 37  ? -7.730  -16.171 -2.479  1.00 36.87 ? 27   THR A N   1 
ATOM   167 C CA  . THR A 1 37  ? -6.757  -17.275 -2.396  1.00 38.91 ? 27   THR A CA  1 
ATOM   168 C C   . THR A 1 37  ? -7.161  -18.280 -1.310  1.00 39.99 ? 27   THR A C   1 
ATOM   169 O O   . THR A 1 37  ? -6.324  -18.814 -0.594  1.00 42.90 ? 27   THR A O   1 
ATOM   170 C CB  . THR A 1 37  ? -5.352  -16.809 -2.074  1.00 38.16 ? 27   THR A CB  1 
ATOM   171 O OG1 . THR A 1 37  ? -5.354  -16.060 -0.852  1.00 38.26 ? 27   THR A OG1 1 
ATOM   172 C CG2 . THR A 1 37  ? -4.824  -16.007 -3.193  1.00 39.30 ? 27   THR A CG2 1 
ATOM   173 N N   . GLY A 1 38  ? -8.450  -18.519 -1.163  1.00 42.22 ? 28   GLY A N   1 
ATOM   174 C CA  . GLY A 1 38  ? -8.908  -19.475 -0.162  1.00 44.39 ? 28   GLY A CA  1 
ATOM   175 C C   . GLY A 1 38  ? -8.608  -19.157 1.294   1.00 45.48 ? 28   GLY A C   1 
ATOM   176 O O   . GLY A 1 38  ? -8.783  -18.026 1.778   1.00 44.70 ? 28   GLY A O   1 
ATOM   177 N N   . SER A 1 39  ? -8.133  -20.183 1.990   1.00 45.67 ? 29   SER A N   1 
ATOM   178 C CA  . SER A 1 39  ? -7.792  -20.088 3.404   1.00 44.67 ? 29   SER A CA  1 
ATOM   179 C C   . SER A 1 39  ? -6.388  -19.528 3.568   1.00 43.54 ? 29   SER A C   1 
ATOM   180 O O   . SER A 1 39  ? -5.938  -19.383 4.699   1.00 44.20 ? 29   SER A O   1 
ATOM   181 C CB  . SER A 1 39  ? -7.794  -21.472 4.035   1.00 45.75 ? 29   SER A CB  1 
ATOM   182 O OG  . SER A 1 39  ? -6.593  -22.183 3.681   1.00 48.77 ? 29   SER A OG  1 
ATOM   183 N N   . LEU A 1 40  ? -5.679  -19.263 2.464   1.00 41.37 ? 30   LEU A N   1 
ATOM   184 C CA  . LEU A 1 40  ? -4.306  -18.762 2.558   1.00 40.07 ? 30   LEU A CA  1 
ATOM   185 C C   . LEU A 1 40  ? -4.238  -17.199 2.662   1.00 39.37 ? 30   LEU A C   1 
ATOM   186 O O   . LEU A 1 40  ? -4.968  -16.484 1.937   1.00 38.42 ? 30   LEU A O   1 
ATOM   187 C CB  . LEU A 1 40  ? -3.510  -19.275 1.357   1.00 40.10 ? 30   LEU A CB  1 
ATOM   188 C CG  . LEU A 1 40  ? -2.883  -20.656 1.574   1.00 41.09 ? 30   LEU A CG  1 
ATOM   189 C CD1 . LEU A 1 40  ? -1.961  -21.032 0.432   1.00 39.87 ? 30   LEU A CD1 1 
ATOM   190 C CD2 . LEU A 1 40  ? -2.081  -20.607 2.841   1.00 41.62 ? 30   LEU A CD2 1 
ATOM   191 N N   . TYR A 1 41  ? -3.379  -16.678 3.542   1.00 36.39 ? 31   TYR A N   1 
ATOM   192 C CA  . TYR A 1 41  ? -3.303  -15.228 3.705   1.00 34.29 ? 31   TYR A CA  1 
ATOM   193 C C   . TYR A 1 41  ? -2.066  -14.575 3.143   1.00 33.26 ? 31   TYR A C   1 
ATOM   194 O O   . TYR A 1 41  ? -0.950  -14.885 3.532   1.00 33.25 ? 31   TYR A O   1 
ATOM   195 C CB  . TYR A 1 41  ? -3.431  -14.771 5.169   1.00 30.86 ? 31   TYR A CB  1 
ATOM   196 C CG  . TYR A 1 41  ? -3.489  -13.225 5.303   1.00 28.52 ? 31   TYR A CG  1 
ATOM   197 C CD1 . TYR A 1 41  ? -2.386  -12.490 5.744   1.00 29.62 ? 31   TYR A CD1 1 
ATOM   198 C CD2 . TYR A 1 41  ? -4.639  -12.521 4.951   1.00 28.24 ? 31   TYR A CD2 1 
ATOM   199 C CE1 . TYR A 1 41  ? -2.430  -11.095 5.829   1.00 27.96 ? 31   TYR A CE1 1 
ATOM   200 C CE2 . TYR A 1 41  ? -4.700  -11.125 5.026   1.00 29.36 ? 31   TYR A CE2 1 
ATOM   201 C CZ  . TYR A 1 41  ? -3.587  -10.432 5.470   1.00 26.83 ? 31   TYR A CZ  1 
ATOM   202 O OH  . TYR A 1 41  ? -3.650  -9.092  5.563   1.00 26.99 ? 31   TYR A OH  1 
ATOM   203 N N   . GLU A 1 42  ? -2.291  -13.615 2.259   1.00 32.71 ? 32   GLU A N   1 
ATOM   204 C CA  . GLU A 1 42  ? -1.213  -12.860 1.640   1.00 31.64 ? 32   GLU A CA  1 
ATOM   205 C C   . GLU A 1 42  ? -0.948  -11.534 2.367   1.00 31.42 ? 32   GLU A C   1 
ATOM   206 O O   . GLU A 1 42  ? -1.854  -10.677 2.492   1.00 30.25 ? 32   GLU A O   1 
ATOM   207 C CB  . GLU A 1 42  ? -1.569  -12.575 0.185   1.00 31.36 ? 32   GLU A CB  1 
ATOM   208 C CG  . GLU A 1 42  ? -1.705  -13.839 -0.739  1.00 34.73 ? 32   GLU A CG  1 
ATOM   209 C CD  . GLU A 1 42  ? -1.960  -13.444 -2.212  1.00 37.05 ? 32   GLU A CD  1 
ATOM   210 O OE1 . GLU A 1 42  ? -3.111  -13.032 -2.573  1.00 38.00 ? 32   GLU A OE1 1 
ATOM   211 O OE2 . GLU A 1 42  ? -0.997  -13.512 -3.006  1.00 37.34 ? 32   GLU A OE2 1 
ATOM   212 N N   . LYS A 1 43  ? 0.268   -11.344 2.855   1.00 30.44 ? 33   LYS A N   1 
ATOM   213 C CA  . LYS A 1 43  ? 0.565   -10.071 3.483   1.00 32.54 ? 33   LYS A CA  1 
ATOM   214 C C   . LYS A 1 43  ? 0.391   -8.915  2.464   1.00 31.22 ? 33   LYS A C   1 
ATOM   215 O O   . LYS A 1 43  ? 0.648   -9.079  1.263   1.00 29.27 ? 33   LYS A O   1 
ATOM   216 C CB  . LYS A 1 43  ? 1.970   -10.089 4.037   1.00 34.81 ? 33   LYS A CB  1 
ATOM   217 C CG  . LYS A 1 43  ? 2.031   -11.110 5.127   1.00 38.48 ? 33   LYS A CG  1 
ATOM   218 C CD  . LYS A 1 43  ? 3.375   -11.144 5.779   1.00 41.61 ? 33   LYS A CD  1 
ATOM   219 C CE  . LYS A 1 43  ? 3.293   -12.119 6.959   1.00 43.00 ? 33   LYS A CE  1 
ATOM   220 N NZ  . LYS A 1 43  ? 4.543   -11.930 7.773   1.00 46.35 ? 33   LYS A NZ  1 
ATOM   221 N N   . LYS A 1 44  ? -0.055  -7.757  2.945   1.00 28.59 ? 34   LYS A N   1 
ATOM   222 C CA  . LYS A 1 44  ? -0.287  -6.597  2.059   1.00 26.22 ? 34   LYS A CA  1 
ATOM   223 C C   . LYS A 1 44  ? 0.718   -5.557  2.481   1.00 26.31 ? 34   LYS A C   1 
ATOM   224 O O   . LYS A 1 44  ? 0.989   -5.410  3.689   1.00 28.07 ? 34   LYS A O   1 
ATOM   225 C CB  . LYS A 1 44  ? -1.719  -6.109  2.265   1.00 25.04 ? 34   LYS A CB  1 
ATOM   226 C CG  . LYS A 1 44  ? -2.812  -7.235  2.164   1.00 20.58 ? 34   LYS A CG  1 
ATOM   227 C CD  . LYS A 1 44  ? -2.792  -7.883  0.775   1.00 23.52 ? 34   LYS A CD  1 
ATOM   228 C CE  . LYS A 1 44  ? -4.011  -8.758  0.516   1.00 20.90 ? 34   LYS A CE  1 
ATOM   229 N NZ  . LYS A 1 44  ? -4.198  -9.749  1.655   1.00 25.76 ? 34   LYS A NZ  1 
ATOM   230 N N   . GLY A 1 45  ? 1.311   -4.836  1.530   1.00 25.76 ? 35   GLY A N   1 
ATOM   231 C CA  . GLY A 1 45  ? 2.311   -3.839  1.921   1.00 25.16 ? 35   GLY A CA  1 
ATOM   232 C C   . GLY A 1 45  ? 2.177   -2.595  1.071   1.00 26.57 ? 35   GLY A C   1 
ATOM   233 O O   . GLY A 1 45  ? 1.591   -2.630  -0.017  1.00 25.52 ? 35   GLY A O   1 
ATOM   234 N N   . TRP A 1 46  ? 2.711   -1.497  1.586   1.00 27.23 ? 36   TRP A N   1 
ATOM   235 C CA  . TRP A 1 46  ? 2.719   -0.198  0.900   1.00 28.75 ? 36   TRP A CA  1 
ATOM   236 C C   . TRP A 1 46  ? 4.171   0.260   1.021   1.00 29.37 ? 36   TRP A C   1 
ATOM   237 O O   . TRP A 1 46  ? 4.735   0.263   2.115   1.00 30.36 ? 36   TRP A O   1 
ATOM   238 C CB  . TRP A 1 46  ? 1.811   0.808   1.617   1.00 28.10 ? 36   TRP A CB  1 
ATOM   239 C CG  . TRP A 1 46  ? 1.759   2.243   1.011   1.00 27.34 ? 36   TRP A CG  1 
ATOM   240 C CD1 . TRP A 1 46  ? 2.149   3.416   1.643   1.00 26.36 ? 36   TRP A CD1 1 
ATOM   241 C CD2 . TRP A 1 46  ? 1.160   2.650   -0.241  1.00 25.43 ? 36   TRP A CD2 1 
ATOM   242 N NE1 . TRP A 1 46  ? 1.817   4.509   0.872   1.00 24.27 ? 36   TRP A NE1 1 
ATOM   243 C CE2 . TRP A 1 46  ? 1.212   4.079   -0.287  1.00 25.71 ? 36   TRP A CE2 1 
ATOM   244 C CE3 . TRP A 1 46  ? 0.577   1.949   -1.329  1.00 25.66 ? 36   TRP A CE3 1 
ATOM   245 C CZ2 . TRP A 1 46  ? 0.706   4.822   -1.370  1.00 22.84 ? 36   TRP A CZ2 1 
ATOM   246 C CZ3 . TRP A 1 46  ? 0.076   2.673   -2.403  1.00 24.92 ? 36   TRP A CZ3 1 
ATOM   247 C CH2 . TRP A 1 46  ? 0.142   4.123   -2.414  1.00 26.16 ? 36   TRP A CH2 1 
ATOM   248 N N   . CYS A 1 47  ? 4.799   0.622   -0.096  1.00 30.60 ? 37   CYS A N   1 
ATOM   249 C CA  . CYS A 1 47  ? 6.182   1.053   0.015   1.00 32.04 ? 37   CYS A CA  1 
ATOM   250 C C   . CYS A 1 47  ? 6.449   2.172   -0.967  1.00 31.32 ? 37   CYS A C   1 
ATOM   251 O O   . CYS A 1 47  ? 5.740   2.341   -1.942  1.00 31.20 ? 37   CYS A O   1 
ATOM   252 C CB  . CYS A 1 47  ? 7.132   -0.131  -0.240  1.00 36.41 ? 37   CYS A CB  1 
ATOM   253 S SG  . CYS A 1 47  ? 6.815   -0.805  -1.886  1.00 41.80 ? 37   CYS A SG  1 
ATOM   254 N N   . LYS A 1 48  ? 7.499   2.927   -0.700  1.00 32.44 ? 38   LYS A N   1 
ATOM   255 C CA  . LYS A 1 48  ? 7.859   4.047   -1.539  1.00 33.71 ? 38   LYS A CA  1 
ATOM   256 C C   . LYS A 1 48  ? 9.107   3.757   -2.366  1.00 33.51 ? 38   LYS A C   1 
ATOM   257 O O   . LYS A 1 48  ? 10.112  3.343   -1.809  1.00 33.47 ? 38   LYS A O   1 
ATOM   258 C CB  . LYS A 1 48  ? 8.120   5.287   -0.670  1.00 31.74 ? 38   LYS A CB  1 
ATOM   259 C CG  . LYS A 1 48  ? 8.264   6.507   -1.517  1.00 33.04 ? 38   LYS A CG  1 
ATOM   260 C CD  . LYS A 1 48  ? 8.309   7.792   -0.724  1.00 36.17 ? 38   LYS A CD  1 
ATOM   261 C CE  . LYS A 1 48  ? 8.202   8.951   -1.701  1.00 36.57 ? 38   LYS A CE  1 
ATOM   262 N NZ  . LYS A 1 48  ? 8.879   10.172  -1.214  1.00 38.83 ? 38   LYS A NZ  1 
ATOM   263 N N   . GLU A 1 49  ? 9.069   4.011   -3.670  1.00 34.85 ? 39   GLU A N   1 
ATOM   264 C CA  . GLU A 1 49  ? 10.250  3.739   -4.495  1.00 38.61 ? 39   GLU A CA  1 
ATOM   265 C C   . GLU A 1 49  ? 11.411  4.615   -4.121  1.00 41.22 ? 39   GLU A C   1 
ATOM   266 O O   . GLU A 1 49  ? 11.257  5.839   -4.086  1.00 41.83 ? 39   GLU A O   1 
ATOM   267 C CB  . GLU A 1 49  ? 10.007  4.004   -5.980  1.00 38.21 ? 39   GLU A CB  1 
ATOM   268 C CG  . GLU A 1 49  ? 9.378   2.885   -6.737  1.00 37.50 ? 39   GLU A CG  1 
ATOM   269 C CD  . GLU A 1 49  ? 9.050   3.236   -8.173  1.00 37.19 ? 39   GLU A CD  1 
ATOM   270 O OE1 . GLU A 1 49  ? 8.244   2.552   -8.807  1.00 39.04 ? 39   GLU A OE1 1 
ATOM   271 O OE2 . GLU A 1 49  ? 9.662   4.296   -8.702  1.00 35.67 ? 39   GLU A OE2 1 
ATOM   272 N N   . ALA A 1 50  ? 12.568  4.004   -3.874  1.00 44.00 ? 40   ALA A N   1 
ATOM   273 C CA  . ALA A 1 50  ? 13.787  4.759   -3.582  1.00 47.68 ? 40   ALA A CA  1 
ATOM   274 C C   . ALA A 1 50  ? 14.687  4.704   -4.848  1.00 50.69 ? 40   ALA A C   1 
ATOM   275 O O   . ALA A 1 50  ? 15.479  5.619   -5.109  1.00 50.61 ? 40   ALA A O   1 
ATOM   276 C CB  . ALA A 1 50  ? 14.510  4.176   -2.373  1.00 46.78 ? 40   ALA A CB  1 
ATOM   277 N N   . SER A 1 51  ? 14.524  3.642   -5.642  1.00 53.59 ? 41   SER A N   1 
ATOM   278 C CA  . SER A 1 51  ? 15.267  3.417   -6.865  1.00 56.00 ? 41   SER A CA  1 
ATOM   279 C C   . SER A 1 51  ? 14.446  2.456   -7.735  1.00 57.52 ? 41   SER A C   1 
ATOM   280 O O   . SER A 1 51  ? 13.395  1.987   -7.315  1.00 58.34 ? 41   SER A O   1 
ATOM   281 C CB  . SER A 1 51  ? 16.656  2.823   -6.574  1.00 55.08 ? 41   SER A CB  1 
ATOM   282 O OG  . SER A 1 51  ? 16.593  1.421   -6.395  1.00 56.69 ? 41   SER A OG  1 
ATOM   283 N N   . ALA A 1 52  ? 14.894  2.152   -8.948  1.00 58.79 ? 42   ALA A N   1 
ATOM   284 C CA  . ALA A 1 52  ? 14.102  1.253   -9.816  1.00 59.92 ? 42   ALA A CA  1 
ATOM   285 C C   . ALA A 1 52  ? 14.069  -0.142  -9.249  1.00 60.27 ? 42   ALA A C   1 
ATOM   286 O O   . ALA A 1 52  ? 13.272  -0.985  -9.681  1.00 60.77 ? 42   ALA A O   1 
ATOM   287 C CB  . ALA A 1 52  ? 14.678  1.199   -11.212 1.00 60.96 ? 42   ALA A CB  1 
ATOM   288 N N   . LEU A 1 53  ? 14.927  -0.365  -8.297  1.00 59.81 ? 43   LEU A N   1 
ATOM   289 C CA  . LEU A 1 53  ? 14.899  -1.699  -7.784  1.00 59.52 ? 43   LEU A CA  1 
ATOM   290 C C   . LEU A 1 53  ? 14.852  -1.752  -6.268  1.00 58.57 ? 43   LEU A C   1 
ATOM   291 O O   . LEU A 1 53  ? 15.185  -2.790  -5.675  1.00 57.89 ? 43   LEU A O   1 
ATOM   292 C CB  . LEU A 1 53  ? 16.122  -2.483  -8.263  1.00 61.72 ? 43   LEU A CB  1 
ATOM   293 C CG  . LEU A 1 53  ? 16.218  -2.737  -9.768  1.00 63.10 ? 43   LEU A CG  1 
ATOM   294 C CD1 . LEU A 1 53  ? 17.534  -3.414  -10.118 1.00 64.00 ? 43   LEU A CD1 1 
ATOM   295 C CD2 . LEU A 1 53  ? 15.042  -3.575  -10.248 1.00 62.58 ? 43   LEU A CD2 1 
ATOM   296 N N   . VAL A 1 54  ? 14.453  -0.654  -5.617  1.00 56.56 ? 44   VAL A N   1 
ATOM   297 C CA  . VAL A 1 54  ? 14.307  -0.561  -4.151  1.00 54.51 ? 44   VAL A CA  1 
ATOM   298 C C   . VAL A 1 54  ? 13.019  0.172   -3.806  1.00 52.97 ? 44   VAL A C   1 
ATOM   299 O O   . VAL A 1 54  ? 12.829  1.316   -4.189  1.00 51.89 ? 44   VAL A O   1 
ATOM   300 C CB  . VAL A 1 54  ? 15.476  0.190   -3.528  1.00 54.53 ? 44   VAL A CB  1 
ATOM   301 C CG1 . VAL A 1 54  ? 15.409  0.172   -2.013  1.00 53.89 ? 44   VAL A CG1 1 
ATOM   302 C CG2 . VAL A 1 54  ? 16.803  -0.390  -3.993  1.00 54.55 ? 44   VAL A CG2 1 
ATOM   303 N N   . CYS A 1 55  ? 12.148  -0.509  -3.063  1.00 51.49 ? 45   CYS A N   1 
ATOM   304 C CA  . CYS A 1 55  ? 10.883  0.055   -2.613  1.00 48.92 ? 45   CYS A CA  1 
ATOM   305 C C   . CYS A 1 55  ? 10.912  -0.186  -1.115  1.00 48.18 ? 45   CYS A C   1 
ATOM   306 O O   . CYS A 1 55  ? 10.818  -1.333  -0.663  1.00 49.90 ? 45   CYS A O   1 
ATOM   307 C CB  . CYS A 1 55  ? 9.685   -0.671  -3.245  1.00 47.91 ? 45   CYS A CB  1 
ATOM   308 S SG  . CYS A 1 55  ? 8.080   0.260   -3.126  1.00 51.61 ? 45   CYS A SG  1 
ATOM   309 N N   . ILE A 1 56  ? 11.051  0.892   -0.353  1.00 45.16 ? 46   ILE A N   1 
ATOM   310 C CA  . ILE A 1 56  ? 11.104  0.869   1.109   1.00 42.70 ? 46   ILE A CA  1 
ATOM   311 C C   . ILE A 1 56  ? 9.716   0.656   1.747   1.00 41.55 ? 46   ILE A C   1 
ATOM   312 O O   . ILE A 1 56  ? 8.767   1.431   1.501   1.00 40.53 ? 46   ILE A O   1 
ATOM   313 C CB  . ILE A 1 56  ? 11.670  2.187   1.570   1.00 43.67 ? 46   ILE A CB  1 
ATOM   314 C CG1 . ILE A 1 56  ? 13.060  2.339   0.943   1.00 44.05 ? 46   ILE A CG1 1 
ATOM   315 C CG2 . ILE A 1 56  ? 11.621  2.286   3.097   1.00 44.09 ? 46   ILE A CG2 1 
ATOM   316 C CD1 . ILE A 1 56  ? 13.959  3.265   1.687   1.00 47.92 ? 46   ILE A CD1 1 
ATOM   317 N N   . ARG A 1 57  ? 9.602   -0.382  2.571   1.00 39.46 ? 47   ARG A N   1 
ATOM   318 C CA  . ARG A 1 57  ? 8.327   -0.731  3.201   1.00 38.43 ? 47   ARG A CA  1 
ATOM   319 C C   . ARG A 1 57  ? 7.910   0.299   4.210   1.00 37.16 ? 47   ARG A C   1 
ATOM   320 O O   . ARG A 1 57  ? 8.664   0.588   5.115   1.00 38.41 ? 47   ARG A O   1 
ATOM   321 C CB  . ARG A 1 57  ? 8.423   -2.072  3.911   1.00 37.85 ? 47   ARG A CB  1 
ATOM   322 C CG  . ARG A 1 57  ? 7.082   -2.605  4.413   1.00 39.70 ? 47   ARG A CG  1 
ATOM   323 C CD  . ARG A 1 57  ? 6.191   -3.016  3.236   1.00 41.82 ? 47   ARG A CD  1 
ATOM   324 N NE  . ARG A 1 57  ? 6.765   -4.148  2.491   1.00 44.38 ? 47   ARG A NE  1 
ATOM   325 C CZ  . ARG A 1 57  ? 6.789   -5.404  2.953   1.00 45.51 ? 47   ARG A CZ  1 
ATOM   326 N NH1 . ARG A 1 57  ? 6.271   -5.695  4.146   1.00 42.84 ? 47   ARG A NH1 1 
ATOM   327 N NH2 . ARG A 1 57  ? 7.332   -6.377  2.227   1.00 45.53 ? 47   ARG A NH2 1 
ATOM   328 N N   . LEU A 1 58  ? 6.704   0.828   4.074   1.00 35.39 ? 48   LEU A N   1 
ATOM   329 C CA  . LEU A 1 58  ? 6.223   1.836   5.004   1.00 34.59 ? 48   LEU A CA  1 
ATOM   330 C C   . LEU A 1 58  ? 5.259   1.233   6.029   1.00 34.22 ? 48   LEU A C   1 
ATOM   331 O O   . LEU A 1 58  ? 5.266   1.604   7.194   1.00 35.08 ? 48   LEU A O   1 
ATOM   332 C CB  . LEU A 1 58  ? 5.542   2.974   4.227   1.00 34.24 ? 48   LEU A CB  1 
ATOM   333 C CG  . LEU A 1 58  ? 6.524   3.701   3.276   1.00 35.69 ? 48   LEU A CG  1 
ATOM   334 C CD1 . LEU A 1 58  ? 5.838   4.798   2.537   1.00 35.75 ? 48   LEU A CD1 1 
ATOM   335 C CD2 . LEU A 1 58  ? 7.644   4.274   4.072   1.00 34.95 ? 48   LEU A CD2 1 
ATOM   336 N N   . VAL A 1 59  ? 4.439   0.294   5.588   1.00 32.43 ? 49   VAL A N   1 
ATOM   337 C CA  . VAL A 1 59  ? 3.489   -0.339  6.456   1.00 30.00 ? 49   VAL A CA  1 
ATOM   338 C C   . VAL A 1 59  ? 3.077   -1.681  5.786   1.00 29.87 ? 49   VAL A C   1 
ATOM   339 O O   . VAL A 1 59  ? 3.043   -1.784  4.545   1.00 28.18 ? 49   VAL A O   1 
ATOM   340 C CB  . VAL A 1 59  ? 2.282   0.601   6.687   1.00 28.39 ? 49   VAL A CB  1 
ATOM   341 C CG1 . VAL A 1 59  ? 1.625   0.950   5.385   1.00 29.45 ? 49   VAL A CG1 1 
ATOM   342 C CG2 . VAL A 1 59  ? 1.271   -0.046  7.614   1.00 27.84 ? 49   VAL A CG2 1 
ATOM   343 N N   . THR A 1 60  ? 2.755   -2.670  6.629   1.00 30.11 ? 50   THR A N   1 
ATOM   344 C CA  . THR A 1 60  ? 2.391   -4.021  6.217   1.00 31.52 ? 50   THR A CA  1 
ATOM   345 C C   . THR A 1 60  ? 1.262   -4.612  7.041   1.00 31.58 ? 50   THR A C   1 
ATOM   346 O O   . THR A 1 60  ? 1.241   -4.444  8.252   1.00 32.74 ? 50   THR A O   1 
ATOM   347 C CB  . THR A 1 60  ? 3.586   -4.978  6.412   1.00 32.87 ? 50   THR A CB  1 
ATOM   348 O OG1 . THR A 1 60  ? 4.752   -4.407  5.812   1.00 33.79 ? 50   THR A OG1 1 
ATOM   349 C CG2 . THR A 1 60  ? 3.304   -6.354  5.741   1.00 34.95 ? 50   THR A CG2 1 
ATOM   350 N N   . SER A 1 61  ? 0.322   -5.286  6.383   1.00 31.00 ? 51   SER A N   1 
ATOM   351 C CA  . SER A 1 61  ? -0.767  -5.983  7.080   1.00 29.81 ? 51   SER A CA  1 
ATOM   352 C C   . SER A 1 61  ? -0.325  -7.448  7.070   1.00 31.90 ? 51   SER A C   1 
ATOM   353 O O   . SER A 1 61  ? -0.243  -8.044  5.982   1.00 30.05 ? 51   SER A O   1 
ATOM   354 C CB  . SER A 1 61  ? -2.053  -5.911  6.301   1.00 28.62 ? 51   SER A CB  1 
ATOM   355 O OG  . SER A 1 61  ? -3.066  -6.605  6.999   1.00 26.33 ? 51   SER A OG  1 
ATOM   356 N N   . SER A 1 62  ? -0.048  -8.002  8.254   1.00 31.25 ? 52   SER A N   1 
ATOM   357 C CA  . SER A 1 62  ? 0.420   -9.376  8.409   1.00 32.61 ? 52   SER A CA  1 
ATOM   358 C C   . SER A 1 62  ? -0.679  -10.383 8.696   1.00 32.61 ? 52   SER A C   1 
ATOM   359 O O   . SER A 1 62  ? -0.480  -11.578 8.518   1.00 31.87 ? 52   SER A O   1 
ATOM   360 C CB  . SER A 1 62  ? 1.485   -9.440  9.525   1.00 33.16 ? 52   SER A CB  1 
ATOM   361 O OG  . SER A 1 62  ? 2.679   -8.764  9.100   1.00 36.64 ? 52   SER A OG  1 
ATOM   362 N N   . LYS A 1 63  ? -1.828  -9.898  9.172   1.00 31.93 ? 53   LYS A N   1 
ATOM   363 C CA  . LYS A 1 63  ? -2.972  -10.745 9.470   1.00 31.18 ? 53   LYS A CA  1 
ATOM   364 C C   . LYS A 1 63  ? -4.225  -9.998  9.027   1.00 29.22 ? 53   LYS A C   1 
ATOM   365 O O   . LYS A 1 63  ? -4.257  -8.788  9.027   1.00 29.14 ? 53   LYS A O   1 
ATOM   366 C CB  . LYS A 1 63  ? -3.013  -11.065 10.968  1.00 32.88 ? 53   LYS A CB  1 
ATOM   367 C CG  . LYS A 1 63  ? -1.919  -11.987 11.341  1.00 35.56 ? 53   LYS A CG  1 
ATOM   368 C CD  . LYS A 1 63  ? -2.205  -12.646 12.640  1.00 39.62 ? 53   LYS A CD  1 
ATOM   369 C CE  . LYS A 1 63  ? -1.566  -11.918 13.773  1.00 40.96 ? 53   LYS A CE  1 
ATOM   370 N NZ  . LYS A 1 63  ? -1.173  -13.016 14.685  1.00 45.48 ? 53   LYS A NZ  1 
ATOM   371 N N   . PRO A 1 64  ? -5.272  -10.723 8.630   1.00 28.66 ? 54   PRO A N   1 
ATOM   372 C CA  . PRO A 1 64  ? -6.498  -10.059 8.175   1.00 27.37 ? 54   PRO A CA  1 
ATOM   373 C C   . PRO A 1 64  ? -7.251  -9.237  9.228   1.00 28.58 ? 54   PRO A C   1 
ATOM   374 O O   . PRO A 1 64  ? -7.227  -9.575  10.407  1.00 27.93 ? 54   PRO A O   1 
ATOM   375 C CB  . PRO A 1 64  ? -7.332  -11.210 7.622   1.00 27.08 ? 54   PRO A CB  1 
ATOM   376 C CG  . PRO A 1 64  ? -6.872  -12.401 8.422   1.00 27.27 ? 54   PRO A CG  1 
ATOM   377 C CD  . PRO A 1 64  ? -5.385  -12.198 8.629   1.00 25.92 ? 54   PRO A CD  1 
ATOM   378 N N   . ARG A 1 65  ? -7.899  -8.147  8.776   1.00 28.65 ? 55   ARG A N   1 
ATOM   379 C CA  . ARG A 1 65  ? -8.685  -7.281  9.626   1.00 28.07 ? 55   ARG A CA  1 
ATOM   380 C C   . ARG A 1 65  ? -7.922  -6.901  10.905  1.00 29.37 ? 55   ARG A C   1 
ATOM   381 O O   . ARG A 1 65  ? -8.404  -7.083  12.012  1.00 29.61 ? 55   ARG A O   1 
ATOM   382 C CB  . ARG A 1 65  ? -9.987  -7.996  9.933   1.00 27.58 ? 55   ARG A CB  1 
ATOM   383 C CG  . ARG A 1 65  ? -10.844 -8.261  8.688   1.00 25.01 ? 55   ARG A CG  1 
ATOM   384 C CD  . ARG A 1 65  ? -12.046 -9.128  9.014   1.00 26.75 ? 55   ARG A CD  1 
ATOM   385 N NE  . ARG A 1 65  ? -11.599 -10.445 9.477   1.00 27.43 ? 55   ARG A NE  1 
ATOM   386 C CZ  . ARG A 1 65  ? -11.268 -11.457 8.660   1.00 28.69 ? 55   ARG A CZ  1 
ATOM   387 N NH1 . ARG A 1 65  ? -11.373 -11.338 7.336   1.00 26.56 ? 55   ARG A NH1 1 
ATOM   388 N NH2 . ARG A 1 65  ? -10.674 -12.532 9.161   1.00 23.70 ? 55   ARG A NH2 1 
ATOM   389 N N   . THR A 1 66  ? -6.688  -6.450  10.743  1.00 30.09 ? 56   THR A N   1 
ATOM   390 C CA  . THR A 1 66  ? -5.886  -6.021  11.885  1.00 34.92 ? 56   THR A CA  1 
ATOM   391 C C   . THR A 1 66  ? -5.671  -4.492  11.785  1.00 38.69 ? 56   THR A C   1 
ATOM   392 O O   . THR A 1 66  ? -5.639  -3.914  10.688  1.00 36.75 ? 56   THR A O   1 
ATOM   393 C CB  . THR A 1 66  ? -4.470  -6.674  11.928  1.00 34.32 ? 56   THR A CB  1 
ATOM   394 O OG1 . THR A 1 66  ? -3.899  -6.689  10.606  1.00 33.38 ? 56   THR A OG1 1 
ATOM   395 C CG2 . THR A 1 66  ? -4.528  -8.088  12.510  1.00 33.74 ? 56   THR A CG2 1 
ATOM   396 N N   . MET A 1 67  ? -5.550  -3.841  12.930  1.00 44.29 ? 57   MET A N   1 
ATOM   397 C CA  . MET A 1 67  ? -5.322  -2.400  12.939  1.00 51.18 ? 57   MET A CA  1 
ATOM   398 C C   . MET A 1 67  ? -3.825  -2.207  12.752  1.00 53.72 ? 57   MET A C   1 
ATOM   399 O O   . MET A 1 67  ? -3.131  -1.811  13.693  1.00 53.28 ? 57   MET A O   1 
ATOM   400 C CB  . MET A 1 67  ? -5.752  -1.780  14.276  1.00 54.64 ? 57   MET A CB  1 
ATOM   401 C CG  . MET A 1 67  ? -7.215  -2.026  14.650  1.00 59.65 ? 57   MET A CG  1 
ATOM   402 S SD  . MET A 1 67  ? -8.390  -0.681  14.255  1.00 67.14 ? 57   MET A SD  1 
ATOM   403 C CE  . MET A 1 67  ? -8.261  0.274   15.811  1.00 63.65 ? 57   MET A CE  1 
ATOM   404 N N   . ALA A 1 68  ? -3.347  -2.517  11.535  1.00 57.18 ? 58   ALA A N   1 
ATOM   405 C CA  . ALA A 1 68  ? -1.931  -2.389  11.150  1.00 60.69 ? 58   ALA A CA  1 
ATOM   406 C C   . ALA A 1 68  ? -1.458  -0.906  11.150  1.00 63.10 ? 58   ALA A C   1 
ATOM   407 O O   . ALA A 1 68  ? -1.596  -0.180  10.168  1.00 62.08 ? 58   ALA A O   1 
ATOM   408 C CB  . ALA A 1 68  ? -1.687  -3.043  9.758   1.00 59.30 ? 58   ALA A CB  1 
ATOM   409 N N   . TRP A 1 69  ? -0.891  -0.508  12.291  1.00 66.57 ? 59   TRP A N   1 
ATOM   410 C CA  . TRP A 1 69  ? -0.383  0.838   12.582  1.00 68.74 ? 59   TRP A CA  1 
ATOM   411 C C   . TRP A 1 69  ? 0.943   1.195   11.857  1.00 68.36 ? 59   TRP A C   1 
ATOM   412 O O   . TRP A 1 69  ? 1.147   0.839   10.700  1.00 68.67 ? 59   TRP A O   1 
ATOM   413 C CB  . TRP A 1 69  ? -0.179  0.917   14.098  1.00 72.00 ? 59   TRP A CB  1 
ATOM   414 C CG  . TRP A 1 69  ? -0.524  2.198   14.721  1.00 75.25 ? 59   TRP A CG  1 
ATOM   415 C CD1 . TRP A 1 69  ? -1.777  2.645   15.044  1.00 76.44 ? 59   TRP A CD1 1 
ATOM   416 C CD2 . TRP A 1 69  ? 0.390   3.225   15.116  1.00 76.61 ? 59   TRP A CD2 1 
ATOM   417 N NE1 . TRP A 1 69  ? -1.694  3.894   15.619  1.00 77.42 ? 59   TRP A NE1 1 
ATOM   418 C CE2 . TRP A 1 69  ? -0.376  4.272   15.673  1.00 77.19 ? 59   TRP A CE2 1 
ATOM   419 C CE3 . TRP A 1 69  ? 1.785   3.363   15.050  1.00 77.26 ? 59   TRP A CE3 1 
ATOM   420 C CZ2 . TRP A 1 69  ? 0.208   5.444   16.158  1.00 77.99 ? 59   TRP A CZ2 1 
ATOM   421 C CZ3 . TRP A 1 69  ? 2.366   4.523   15.527  1.00 77.77 ? 59   TRP A CZ3 1 
ATOM   422 C CH2 . TRP A 1 69  ? 1.577   5.554   16.077  1.00 78.85 ? 59   TRP A CH2 1 
ATOM   423 N N   . THR A 1 70  ? 1.823   1.893   12.585  1.00 67.12 ? 60   THR A N   1 
ATOM   424 C CA  . THR A 1 70  ? 3.166   2.402   12.182  1.00 64.92 ? 60   THR A CA  1 
ATOM   425 C C   . THR A 1 70  ? 3.168   3.888   11.741  1.00 62.25 ? 60   THR A C   1 
ATOM   426 O O   . THR A 1 70  ? 3.393   4.245   10.584  1.00 61.14 ? 60   THR A O   1 
ATOM   427 C CB  . THR A 1 70  ? 3.968   1.484   11.108  1.00 65.86 ? 60   THR A CB  1 
ATOM   428 O OG1 . THR A 1 70  ? 3.557   1.768   9.766   1.00 65.76 ? 60   THR A OG1 1 
ATOM   429 C CG2 . THR A 1 70  ? 3.780   -0.011  11.409  1.00 65.67 ? 60   THR A CG2 1 
ATOM   430 N N   . SER A 1 71  ? 2.912   4.750   12.719  1.00 60.02 ? 61   SER A N   1 
ATOM   431 C CA  . SER A 1 71  ? 2.905   6.188   12.510  1.00 56.89 ? 61   SER A CA  1 
ATOM   432 C C   . SER A 1 71  ? 1.787   6.642   11.603  1.00 52.78 ? 61   SER A C   1 
ATOM   433 O O   . SER A 1 71  ? 0.639   6.192   11.711  1.00 52.96 ? 61   SER A O   1 
ATOM   434 C CB  . SER A 1 71  ? 4.250   6.632   11.925  1.00 58.90 ? 61   SER A CB  1 
ATOM   435 O OG  . SER A 1 71  ? 4.185   7.982   11.487  1.00 61.00 ? 61   SER A OG  1 
ATOM   436 N N   . ARG A 1 72  ? 2.150   7.556   10.746  1.00 49.25 ? 62   ARG A N   1 
ATOM   437 C CA  . ARG A 1 72  ? 1.165   8.167   9.837   1.00 46.16 ? 62   ARG A CA  1 
ATOM   438 C C   . ARG A 1 72  ? 0.509   7.194   8.846   1.00 43.46 ? 62   ARG A C   1 
ATOM   439 O O   . ARG A 1 72  ? -0.486  7.542   8.186   1.00 42.41 ? 62   ARG A O   1 
ATOM   440 C CB  . ARG A 1 72  ? 1.828   9.333   9.108   1.00 45.76 ? 62   ARG A CB  1 
ATOM   441 C CG  . ARG A 1 72  ? 2.747   10.203  9.949   1.00 46.32 ? 62   ARG A CG  1 
ATOM   442 C CD  . ARG A 1 72  ? 3.653   11.085  9.092   1.00 45.30 ? 62   ARG A CD  1 
ATOM   443 N NE  . ARG A 1 72  ? 3.019   11.485  7.839   1.00 45.19 ? 62   ARG A NE  1 
ATOM   444 C CZ  . ARG A 1 72  ? 3.607   11.505  6.663   1.00 43.31 ? 62   ARG A CZ  1 
ATOM   445 N NH1 . ARG A 1 72  ? 4.876   11.142  6.543   1.00 43.16 ? 62   ARG A NH1 1 
ATOM   446 N NH2 . ARG A 1 72  ? 2.917   11.896  5.584   1.00 41.89 ? 62   ARG A NH2 1 
ATOM   447 N N   . PHE A 1 73  ? 1.059   5.991   8.715   1.00 41.20 ? 63   PHE A N   1 
ATOM   448 C CA  . PHE A 1 73  ? 0.556   5.010   7.740   1.00 39.89 ? 63   PHE A CA  1 
ATOM   449 C C   . PHE A 1 73  ? -0.163  3.817   8.314   1.00 38.57 ? 63   PHE A C   1 
ATOM   450 O O   . PHE A 1 73  ? 0.306   3.224   9.282   1.00 39.30 ? 63   PHE A O   1 
ATOM   451 C CB  . PHE A 1 73  ? 1.694   4.461   6.889   1.00 41.12 ? 63   PHE A CB  1 
ATOM   452 C CG  . PHE A 1 73  ? 2.795   5.429   6.603   1.00 42.36 ? 63   PHE A CG  1 
ATOM   453 C CD1 . PHE A 1 73  ? 2.656   6.323   5.562   1.00 42.79 ? 63   PHE A CD1 1 
ATOM   454 C CD2 . PHE A 1 73  ? 3.959   5.464   7.364   1.00 42.01 ? 63   PHE A CD2 1 
ATOM   455 C CE1 . PHE A 1 73  ? 3.666   7.248   5.280   1.00 44.10 ? 63   PHE A CE1 1 
ATOM   456 C CE2 . PHE A 1 73  ? 4.966   6.381   7.091   1.00 41.69 ? 63   PHE A CE2 1 
ATOM   457 C CZ  . PHE A 1 73  ? 4.829   7.271   6.059   1.00 42.62 ? 63   PHE A CZ  1 
ATOM   458 N N   . THR A 1 74  ? -1.291  3.436   7.730   1.00 34.18 ? 64   THR A N   1 
ATOM   459 C CA  . THR A 1 74  ? -1.970  2.252   8.235   1.00 32.36 ? 64   THR A CA  1 
ATOM   460 C C   . THR A 1 74  ? -2.600  1.509   7.091   1.00 29.35 ? 64   THR A C   1 
ATOM   461 O O   . THR A 1 74  ? -2.719  2.065   6.027   1.00 26.96 ? 64   THR A O   1 
ATOM   462 C CB  . THR A 1 74  ? -3.083  2.605   9.206   1.00 33.58 ? 64   THR A CB  1 
ATOM   463 O OG1 . THR A 1 74  ? -4.084  3.362   8.508   1.00 32.43 ? 64   THR A OG1 1 
ATOM   464 C CG2 . THR A 1 74  ? -2.503  3.445   10.354  1.00 36.98 ? 64   THR A CG2 1 
ATOM   465 N N   . ILE A 1 75  ? -2.986  0.257   7.327   1.00 27.56 ? 65   ILE A N   1 
ATOM   466 C CA  . ILE A 1 75  ? -3.649  -0.535  6.312   1.00 27.75 ? 65   ILE A CA  1 
ATOM   467 C C   . ILE A 1 75  ? -4.812  -1.245  6.973   1.00 27.10 ? 65   ILE A C   1 
ATOM   468 O O   . ILE A 1 75  ? -4.720  -1.668  8.095   1.00 27.71 ? 65   ILE A O   1 
ATOM   469 C CB  . ILE A 1 75  ? -2.710  -1.645  5.665   1.00 27.89 ? 65   ILE A CB  1 
ATOM   470 C CG1 . ILE A 1 75  ? -1.758  -1.023  4.651   1.00 27.82 ? 65   ILE A CG1 1 
ATOM   471 C CG2 . ILE A 1 75  ? -3.550  -2.732  4.930   1.00 25.04 ? 65   ILE A CG2 1 
ATOM   472 C CD1 . ILE A 1 75  ? -0.657  -1.975  4.157   1.00 29.47 ? 65   ILE A CD1 1 
ATOM   473 N N   . TRP A 1 76  ? -5.933  -1.330  6.294   1.00 24.57 ? 66   TRP A N   1 
ATOM   474 C CA  . TRP A 1 76  ? -6.967  -2.125  6.843   1.00 23.94 ? 66   TRP A CA  1 
ATOM   475 C C   . TRP A 1 76  ? -7.182  -3.108  5.696   1.00 23.34 ? 66   TRP A C   1 
ATOM   476 O O   . TRP A 1 76  ? -7.494  -2.683  4.574   1.00 21.97 ? 66   TRP A O   1 
ATOM   477 C CB  . TRP A 1 76  ? -8.269  -1.363  7.096   1.00 25.60 ? 66   TRP A CB  1 
ATOM   478 C CG  . TRP A 1 76  ? -9.358  -2.318  7.487   1.00 26.80 ? 66   TRP A CG  1 
ATOM   479 C CD1 . TRP A 1 76  ? -10.366 -2.772  6.698   1.00 27.66 ? 66   TRP A CD1 1 
ATOM   480 C CD2 . TRP A 1 76  ? -9.513  -2.980  8.756   1.00 28.23 ? 66   TRP A CD2 1 
ATOM   481 N NE1 . TRP A 1 76  ? -11.155 -3.676  7.395   1.00 28.76 ? 66   TRP A NE1 1 
ATOM   482 C CE2 . TRP A 1 76  ? -10.649 -3.812  8.662   1.00 28.71 ? 66   TRP A CE2 1 
ATOM   483 C CE3 . TRP A 1 76  ? -8.802  -2.936  9.968   1.00 30.11 ? 66   TRP A CE3 1 
ATOM   484 C CZ2 . TRP A 1 76  ? -11.102 -4.589  9.732   1.00 29.14 ? 66   TRP A CZ2 1 
ATOM   485 C CZ3 . TRP A 1 76  ? -9.255  -3.712  11.043  1.00 28.14 ? 66   TRP A CZ3 1 
ATOM   486 C CH2 . TRP A 1 76  ? -10.395 -4.520  10.912  1.00 31.06 ? 66   TRP A CH2 1 
ATOM   487 N N   . ASP A 1 77  ? -7.010  -4.403  5.968   1.00 22.20 ? 67   ASP A N   1 
ATOM   488 C CA  . ASP A 1 77  ? -7.225  -5.407  4.919   1.00 23.70 ? 67   ASP A CA  1 
ATOM   489 C C   . ASP A 1 77  ? -8.259  -6.423  5.302   1.00 25.18 ? 67   ASP A C   1 
ATOM   490 O O   . ASP A 1 77  ? -8.199  -7.028  6.375   1.00 25.33 ? 67   ASP A O   1 
ATOM   491 C CB  . ASP A 1 77  ? -5.924  -6.115  4.601   1.00 23.72 ? 67   ASP A CB  1 
ATOM   492 C CG  . ASP A 1 77  ? -6.112  -7.255  3.631   1.00 25.78 ? 67   ASP A CG  1 
ATOM   493 O OD1 . ASP A 1 77  ? -6.889  -7.059  2.681   1.00 22.16 ? 67   ASP A OD1 1 
ATOM   494 O OD2 . ASP A 1 77  ? -5.472  -8.329  3.832   1.00 26.77 ? 67   ASP A OD2 1 
ATOM   495 N N   . ASP A 1 78  ? -9.230  -6.625  4.436   1.00 26.60 ? 68   ASP A N   1 
ATOM   496 C CA  . ASP A 1 78  ? -10.219 -7.626  4.731   1.00 27.97 ? 68   ASP A CA  1 
ATOM   497 C C   . ASP A 1 78  ? -10.475 -8.474  3.493   1.00 28.63 ? 68   ASP A C   1 
ATOM   498 O O   . ASP A 1 78  ? -11.166 -8.033  2.586   1.00 28.22 ? 68   ASP A O   1 
ATOM   499 C CB  . ASP A 1 78  ? -11.550 -7.022  5.199   1.00 29.98 ? 68   ASP A CB  1 
ATOM   500 C CG  . ASP A 1 78  ? -12.593 -8.122  5.539   1.00 31.78 ? 68   ASP A CG  1 
ATOM   501 O OD1 . ASP A 1 78  ? -12.251 -9.344  5.450   1.00 29.98 ? 68   ASP A OD1 1 
ATOM   502 O OD2 . ASP A 1 78  ? -13.742 -7.785  5.889   1.00 31.00 ? 68   ASP A OD2 1 
ATOM   503 N N   . PRO A 1 79  ? -9.959  -9.738  3.473   1.00 28.90 ? 69   PRO A N   1 
ATOM   504 C CA  . PRO A 1 79  ? -10.117 -10.680 2.355   1.00 29.47 ? 69   PRO A CA  1 
ATOM   505 C C   . PRO A 1 79  ? -11.550 -10.927 1.963   1.00 30.71 ? 69   PRO A C   1 
ATOM   506 O O   . PRO A 1 79  ? -11.840 -11.150 0.796   1.00 32.52 ? 69   PRO A O   1 
ATOM   507 C CB  . PRO A 1 79  ? -9.431  -11.938 2.863   1.00 28.35 ? 69   PRO A CB  1 
ATOM   508 C CG  . PRO A 1 79  ? -8.338  -11.403 3.647   1.00 27.61 ? 69   PRO A CG  1 
ATOM   509 C CD  . PRO A 1 79  ? -9.017  -10.289 4.459   1.00 26.63 ? 69   PRO A CD  1 
ATOM   510 N N   . ASP A 1 80  ? -12.462 -10.897 2.926   1.00 32.75 ? 70   ASP A N   1 
ATOM   511 C CA  . ASP A 1 80  ? -13.875 -11.095 2.617   1.00 33.72 ? 70   ASP A CA  1 
ATOM   512 C C   . ASP A 1 80  ? -14.369 -9.985  1.735   1.00 34.04 ? 70   ASP A C   1 
ATOM   513 O O   . ASP A 1 80  ? -15.350 -10.179 1.014   1.00 34.05 ? 70   ASP A O   1 
ATOM   514 C CB  . ASP A 1 80  ? -14.739 -11.070 3.871   1.00 37.69 ? 70   ASP A CB  1 
ATOM   515 C CG  . ASP A 1 80  ? -14.455 -12.238 4.812   1.00 41.09 ? 70   ASP A CG  1 
ATOM   516 O OD1 . ASP A 1 80  ? -14.098 -13.341 4.310   1.00 43.02 ? 70   ASP A OD1 1 
ATOM   517 O OD2 . ASP A 1 80  ? -14.616 -12.045 6.048   1.00 41.31 ? 70   ASP A OD2 1 
ATOM   518 N N   . ALA A 1 81  ? -13.728 -8.809  1.812   1.00 32.56 ? 71   ALA A N   1 
ATOM   519 C CA  . ALA A 1 81  ? -14.150 -7.685  0.985   1.00 33.74 ? 71   ALA A CA  1 
ATOM   520 C C   . ALA A 1 81  ? -13.419 -7.689  -0.374  1.00 34.02 ? 71   ALA A C   1 
ATOM   521 O O   . ALA A 1 81  ? -13.912 -7.127  -1.340  1.00 35.15 ? 71   ALA A O   1 
ATOM   522 C CB  . ALA A 1 81  ? -13.908 -6.359  1.711   1.00 31.71 ? 71   ALA A CB  1 
ATOM   523 N N   . GLY A 1 82  ? -12.253 -8.320  -0.441  1.00 33.42 ? 72   GLY A N   1 
ATOM   524 C CA  . GLY A 1 82  ? -11.517 -8.355  -1.691  1.00 31.73 ? 72   GLY A CA  1 
ATOM   525 C C   . GLY A 1 82  ? -10.578 -7.173  -1.936  1.00 31.40 ? 72   GLY A C   1 
ATOM   526 O O   . GLY A 1 82  ? -10.159 -6.947  -3.068  1.00 29.18 ? 72   GLY A O   1 
ATOM   527 N N   . PHE A 1 83  ? -10.250 -6.398  -0.902  1.00 29.94 ? 73   PHE A N   1 
ATOM   528 C CA  . PHE A 1 83  ? -9.305  -5.286  -1.105  1.00 29.32 ? 73   PHE A CA  1 
ATOM   529 C C   . PHE A 1 83  ? -8.819  -4.825  0.218   1.00 27.67 ? 73   PHE A C   1 
ATOM   530 O O   . PHE A 1 83  ? -9.430  -5.165  1.234   1.00 27.75 ? 73   PHE A O   1 
ATOM   531 C CB  . PHE A 1 83  ? -9.969  -4.083  -1.819  1.00 29.96 ? 73   PHE A CB  1 
ATOM   532 C CG  . PHE A 1 83  ? -11.058 -3.397  -1.003  1.00 28.39 ? 73   PHE A CG  1 
ATOM   533 C CD1 . PHE A 1 83  ? -12.383 -3.805  -1.093  1.00 29.80 ? 73   PHE A CD1 1 
ATOM   534 C CD2 . PHE A 1 83  ? -10.743 -2.328  -0.154  1.00 29.32 ? 73   PHE A CD2 1 
ATOM   535 C CE1 . PHE A 1 83  ? -13.420 -3.155  -0.342  1.00 30.42 ? 73   PHE A CE1 1 
ATOM   536 C CE2 . PHE A 1 83  ? -11.727 -1.668  0.596   1.00 27.29 ? 73   PHE A CE2 1 
ATOM   537 C CZ  . PHE A 1 83  ? -13.072 -2.078  0.506   1.00 29.51 ? 73   PHE A CZ  1 
ATOM   538 N N   . PHE A 1 84  ? -7.693  -4.119  0.209   1.00 26.31 ? 74   PHE A N   1 
ATOM   539 C CA  . PHE A 1 84  ? -7.171  -3.485  1.404   1.00 25.16 ? 74   PHE A CA  1 
ATOM   540 C C   . PHE A 1 84  ? -7.071  -1.983  1.105   1.00 27.16 ? 74   PHE A C   1 
ATOM   541 O O   . PHE A 1 84  ? -7.084  -1.549  -0.060  1.00 26.36 ? 74   PHE A O   1 
ATOM   542 C CB  . PHE A 1 84  ? -5.825  -4.011  1.849   1.00 25.35 ? 74   PHE A CB  1 
ATOM   543 C CG  . PHE A 1 84  ? -4.692  -3.786  0.894   1.00 26.96 ? 74   PHE A CG  1 
ATOM   544 C CD1 . PHE A 1 84  ? -4.500  -4.639  -0.189  1.00 27.13 ? 74   PHE A CD1 1 
ATOM   545 C CD2 . PHE A 1 84  ? -3.721  -2.820  1.163   1.00 27.43 ? 74   PHE A CD2 1 
ATOM   546 C CE1 . PHE A 1 84  ? -3.372  -4.550  -0.988  1.00 26.20 ? 74   PHE A CE1 1 
ATOM   547 C CE2 . PHE A 1 84  ? -2.566  -2.715  0.368   1.00 28.56 ? 74   PHE A CE2 1 
ATOM   548 C CZ  . PHE A 1 84  ? -2.398  -3.602  -0.728  1.00 27.06 ? 74   PHE A CZ  1 
ATOM   549 N N   . THR A 1 85  ? -7.027  -1.190  2.165   1.00 26.80 ? 75   THR A N   1 
ATOM   550 C CA  . THR A 1 85  ? -6.981  0.249   2.032   1.00 25.67 ? 75   THR A CA  1 
ATOM   551 C C   . THR A 1 85  ? -5.814  0.776   2.804   1.00 26.01 ? 75   THR A C   1 
ATOM   552 O O   . THR A 1 85  ? -5.698  0.495   3.990   1.00 25.61 ? 75   THR A O   1 
ATOM   553 C CB  . THR A 1 85  ? -8.204  0.922   2.683   1.00 25.57 ? 75   THR A CB  1 
ATOM   554 O OG1 . THR A 1 85  ? -9.409  0.465   2.046   1.00 26.24 ? 75   THR A OG1 1 
ATOM   555 C CG2 . THR A 1 85  ? -8.080  2.438   2.527   1.00 23.86 ? 75   THR A CG2 1 
ATOM   556 N N   . VAL A 1 86  ? -4.951  1.525   2.136   1.00 26.22 ? 76   VAL A N   1 
ATOM   557 C CA  . VAL A 1 86  ? -3.838  2.178   2.800   1.00 27.65 ? 76   VAL A CA  1 
ATOM   558 C C   . VAL A 1 86  ? -4.287  3.641   3.144   1.00 27.89 ? 76   VAL A C   1 
ATOM   559 O O   . VAL A 1 86  ? -4.930  4.311   2.328   1.00 28.61 ? 76   VAL A O   1 
ATOM   560 C CB  . VAL A 1 86  ? -2.627  2.294   1.852   1.00 28.91 ? 76   VAL A CB  1 
ATOM   561 C CG1 . VAL A 1 86  ? -1.443  3.033   2.553   1.00 25.90 ? 76   VAL A CG1 1 
ATOM   562 C CG2 . VAL A 1 86  ? -2.202  0.881   1.407   1.00 29.39 ? 76   VAL A CG2 1 
ATOM   563 N N   . THR A 1 87  ? -3.944  4.123   4.337   1.00 28.30 ? 77   THR A N   1 
ATOM   564 C CA  . THR A 1 87  ? -4.249  5.505   4.739   1.00 27.88 ? 77   THR A CA  1 
ATOM   565 C C   . THR A 1 87  ? -2.926  6.159   5.122   1.00 27.52 ? 77   THR A C   1 
ATOM   566 O O   . THR A 1 87  ? -2.131  5.564   5.821   1.00 26.35 ? 77   THR A O   1 
ATOM   567 C CB  . THR A 1 87  ? -5.236  5.563   5.921   1.00 29.25 ? 77   THR A CB  1 
ATOM   568 O OG1 . THR A 1 87  ? -6.484  4.968   5.537   1.00 27.91 ? 77   THR A OG1 1 
ATOM   569 C CG2 . THR A 1 87  ? -5.564  7.024   6.291   1.00 30.75 ? 77   THR A CG2 1 
ATOM   570 N N   . MET A 1 88  ? -2.649  7.334   4.557   1.00 27.09 ? 78   MET A N   1 
ATOM   571 C CA  . MET A 1 88  ? -1.445  8.125   4.871   1.00 29.49 ? 78   MET A CA  1 
ATOM   572 C C   . MET A 1 88  ? -1.997  9.475   5.425   1.00 28.35 ? 78   MET A C   1 
ATOM   573 O O   . MET A 1 88  ? -2.736  10.202  4.738   1.00 29.35 ? 78   MET A O   1 
ATOM   574 C CB  . MET A 1 88  ? -0.654  8.449   3.612   1.00 32.17 ? 78   MET A CB  1 
ATOM   575 C CG  . MET A 1 88  ? 0.233   7.353   3.084   1.00 36.19 ? 78   MET A CG  1 
ATOM   576 S SD  . MET A 1 88  ? 1.109   7.978   1.621   1.00 38.07 ? 78   MET A SD  1 
ATOM   577 C CE  . MET A 1 88  ? 2.605   8.464   2.336   1.00 34.80 ? 78   MET A CE  1 
ATOM   578 N N   . THR A 1 89  ? -1.704  9.783   6.660   1.00 27.43 ? 79   THR A N   1 
ATOM   579 C CA  . THR A 1 89  ? -2.274  11.007  7.222   1.00 28.41 ? 79   THR A CA  1 
ATOM   580 C C   . THR A 1 89  ? -1.233  12.090  7.271   1.00 28.32 ? 79   THR A C   1 
ATOM   581 O O   . THR A 1 89  ? 0.016   11.831  7.118   1.00 27.28 ? 79   THR A O   1 
ATOM   582 C CB  . THR A 1 89  ? -2.840  10.821  8.670   1.00 27.22 ? 79   THR A CB  1 
ATOM   583 O OG1 . THR A 1 89  ? -1.786  10.474  9.534   1.00 28.43 ? 79   THR A OG1 1 
ATOM   584 C CG2 . THR A 1 89  ? -3.854  9.728   8.746   1.00 25.99 ? 79   THR A CG2 1 
ATOM   585 N N   . ASP A 1 90  ? -1.746  13.317  7.375   1.00 30.34 ? 80   ASP A N   1 
ATOM   586 C CA  . ASP A 1 90  ? -0.864  14.458  7.482   1.00 31.65 ? 80   ASP A CA  1 
ATOM   587 C C   . ASP A 1 90  ? 0.150   14.559  6.348   1.00 29.93 ? 80   ASP A C   1 
ATOM   588 O O   . ASP A 1 90  ? 1.361   14.671  6.591   1.00 28.94 ? 80   ASP A O   1 
ATOM   589 C CB  . ASP A 1 90  ? -0.097  14.378  8.806   1.00 35.59 ? 80   ASP A CB  1 
ATOM   590 C CG  . ASP A 1 90  ? 0.585   15.694  9.137   1.00 42.42 ? 80   ASP A CG  1 
ATOM   591 O OD1 . ASP A 1 90  ? -0.075  16.764  8.894   1.00 44.63 ? 80   ASP A OD1 1 
ATOM   592 O OD2 . ASP A 1 90  ? 1.767   15.665  9.602   1.00 46.41 ? 80   ASP A OD2 1 
ATOM   593 N N   . LEU A 1 91  ? -0.317  14.513  5.107   1.00 30.70 ? 81   LEU A N   1 
ATOM   594 C CA  . LEU A 1 91  ? 0.620   14.577  3.980   1.00 30.83 ? 81   LEU A CA  1 
ATOM   595 C C   . LEU A 1 91  ? 1.500   15.833  4.035   1.00 32.61 ? 81   LEU A C   1 
ATOM   596 O O   . LEU A 1 91  ? 1.032   16.907  4.417   1.00 30.84 ? 81   LEU A O   1 
ATOM   597 C CB  . LEU A 1 91  ? -0.127  14.548  2.632   1.00 28.29 ? 81   LEU A CB  1 
ATOM   598 C CG  . LEU A 1 91  ? -0.922  13.244  2.408   1.00 27.71 ? 81   LEU A CG  1 
ATOM   599 C CD1 . LEU A 1 91  ? -1.922  13.335  1.230   1.00 24.63 ? 81   LEU A CD1 1 
ATOM   600 C CD2 . LEU A 1 91  ? 0.103   12.111  2.239   1.00 26.66 ? 81   LEU A CD2 1 
ATOM   601 N N   . ARG A 1 92  ? 2.768   15.636  3.664   1.00 33.67 ? 82   ARG A N   1 
ATOM   602 C CA  . ARG A 1 92  ? 3.785   16.663  3.530   1.00 35.82 ? 82   ARG A CA  1 
ATOM   603 C C   . ARG A 1 92  ? 4.321   16.580  2.094   1.00 35.99 ? 82   ARG A C   1 
ATOM   604 O O   . ARG A 1 92  ? 4.293   15.504  1.439   1.00 35.95 ? 82   ARG A O   1 
ATOM   605 C CB  . ARG A 1 92  ? 4.964   16.440  4.483   1.00 39.12 ? 82   ARG A CB  1 
ATOM   606 C CG  . ARG A 1 92  ? 4.625   16.801  5.878   1.00 44.66 ? 82   ARG A CG  1 
ATOM   607 C CD  . ARG A 1 92  ? 4.001   15.605  6.554   1.00 51.76 ? 82   ARG A CD  1 
ATOM   608 N NE  . ARG A 1 92  ? 5.052   14.692  6.960   1.00 54.00 ? 82   ARG A NE  1 
ATOM   609 C CZ  . ARG A 1 92  ? 5.231   14.318  8.214   1.00 54.87 ? 82   ARG A CZ  1 
ATOM   610 N NH1 . ARG A 1 92  ? 4.412   14.777  9.157   1.00 54.51 ? 82   ARG A NH1 1 
ATOM   611 N NH2 . ARG A 1 92  ? 6.245   13.518  8.512   1.00 55.64 ? 82   ARG A NH2 1 
ATOM   612 N N   . GLU A 1 93  ? 4.860   17.696  1.632   1.00 34.65 ? 83   GLU A N   1 
ATOM   613 C CA  . GLU A 1 93  ? 5.428   17.811  0.298   1.00 36.20 ? 83   GLU A CA  1 
ATOM   614 C C   . GLU A 1 93  ? 6.402   16.662  -0.014  1.00 35.85 ? 83   GLU A C   1 
ATOM   615 O O   . GLU A 1 93  ? 6.399   16.139  -1.136  1.00 35.29 ? 83   GLU A O   1 
ATOM   616 C CB  . GLU A 1 93  ? 6.140   19.164  0.187   1.00 38.29 ? 83   GLU A CB  1 
ATOM   617 C CG  . GLU A 1 93  ? 6.755   19.500  -1.185  1.00 44.15 ? 83   GLU A CG  1 
ATOM   618 C CD  . GLU A 1 93  ? 7.691   20.735  -1.128  1.00 45.21 ? 83   GLU A CD  1 
ATOM   619 O OE1 . GLU A 1 93  ? 8.956   20.569  -1.182  1.00 46.66 ? 83   GLU A OE1 1 
ATOM   620 O OE2 . GLU A 1 93  ? 7.147   21.853  -1.016  1.00 44.42 ? 83   GLU A OE2 1 
ATOM   621 N N   . GLU A 1 94  ? 7.195   16.280  0.992   1.00 35.23 ? 84   GLU A N   1 
ATOM   622 C CA  . GLU A 1 94  ? 8.198   15.243  0.908   1.00 35.98 ? 84   GLU A CA  1 
ATOM   623 C C   . GLU A 1 94  ? 7.641   13.853  0.717   1.00 35.55 ? 84   GLU A C   1 
ATOM   624 O O   . GLU A 1 94  ? 8.409   12.920  0.471   1.00 35.10 ? 84   GLU A O   1 
ATOM   625 C CB  . GLU A 1 94  ? 9.057   15.203  2.160   1.00 39.44 ? 84   GLU A CB  1 
ATOM   626 C CG  . GLU A 1 94  ? 10.002  16.364  2.319   1.00 44.88 ? 84   GLU A CG  1 
ATOM   627 C CD  . GLU A 1 94  ? 9.303   17.622  2.809   1.00 47.48 ? 84   GLU A CD  1 
ATOM   628 O OE1 . GLU A 1 94  ? 8.106   17.528  3.203   1.00 46.22 ? 84   GLU A OE1 1 
ATOM   629 O OE2 . GLU A 1 94  ? 9.973   18.700  2.806   1.00 50.20 ? 84   GLU A OE2 1 
ATOM   630 N N   . ASP A 1 95  ? 6.331   13.701  0.867   1.00 34.11 ? 85   ASP A N   1 
ATOM   631 C CA  . ASP A 1 95  ? 5.738   12.404  0.651   1.00 34.21 ? 85   ASP A CA  1 
ATOM   632 C C   . ASP A 1 95  ? 5.564   12.165  -0.846  1.00 33.20 ? 85   ASP A C   1 
ATOM   633 O O   . ASP A 1 95  ? 5.247   11.052  -1.272  1.00 35.11 ? 85   ASP A O   1 
ATOM   634 C CB  . ASP A 1 95  ? 4.364   12.293  1.325   1.00 34.19 ? 85   ASP A CB  1 
ATOM   635 C CG  . ASP A 1 95  ? 4.453   12.314  2.839   1.00 34.74 ? 85   ASP A CG  1 
ATOM   636 O OD1 . ASP A 1 95  ? 5.430   11.736  3.412   1.00 34.40 ? 85   ASP A OD1 1 
ATOM   637 O OD2 . ASP A 1 95  ? 3.517   12.899  3.438   1.00 33.76 ? 85   ASP A OD2 1 
ATOM   638 N N   . SER A 1 96  ? 5.755   13.199  -1.636  1.00 31.71 ? 86   SER A N   1 
ATOM   639 C CA  . SER A 1 96  ? 5.569   13.102  -3.068  1.00 32.02 ? 86   SER A CA  1 
ATOM   640 C C   . SER A 1 96  ? 6.514   12.065  -3.606  1.00 31.75 ? 86   SER A C   1 
ATOM   641 O O   . SER A 1 96  ? 7.638   11.932  -3.127  1.00 29.58 ? 86   SER A O   1 
ATOM   642 C CB  . SER A 1 96  ? 5.827   14.466  -3.740  1.00 32.18 ? 86   SER A CB  1 
ATOM   643 O OG  . SER A 1 96  ? 4.664   15.306  -3.665  1.00 33.59 ? 86   SER A OG  1 
ATOM   644 N N   . GLY A 1 97  ? 6.066   11.321  -4.604  1.00 31.38 ? 87   GLY A N   1 
ATOM   645 C CA  . GLY A 1 97  ? 6.946   10.288  -5.137  1.00 31.21 ? 87   GLY A CA  1 
ATOM   646 C C   . GLY A 1 97  ? 6.169   9.075   -5.635  1.00 30.37 ? 87   GLY A C   1 
ATOM   647 O O   . GLY A 1 97  ? 4.921   9.107   -5.719  1.00 29.18 ? 87   GLY A O   1 
ATOM   648 N N   . HIS A 1 98  ? 6.908   8.021   -5.992  1.00 29.95 ? 88   HIS A N   1 
ATOM   649 C CA  . HIS A 1 98  ? 6.297   6.785   -6.523  1.00 28.33 ? 88   HIS A CA  1 
ATOM   650 C C   . HIS A 1 98  ? 6.119   5.808   -5.387  1.00 26.34 ? 88   HIS A C   1 
ATOM   651 O O   . HIS A 1 98  ? 6.995   5.665   -4.544  1.00 23.07 ? 88   HIS A O   1 
ATOM   652 C CB  . HIS A 1 98  ? 7.205   6.152   -7.594  1.00 30.42 ? 88   HIS A CB  1 
ATOM   653 C CG  . HIS A 1 98  ? 7.080   6.792   -8.941  1.00 31.12 ? 88   HIS A CG  1 
ATOM   654 N ND1 . HIS A 1 98  ? 8.043   7.624   -9.462  1.00 32.74 ? 88   HIS A ND1 1 
ATOM   655 C CD2 . HIS A 1 98  ? 6.068   6.780   -9.846  1.00 33.85 ? 88   HIS A CD2 1 
ATOM   656 C CE1 . HIS A 1 98  ? 7.633   8.105   -10.624 1.00 33.09 ? 88   HIS A CE1 1 
ATOM   657 N NE2 . HIS A 1 98  ? 6.435   7.612   -10.882 1.00 33.92 ? 88   HIS A NE2 1 
ATOM   658 N N   . TYR A 1 99  ? 4.990   5.125   -5.395  1.00 27.09 ? 89   TYR A N   1 
ATOM   659 C CA  . TYR A 1 99  ? 4.648   4.147   -4.365  1.00 29.07 ? 89   TYR A CA  1 
ATOM   660 C C   . TYR A 1 99  ? 4.036   2.926   -5.039  1.00 29.89 ? 89   TYR A C   1 
ATOM   661 O O   . TYR A 1 99  ? 3.545   3.005   -6.163  1.00 31.94 ? 89   TYR A O   1 
ATOM   662 C CB  . TYR A 1 99  ? 3.545   4.713   -3.421  1.00 28.80 ? 89   TYR A CB  1 
ATOM   663 C CG  . TYR A 1 99  ? 3.967   5.849   -2.485  1.00 27.78 ? 89   TYR A CG  1 
ATOM   664 C CD1 . TYR A 1 99  ? 4.118   7.150   -2.946  1.00 26.50 ? 89   TYR A CD1 1 
ATOM   665 C CD2 . TYR A 1 99  ? 4.253   5.592   -1.161  1.00 27.62 ? 89   TYR A CD2 1 
ATOM   666 C CE1 . TYR A 1 99  ? 4.557   8.178   -2.101  1.00 28.51 ? 89   TYR A CE1 1 
ATOM   667 C CE2 . TYR A 1 99  ? 4.693   6.611   -0.277  1.00 30.33 ? 89   TYR A CE2 1 
ATOM   668 C CZ  . TYR A 1 99  ? 4.844   7.907   -0.762  1.00 31.07 ? 89   TYR A CZ  1 
ATOM   669 O OH  . TYR A 1 99  ? 5.304   8.904   0.106   1.00 31.90 ? 89   TYR A OH  1 
ATOM   670 N N   . TRP A 1 100 ? 4.008   1.819   -4.318  1.00 29.83 ? 90   TRP A N   1 
ATOM   671 C CA  . TRP A 1 100 ? 3.364   0.596   -4.801  1.00 28.99 ? 90   TRP A CA  1 
ATOM   672 C C   . TRP A 1 100 ? 2.617   -0.033  -3.650  1.00 28.42 ? 90   TRP A C   1 
ATOM   673 O O   . TRP A 1 100 ? 3.107   -0.051  -2.528  1.00 26.89 ? 90   TRP A O   1 
ATOM   674 C CB  . TRP A 1 100 ? 4.369   -0.492  -5.197  1.00 30.56 ? 90   TRP A CB  1 
ATOM   675 C CG  . TRP A 1 100 ? 5.277   -0.220  -6.341  1.00 30.59 ? 90   TRP A CG  1 
ATOM   676 C CD1 . TRP A 1 100 ? 6.405   0.535   -6.321  1.00 31.50 ? 90   TRP A CD1 1 
ATOM   677 C CD2 . TRP A 1 100 ? 5.169   -0.763  -7.644  1.00 29.46 ? 90   TRP A CD2 1 
ATOM   678 N NE1 . TRP A 1 100 ? 7.012   0.491   -7.542  1.00 34.18 ? 90   TRP A NE1 1 
ATOM   679 C CE2 . TRP A 1 100 ? 6.269   -0.304  -8.376  1.00 31.83 ? 90   TRP A CE2 1 
ATOM   680 C CE3 . TRP A 1 100 ? 4.240   -1.610  -8.272  1.00 30.76 ? 90   TRP A CE3 1 
ATOM   681 C CZ2 . TRP A 1 100 ? 6.482   -0.660  -9.721  1.00 32.24 ? 90   TRP A CZ2 1 
ATOM   682 C CZ3 . TRP A 1 100 ? 4.445   -1.969  -9.611  1.00 29.53 ? 90   TRP A CZ3 1 
ATOM   683 C CH2 . TRP A 1 100 ? 5.558   -1.490  -10.318 1.00 31.55 ? 90   TRP A CH2 1 
ATOM   684 N N   . CYS A 1 101 ? 1.429   -0.531  -3.929  1.00 29.03 ? 91   CYS A N   1 
ATOM   685 C CA  . CYS A 1 101 ? 0.763   -1.320  -2.930  1.00 32.51 ? 91   CYS A CA  1 
ATOM   686 C C   . CYS A 1 101 ? 1.137   -2.756  -3.476  1.00 32.33 ? 91   CYS A C   1 
ATOM   687 O O   . CYS A 1 101 ? 1.054   -3.016  -4.679  1.00 29.64 ? 91   CYS A O   1 
ATOM   688 C CB  . CYS A 1 101 ? -0.738  -1.058  -2.907  1.00 34.59 ? 91   CYS A CB  1 
ATOM   689 S SG  . CYS A 1 101 ? -1.536  -1.588  -4.408  1.00 42.81 ? 91   CYS A SG  1 
ATOM   690 N N   . ARG A 1 102 ? 1.673   -3.614  -2.603  1.00 31.63 ? 92   ARG A N   1 
ATOM   691 C CA  . ARG A 1 102 ? 2.077   -4.960  -2.994  1.00 32.12 ? 92   ARG A CA  1 
ATOM   692 C C   . ARG A 1 102 ? 1.387   -6.049  -2.174  1.00 33.00 ? 92   ARG A C   1 
ATOM   693 O O   . ARG A 1 102 ? 0.997   -5.828  -1.036  1.00 34.62 ? 92   ARG A O   1 
ATOM   694 C CB  . ARG A 1 102 ? 3.580   -5.096  -2.887  1.00 32.08 ? 92   ARG A CB  1 
ATOM   695 C CG  . ARG A 1 102 ? 4.300   -4.391  -3.988  1.00 34.89 ? 92   ARG A CG  1 
ATOM   696 C CD  . ARG A 1 102 ? 5.798   -4.397  -3.780  1.00 38.58 ? 92   ARG A CD  1 
ATOM   697 N NE  . ARG A 1 102 ? 6.446   -3.885  -4.976  1.00 43.07 ? 92   ARG A NE  1 
ATOM   698 C CZ  . ARG A 1 102 ? 7.742   -3.620  -5.065  1.00 46.25 ? 92   ARG A CZ  1 
ATOM   699 N NH1 . ARG A 1 102 ? 8.539   -3.816  -4.020  1.00 47.31 ? 92   ARG A NH1 1 
ATOM   700 N NH2 . ARG A 1 102 ? 8.240   -3.163  -6.210  1.00 49.26 ? 92   ARG A NH2 1 
ATOM   701 N N   . ILE A 1 103 ? 1.211   -7.211  -2.781  1.00 31.93 ? 93   ILE A N   1 
ATOM   702 C CA  . ILE A 1 103 ? 0.545   -8.368  -2.172  1.00 31.26 ? 93   ILE A CA  1 
ATOM   703 C C   . ILE A 1 103 ? 1.552   -9.521  -2.348  1.00 32.02 ? 93   ILE A C   1 
ATOM   704 O O   . ILE A 1 103 ? 1.964   -9.816  -3.474  1.00 30.24 ? 93   ILE A O   1 
ATOM   705 C CB  . ILE A 1 103 ? -0.751  -8.667  -2.924  1.00 29.81 ? 93   ILE A CB  1 
ATOM   706 C CG1 . ILE A 1 103 ? -1.594  -7.404  -2.986  1.00 30.78 ? 93   ILE A CG1 1 
ATOM   707 C CG2 . ILE A 1 103 ? -1.478  -9.788  -2.277  1.00 30.42 ? 93   ILE A CG2 1 
ATOM   708 C CD1 . ILE A 1 103 ? -2.934  -7.575  -3.662  1.00 31.94 ? 93   ILE A CD1 1 
ATOM   709 N N   . TYR A 1 104 ? 1.945   -10.112 -1.221  1.00 31.53 ? 94   TYR A N   1 
ATOM   710 C CA  . TYR A 1 104 ? 2.987   -11.153 -1.095  1.00 31.94 ? 94   TYR A CA  1 
ATOM   711 C C   . TYR A 1 104 ? 2.443   -12.564 -0.826  1.00 32.91 ? 94   TYR A C   1 
ATOM   712 O O   . TYR A 1 104 ? 1.567   -12.764 0.029   1.00 32.92 ? 94   TYR A O   1 
ATOM   713 C CB  . TYR A 1 104 ? 3.937   -10.781 0.040   1.00 32.52 ? 94   TYR A CB  1 
ATOM   714 C CG  . TYR A 1 104 ? 4.523   -9.404  -0.095  1.00 36.03 ? 94   TYR A CG  1 
ATOM   715 C CD1 . TYR A 1 104 ? 5.669   -9.198  -0.864  1.00 36.02 ? 94   TYR A CD1 1 
ATOM   716 C CD2 . TYR A 1 104 ? 3.921   -8.292  0.528   1.00 37.70 ? 94   TYR A CD2 1 
ATOM   717 C CE1 . TYR A 1 104 ? 6.206   -7.922  -1.020  1.00 38.45 ? 94   TYR A CE1 1 
ATOM   718 C CE2 . TYR A 1 104 ? 4.441   -7.001  0.376   1.00 39.18 ? 94   TYR A CE2 1 
ATOM   719 C CZ  . TYR A 1 104 ? 5.583   -6.826  -0.402  1.00 39.73 ? 94   TYR A CZ  1 
ATOM   720 O OH  . TYR A 1 104 ? 6.093   -5.563  -0.582  1.00 39.84 ? 94   TYR A OH  1 
ATOM   721 N N   . ARG A 1 105 ? 2.974   -13.544 -1.547  1.00 31.94 ? 95   ARG A N   1 
ATOM   722 C CA  . ARG A 1 105 ? 2.560   -14.954 -1.418  1.00 30.66 ? 95   ARG A CA  1 
ATOM   723 C C   . ARG A 1 105 ? 3.162   -15.616 -0.151  1.00 29.15 ? 95   ARG A C   1 
ATOM   724 O O   . ARG A 1 105 ? 4.292   -15.297 0.247   1.00 30.44 ? 95   ARG A O   1 
ATOM   725 C CB  . ARG A 1 105 ? 2.914   -15.740 -2.723  1.00 30.45 ? 95   ARG A CB  1 
ATOM   726 C CG  . ARG A 1 105 ? 2.201   -15.268 -4.004  1.00 31.36 ? 95   ARG A CG  1 
ATOM   727 C CD  . ARG A 1 105 ? 2.245   -16.328 -5.105  1.00 32.07 ? 95   ARG A CD  1 
ATOM   728 N NE  . ARG A 1 105 ? 1.832   -15.826 -6.425  1.00 31.39 ? 95   ARG A NE  1 
ATOM   729 C CZ  . ARG A 1 105 ? 2.626   -15.151 -7.256  1.00 31.28 ? 95   ARG A CZ  1 
ATOM   730 N NH1 . ARG A 1 105 ? 3.887   -14.902 -6.914  1.00 31.15 ? 95   ARG A NH1 1 
ATOM   731 N NH2 . ARG A 1 105 ? 2.165   -14.729 -8.417  1.00 29.94 ? 95   ARG A NH2 1 
ATOM   732 N N   . PRO A 1 106 ? 2.391   -16.526 0.451   1.00 29.33 ? 96   PRO A N   1 
ATOM   733 C CA  . PRO A 1 106 ? 2.892   -17.179 1.684   1.00 30.25 ? 96   PRO A CA  1 
ATOM   734 C C   . PRO A 1 106 ? 4.163   -17.912 1.474   1.00 33.88 ? 96   PRO A C   1 
ATOM   735 O O   . PRO A 1 106 ? 5.219   -17.682 2.067   1.00 33.54 ? 96   PRO A O   1 
ATOM   736 C CB  . PRO A 1 106 ? 1.724   -18.077 2.096   1.00 28.04 ? 96   PRO A CB  1 
ATOM   737 C CG  . PRO A 1 106 ? 0.515   -17.389 1.559   1.00 27.40 ? 96   PRO A CG  1 
ATOM   738 C CD  . PRO A 1 106 ? 0.909   -16.845 0.214   1.00 27.87 ? 96   PRO A CD  1 
ATOM   739 N N   . SER A 1 107 ? 3.959   -18.823 0.540   1.00 34.08 ? 97   SER A N   1 
ATOM   740 C CA  . SER A 1 107 ? 4.909   -19.750 0.033   1.00 37.03 ? 97   SER A CA  1 
ATOM   741 C C   . SER A 1 107 ? 6.287   -19.178 -0.150  1.00 38.44 ? 97   SER A C   1 
ATOM   742 O O   . SER A 1 107 ? 7.268   -19.787 0.295   1.00 37.79 ? 97   SER A O   1 
ATOM   743 C CB  . SER A 1 107 ? 4.375   -20.363 -1.266  1.00 38.50 ? 97   SER A CB  1 
ATOM   744 O OG  . SER A 1 107 ? 4.919   -19.713 -2.402  1.00 37.58 ? 97   SER A OG  1 
ATOM   745 N N   . ASP A 1 108 ? 6.432   -18.020 -0.779  1.00 38.98 ? 98   ASP A N   1 
ATOM   746 C CA  . ASP A 1 108 ? 7.812   -17.555 -0.925  1.00 39.65 ? 98   ASP A CA  1 
ATOM   747 C C   . ASP A 1 108 ? 8.022   -16.028 -0.861  1.00 40.48 ? 98   ASP A C   1 
ATOM   748 O O   . ASP A 1 108 ? 9.111   -15.540 -1.190  1.00 38.94 ? 98   ASP A O   1 
ATOM   749 C CB  . ASP A 1 108 ? 8.361   -18.079 -2.255  1.00 40.55 ? 98   ASP A CB  1 
ATOM   750 C CG  . ASP A 1 108 ? 7.617   -17.526 -3.457  1.00 41.13 ? 98   ASP A CG  1 
ATOM   751 O OD1 . ASP A 1 108 ? 6.608   -16.816 -3.283  1.00 40.24 ? 98   ASP A OD1 1 
ATOM   752 O OD2 . ASP A 1 108 ? 8.058   -17.817 -4.593  1.00 44.49 ? 98   ASP A OD2 1 
ATOM   753 N N   . ASN A 1 109 ? 6.990   -15.275 -0.471  1.00 40.86 ? 99   ASN A N   1 
ATOM   754 C CA  . ASN A 1 109 ? 7.097   -13.838 -0.396  1.00 40.94 ? 99   ASN A CA  1 
ATOM   755 C C   . ASN A 1 109 ? 7.239   -13.214 -1.775  1.00 40.13 ? 99   ASN A C   1 
ATOM   756 O O   . ASN A 1 109 ? 7.730   -12.117 -1.907  1.00 40.89 ? 99   ASN A O   1 
ATOM   757 C CB  . ASN A 1 109 ? 8.281   -13.431 0.482   1.00 44.91 ? 99   ASN A CB  1 
ATOM   758 C CG  . ASN A 1 109 ? 8.021   -12.126 1.199   1.00 50.27 ? 99   ASN A CG  1 
ATOM   759 O OD1 . ASN A 1 109 ? 6.978   -11.997 1.851   1.00 52.44 ? 99   ASN A OD1 1 
ATOM   760 N ND2 . ASN A 1 109 ? 8.937   -11.134 1.067   1.00 49.55 ? 99   ASN A ND2 1 
ATOM   761 N N   . SER A 1 110 ? 6.795   -13.907 -2.813  1.00 38.84 ? 100  SER A N   1 
ATOM   762 C CA  . SER A 1 110 ? 6.872   -13.350 -4.148  1.00 38.07 ? 100  SER A CA  1 
ATOM   763 C C   . SER A 1 110 ? 5.640   -12.466 -4.318  1.00 38.33 ? 100  SER A C   1 
ATOM   764 O O   . SER A 1 110 ? 4.606   -12.688 -3.683  1.00 38.84 ? 100  SER A O   1 
ATOM   765 C CB  . SER A 1 110 ? 6.869   -14.470 -5.207  1.00 37.21 ? 100  SER A CB  1 
ATOM   766 O OG  . SER A 1 110 ? 5.625   -15.167 -5.238  1.00 38.67 ? 100  SER A OG  1 
ATOM   767 N N   . VAL A 1 111 ? 5.720   -11.497 -5.216  1.00 36.95 ? 101  VAL A N   1 
ATOM   768 C CA  . VAL A 1 111 ? 4.625   -10.581 -5.400  1.00 35.10 ? 101  VAL A CA  1 
ATOM   769 C C   . VAL A 1 111 ? 3.637   -11.069 -6.407  1.00 35.53 ? 101  VAL A C   1 
ATOM   770 O O   . VAL A 1 111 ? 3.987   -11.272 -7.574  1.00 36.32 ? 101  VAL A O   1 
ATOM   771 C CB  . VAL A 1 111 ? 5.183   -9.206  -5.816  1.00 37.02 ? 101  VAL A CB  1 
ATOM   772 C CG1 . VAL A 1 111 ? 4.038   -8.206  -6.094  1.00 35.91 ? 101  VAL A CG1 1 
ATOM   773 C CG2 . VAL A 1 111 ? 6.114   -8.690  -4.714  1.00 34.96 ? 101  VAL A CG2 1 
ATOM   774 N N   . SER A 1 112 ? 2.388   -11.244 -5.982  1.00 35.68 ? 102  SER A N   1 
ATOM   775 C CA  . SER A 1 112 ? 1.349   -11.720 -6.881  1.00 35.44 ? 102  SER A CA  1 
ATOM   776 C C   . SER A 1 112 ? 0.568   -10.612 -7.550  1.00 36.63 ? 102  SER A C   1 
ATOM   777 O O   . SER A 1 112 ? -0.155  -10.839 -8.533  1.00 37.71 ? 102  SER A O   1 
ATOM   778 C CB  . SER A 1 112 ? 0.381   -12.610 -6.125  1.00 37.35 ? 102  SER A CB  1 
ATOM   779 O OG  . SER A 1 112 ? -0.311  -11.905 -5.125  1.00 37.72 ? 102  SER A OG  1 
ATOM   780 N N   . LYS A 1 113 ? 0.652   -9.412  -6.993  1.00 36.61 ? 103  LYS A N   1 
ATOM   781 C CA  . LYS A 1 113 ? -0.025  -8.263  -7.573  1.00 35.71 ? 103  LYS A CA  1 
ATOM   782 C C   . LYS A 1 113 ? 0.609   -7.027  -6.974  1.00 35.37 ? 103  LYS A C   1 
ATOM   783 O O   . LYS A 1 113 ? 1.023   -7.003  -5.810  1.00 34.63 ? 103  LYS A O   1 
ATOM   784 C CB  . LYS A 1 113 ? -1.520  -8.303  -7.305  1.00 36.44 ? 103  LYS A CB  1 
ATOM   785 C CG  . LYS A 1 113 ? -2.347  -7.091  -7.876  1.00 36.76 ? 103  LYS A CG  1 
ATOM   786 C CD  . LYS A 1 113 ? -3.681  -7.605  -8.401  1.00 40.02 ? 103  LYS A CD  1 
ATOM   787 C CE  . LYS A 1 113 ? -4.836  -6.603  -8.322  1.00 43.82 ? 103  LYS A CE  1 
ATOM   788 N NZ  . LYS A 1 113 ? -4.411  -5.252  -8.738  1.00 43.72 ? 103  LYS A NZ  1 
ATOM   789 N N   . SER A 1 114 ? 0.767   -6.017  -7.809  1.00 34.41 ? 104  SER A N   1 
ATOM   790 C CA  . SER A 1 114 ? 1.357   -4.777  -7.372  1.00 34.17 ? 104  SER A CA  1 
ATOM   791 C C   . SER A 1 114 ? 0.838   -3.680  -8.285  1.00 35.62 ? 104  SER A C   1 
ATOM   792 O O   . SER A 1 114 ? 0.635   -3.910  -9.493  1.00 36.41 ? 104  SER A O   1 
ATOM   793 C CB  . SER A 1 114 ? 2.849   -4.880  -7.454  1.00 33.88 ? 104  SER A CB  1 
ATOM   794 O OG  . SER A 1 114 ? 3.194   -4.978  -8.804  1.00 37.06 ? 104  SER A OG  1 
ATOM   795 N N   . VAL A 1 115 ? 0.581   -2.497  -7.712  1.00 34.97 ? 105  VAL A N   1 
ATOM   796 C CA  . VAL A 1 115 ? 0.090   -1.348  -8.473  1.00 33.13 ? 105  VAL A CA  1 
ATOM   797 C C   . VAL A 1 115 ? 1.001   -0.184  -8.120  1.00 33.70 ? 105  VAL A C   1 
ATOM   798 O O   . VAL A 1 115 ? 1.298   0.055   -6.948  1.00 33.45 ? 105  VAL A O   1 
ATOM   799 C CB  . VAL A 1 115 ? -1.379  -1.017  -8.121  1.00 33.77 ? 105  VAL A CB  1 
ATOM   800 C CG1 . VAL A 1 115 ? -1.886  0.146   -8.980  1.00 32.23 ? 105  VAL A CG1 1 
ATOM   801 C CG2 . VAL A 1 115 ? -2.259  -2.253  -8.369  1.00 29.71 ? 105  VAL A CG2 1 
ATOM   802 N N   . ARG A 1 116 ? 1.484   0.506   -9.155  1.00 32.88 ? 106  ARG A N   1 
ATOM   803 C CA  . ARG A 1 116 ? 2.374   1.642   -8.974  1.00 31.82 ? 106  ARG A CA  1 
ATOM   804 C C   . ARG A 1 116 ? 1.542   2.932   -8.999  1.00 30.91 ? 106  ARG A C   1 
ATOM   805 O O   . ARG A 1 116 ? 0.596   3.069   -9.817  1.00 28.97 ? 106  ARG A O   1 
ATOM   806 C CB  . ARG A 1 116 ? 3.403   1.703   -10.099 1.00 31.33 ? 106  ARG A CB  1 
ATOM   807 C CG  . ARG A 1 116 ? 4.596   2.561   -9.786  1.00 30.76 ? 106  ARG A CG  1 
ATOM   808 C CD  . ARG A 1 116 ? 5.437   2.851   -11.051 1.00 30.86 ? 106  ARG A CD  1 
ATOM   809 N NE  . ARG A 1 116 ? 6.788   3.306   -10.678 1.00 30.42 ? 106  ARG A NE  1 
ATOM   810 C CZ  . ARG A 1 116 ? 7.544   4.078   -11.453 1.00 31.00 ? 106  ARG A CZ  1 
ATOM   811 N NH1 . ARG A 1 116 ? 7.088   4.461   -12.644 1.00 28.54 ? 106  ARG A NH1 1 
ATOM   812 N NH2 . ARG A 1 116 ? 8.729   4.515   -11.021 1.00 29.58 ? 106  ARG A NH2 1 
ATOM   813 N N   . PHE A 1 117 ? 1.906   3.863   -8.110  1.00 28.96 ? 107  PHE A N   1 
ATOM   814 C CA  . PHE A 1 117 ? 1.190   5.145   -8.009  1.00 28.92 ? 107  PHE A CA  1 
ATOM   815 C C   . PHE A 1 117 ? 2.209   6.244   -7.955  1.00 27.86 ? 107  PHE A C   1 
ATOM   816 O O   . PHE A 1 117 ? 3.340   6.003   -7.522  1.00 27.24 ? 107  PHE A O   1 
ATOM   817 C CB  . PHE A 1 117 ? 0.361   5.239   -6.713  1.00 26.18 ? 107  PHE A CB  1 
ATOM   818 C CG  . PHE A 1 117 ? -0.771  4.255   -6.638  1.00 28.72 ? 107  PHE A CG  1 
ATOM   819 C CD1 . PHE A 1 117 ? -0.582  2.988   -6.068  1.00 26.89 ? 107  PHE A CD1 1 
ATOM   820 C CD2 . PHE A 1 117 ? -2.009  4.577   -7.141  1.00 26.34 ? 107  PHE A CD2 1 
ATOM   821 C CE1 . PHE A 1 117 ? -1.652  2.070   -6.024  1.00 26.85 ? 107  PHE A CE1 1 
ATOM   822 C CE2 . PHE A 1 117 ? -3.056  3.660   -7.094  1.00 29.27 ? 107  PHE A CE2 1 
ATOM   823 C CZ  . PHE A 1 117 ? -2.868  2.405   -6.533  1.00 25.84 ? 107  PHE A CZ  1 
ATOM   824 N N   . TYR A 1 118 ? 1.813   7.425   -8.426  1.00 27.62 ? 108  TYR A N   1 
ATOM   825 C CA  . TYR A 1 118 ? 2.671   8.614   -8.303  1.00 29.71 ? 108  TYR A CA  1 
ATOM   826 C C   . TYR A 1 118 ? 1.857   9.608   -7.413  1.00 28.50 ? 108  TYR A C   1 
ATOM   827 O O   . TYR A 1 118 ? 0.729   10.049  -7.794  1.00 28.15 ? 108  TYR A O   1 
ATOM   828 C CB  . TYR A 1 118 ? 2.971   9.285   -9.645  1.00 33.22 ? 108  TYR A CB  1 
ATOM   829 C CG  . TYR A 1 118 ? 4.068   10.329  -9.477  1.00 37.78 ? 108  TYR A CG  1 
ATOM   830 C CD1 . TYR A 1 118 ? 5.337   9.955   -9.086  1.00 42.01 ? 108  TYR A CD1 1 
ATOM   831 C CD2 . TYR A 1 118 ? 3.835   11.666  -9.654  1.00 40.62 ? 108  TYR A CD2 1 
ATOM   832 C CE1 . TYR A 1 118 ? 6.341   10.892  -8.870  1.00 44.98 ? 108  TYR A CE1 1 
ATOM   833 C CE2 . TYR A 1 118 ? 4.858   12.626  -9.448  1.00 43.21 ? 108  TYR A CE2 1 
ATOM   834 C CZ  . TYR A 1 118 ? 6.086   12.226  -9.059  1.00 43.68 ? 108  TYR A CZ  1 
ATOM   835 O OH  . TYR A 1 118 ? 7.102   13.122  -8.838  1.00 46.13 ? 108  TYR A OH  1 
ATOM   836 N N   . LEU A 1 119 ? 2.377   9.867   -6.214  1.00 27.01 ? 109  LEU A N   1 
ATOM   837 C CA  . LEU A 1 119 ? 1.723   10.800  -5.268  1.00 25.67 ? 109  LEU A CA  1 
ATOM   838 C C   . LEU A 1 119 ? 2.331   12.158  -5.427  1.00 25.42 ? 109  LEU A C   1 
ATOM   839 O O   . LEU A 1 119 ? 3.557   12.324  -5.333  1.00 23.57 ? 109  LEU A O   1 
ATOM   840 C CB  . LEU A 1 119 ? 1.945   10.427  -3.795  1.00 25.59 ? 109  LEU A CB  1 
ATOM   841 C CG  . LEU A 1 119 ? 1.299   11.352  -2.710  1.00 25.14 ? 109  LEU A CG  1 
ATOM   842 C CD1 . LEU A 1 119 ? -0.213  11.347  -2.825  1.00 24.86 ? 109  LEU A CD1 1 
ATOM   843 C CD2 . LEU A 1 119 ? 1.644   10.853  -1.330  1.00 24.88 ? 109  LEU A CD2 1 
ATOM   844 N N   . VAL A 1 120 ? 1.457   13.122  -5.672  1.00 25.82 ? 110  VAL A N   1 
ATOM   845 C CA  . VAL A 1 120 ? 1.873   14.497  -5.787  1.00 28.65 ? 110  VAL A CA  1 
ATOM   846 C C   . VAL A 1 120 ? 1.236   15.278  -4.646  1.00 27.70 ? 110  VAL A C   1 
ATOM   847 O O   . VAL A 1 120 ? 0.013   15.356  -4.523  1.00 25.54 ? 110  VAL A O   1 
ATOM   848 C CB  . VAL A 1 120 ? 1.449   15.079  -7.107  1.00 29.90 ? 110  VAL A CB  1 
ATOM   849 C CG1 . VAL A 1 120 ? 1.933   16.547  -7.180  1.00 31.34 ? 110  VAL A CG1 1 
ATOM   850 C CG2 . VAL A 1 120 ? 2.133   14.271  -8.239  1.00 32.40 ? 110  VAL A CG2 1 
ATOM   851 N N   . VAL A 1 121 ? 2.070   15.757  -3.728  1.00 29.58 ? 111  VAL A N   1 
ATOM   852 C CA  . VAL A 1 121 ? 1.509   16.548  -2.640  1.00 30.75 ? 111  VAL A CA  1 
ATOM   853 C C   . VAL A 1 121 ? 1.987   17.987  -2.778  1.00 32.66 ? 111  VAL A C   1 
ATOM   854 O O   . VAL A 1 121 ? 3.186   18.224  -2.832  1.00 32.88 ? 111  VAL A O   1 
ATOM   855 C CB  . VAL A 1 121 ? 1.945   16.021  -1.245  1.00 30.97 ? 111  VAL A CB  1 
ATOM   856 C CG1 . VAL A 1 121 ? 1.311   16.924  -0.114  1.00 28.31 ? 111  VAL A CG1 1 
ATOM   857 C CG2 . VAL A 1 121 ? 1.501   14.552  -1.065  1.00 25.60 ? 111  VAL A CG2 1 
ATOM   858 N N   . SER A 1 122 ? 1.083   18.947  -2.910  1.00 33.12 ? 112  SER A N   1 
ATOM   859 C CA  . SER A 1 122 ? 1.565   20.336  -2.930  1.00 35.71 ? 112  SER A CA  1 
ATOM   860 C C   . SER A 1 122 ? 0.905   21.193  -1.799  1.00 34.92 ? 112  SER A C   1 
ATOM   861 O O   . SER A 1 122 ? 0.445   20.925  -1.065  1.00 36.13 ? 112  SER A O   1 
ATOM   862 C CB  . SER A 1 122 ? 1.332   20.985  -4.293  1.00 35.36 ? 112  SER A CB  1 
ATOM   863 O OG  . SER A 1 122 ? -0.038  21.195  -4.464  1.00 39.92 ? 112  SER A OG  1 
ATOM   864 O OXT . SER A 1 122 ? 1.108   22.421  -1.934  1.00 37.65 ? 112  SER A OXT 1 
HETATM 865 O O   . HOH B 2 .   ? 3.597   -0.569  -17.858 1.00 57.62 ? 2001 HOH A O   1 
HETATM 866 O O   . HOH B 2 .   ? 1.214   -0.048  -16.630 1.00 64.77 ? 2002 HOH A O   1 
HETATM 867 O O   . HOH B 2 .   ? 4.221   6.552   -14.926 1.00 38.74 ? 2003 HOH A O   1 
HETATM 868 O O   . HOH B 2 .   ? -0.977  7.809   -15.325 1.00 57.42 ? 2004 HOH A O   1 
HETATM 869 O O   . HOH B 2 .   ? -5.019  -0.322  -10.871 1.00 54.40 ? 2005 HOH A O   1 
HETATM 870 O O   . HOH B 2 .   ? 2.134   22.875  5.772   1.00 64.77 ? 2006 HOH A O   1 
HETATM 871 O O   . HOH B 2 .   ? -3.347  9.109   -13.499 1.00 63.46 ? 2007 HOH A O   1 
HETATM 872 O O   . HOH B 2 .   ? 0.101   21.185  7.045   1.00 47.12 ? 2008 HOH A O   1 
HETATM 873 O O   . HOH B 2 .   ? -5.874  12.925  -2.807  1.00 51.50 ? 2009 HOH A O   1 
HETATM 874 O O   . HOH B 2 .   ? -6.230  13.773  0.144   1.00 35.27 ? 2010 HOH A O   1 
HETATM 875 O O   . HOH B 2 .   ? -9.757  -0.629  -7.675  1.00 58.90 ? 2011 HOH A O   1 
HETATM 876 O O   . HOH B 2 .   ? -15.929 3.491   3.774   1.00 71.75 ? 2012 HOH A O   1 
HETATM 877 O O   . HOH B 2 .   ? -9.477  -19.336 6.970   1.00 64.51 ? 2013 HOH A O   1 
HETATM 878 O O   . HOH B 2 .   ? -7.136  -17.949 10.771  1.00 54.71 ? 2014 HOH A O   1 
HETATM 879 O O   . HOH B 2 .   ? 1.997   -9.705  13.187  1.00 52.59 ? 2015 HOH A O   1 
HETATM 880 O O   . HOH B 2 .   ? -4.922  20.819  3.921   1.00 33.68 ? 2016 HOH A O   1 
HETATM 881 O O   . HOH B 2 .   ? -2.663  23.025  2.419   1.00 56.49 ? 2017 HOH A O   1 
HETATM 882 O O   . HOH B 2 .   ? -2.482  22.478  6.344   1.00 49.31 ? 2018 HOH A O   1 
HETATM 883 O O   . HOH B 2 .   ? -4.484  14.592  7.511   1.00 32.95 ? 2019 HOH A O   1 
HETATM 884 O O   . HOH B 2 .   ? -9.717  -22.654 -0.469  1.00 67.05 ? 2020 HOH A O   1 
HETATM 885 O O   . HOH B 2 .   ? -16.098 -3.470  2.657   1.00 40.64 ? 2021 HOH A O   1 
HETATM 886 O O   . HOH B 2 .   ? -7.576  -14.784 5.066   1.00 34.65 ? 2022 HOH A O   1 
HETATM 887 O O   . HOH B 2 .   ? 0.410   -19.979 5.020   1.00 41.60 ? 2023 HOH A O   1 
HETATM 888 O O   . HOH B 2 .   ? -3.839  -14.447 -6.161  1.00 43.23 ? 2024 HOH A O   1 
HETATM 889 O O   . HOH B 2 .   ? -8.548  11.717  6.274   1.00 69.63 ? 2025 HOH A O   1 
HETATM 890 O O   . HOH B 2 .   ? -7.902  14.321  3.863   1.00 36.57 ? 2026 HOH A O   1 
HETATM 891 O O   . HOH B 2 .   ? -6.012  7.447   -4.177  1.00 34.46 ? 2027 HOH A O   1 
HETATM 892 O O   . HOH B 2 .   ? -5.663  0.000   -7.181  1.00 38.14 ? 2028 HOH A O   1 
HETATM 893 O O   . HOH B 2 .   ? -13.525 3.298   1.785   1.00 50.34 ? 2029 HOH A O   1 
HETATM 894 O O   . HOH B 2 .   ? -16.522 1.808   -3.003  1.00 56.24 ? 2030 HOH A O   1 
HETATM 895 O O   . HOH B 2 .   ? -11.150 -0.944  -4.481  1.00 61.92 ? 2031 HOH A O   1 
HETATM 896 O O   . HOH B 2 .   ? 10.997  -4.871  4.565   1.00 73.23 ? 2032 HOH A O   1 
HETATM 897 O O   . HOH B 2 .   ? -12.974 -5.624  -4.880  1.00 55.43 ? 2033 HOH A O   1 
HETATM 898 O O   . HOH B 2 .   ? -6.468  -2.449  -7.498  1.00 39.85 ? 2034 HOH A O   1 
HETATM 899 O O   . HOH B 2 .   ? -13.019 -2.822  -4.384  1.00 54.37 ? 2035 HOH A O   1 
HETATM 900 O O   . HOH B 2 .   ? -7.854  -6.869  -9.256  1.00 56.41 ? 2036 HOH A O   1 
HETATM 901 O O   . HOH B 2 .   ? -11.224 -11.458 -3.492  1.00 36.99 ? 2037 HOH A O   1 
HETATM 902 O O   . HOH B 2 .   ? -12.001 -8.106  -5.743  1.00 51.36 ? 2038 HOH A O   1 
HETATM 903 O O   . HOH B 2 .   ? -9.518  -18.363 9.515   1.00 48.22 ? 2039 HOH A O   1 
HETATM 904 O O   . HOH B 2 .   ? -0.390  -8.672  12.701  1.00 48.50 ? 2040 HOH A O   1 
HETATM 905 O O   . HOH B 2 .   ? -8.247  -13.855 -0.613  1.00 47.32 ? 2041 HOH A O   1 
HETATM 906 O O   . HOH B 2 .   ? -5.754  -22.165 -0.764  1.00 60.21 ? 2042 HOH A O   1 
HETATM 907 O O   . HOH B 2 .   ? -7.424  -23.362 1.032   1.00 62.48 ? 2043 HOH A O   1 
HETATM 908 O O   . HOH B 2 .   ? -13.536 -3.651  3.785   1.00 45.71 ? 2044 HOH A O   1 
HETATM 909 O O   . HOH B 2 .   ? -6.758  -14.383 2.499   1.00 32.11 ? 2045 HOH A O   1 
HETATM 910 O O   . HOH B 2 .   ? -14.694 -13.847 -1.642  1.00 54.64 ? 2046 HOH A O   1 
HETATM 911 O O   . HOH B 2 .   ? -1.551  -18.048 5.107   1.00 39.80 ? 2047 HOH A O   1 
HETATM 912 O O   . HOH B 2 .   ? 0.282   -15.810 6.065   1.00 51.53 ? 2048 HOH A O   1 
HETATM 913 O O   . HOH B 2 .   ? -5.448  -13.090 -1.342  1.00 34.91 ? 2049 HOH A O   1 
HETATM 914 O O   . HOH B 2 .   ? -4.788  -12.613 -4.580  1.00 35.59 ? 2050 HOH A O   1 
HETATM 915 O O   . HOH B 2 .   ? -1.656  -15.215 -5.018  1.00 37.30 ? 2051 HOH A O   1 
HETATM 916 O O   . HOH B 2 .   ? -9.787  2.083   5.916   1.00 48.15 ? 2052 HOH A O   1 
HETATM 917 O O   . HOH B 2 .   ? 5.550   -9.941  9.310   1.00 58.39 ? 2053 HOH A O   1 
HETATM 918 O O   . HOH B 2 .   ? 6.232   -12.606 5.702   1.00 55.08 ? 2054 HOH A O   1 
HETATM 919 O O   . HOH B 2 .   ? -5.228  -12.558 1.465   1.00 24.80 ? 2055 HOH A O   1 
HETATM 920 O O   . HOH B 2 .   ? 11.940  10.110  -1.449  1.00 63.52 ? 2056 HOH A O   1 
HETATM 921 O O   . HOH B 2 .   ? 11.275  6.148   -8.474  1.00 59.58 ? 2057 HOH A O   1 
HETATM 922 O O   . HOH B 2 .   ? 9.968   0.995   -11.010 1.00 46.21 ? 2058 HOH A O   1 
HETATM 923 O O   . HOH B 2 .   ? 12.639  -18.743 -2.620  1.00 70.43 ? 2059 HOH A O   1 
HETATM 924 O O   . HOH B 2 .   ? 10.166  -11.004 -5.186  1.00 66.63 ? 2060 HOH A O   1 
HETATM 925 O O   . HOH B 2 .   ? 12.531  -3.453  -2.188  1.00 56.77 ? 2061 HOH A O   1 
HETATM 926 O O   . HOH B 2 .   ? 11.792  -2.193  3.061   1.00 46.56 ? 2062 HOH A O   1 
HETATM 927 O O   . HOH B 2 .   ? 6.765   -8.247  5.924   1.00 70.87 ? 2063 HOH A O   1 
HETATM 928 O O   . HOH B 2 .   ? 6.911   -9.133  3.162   1.00 61.50 ? 2064 HOH A O   1 
HETATM 929 O O   . HOH B 2 .   ? 7.207   3.438   8.425   1.00 53.72 ? 2065 HOH A O   1 
HETATM 930 O O   . HOH B 2 .   ? 3.747   -2.281  9.607   1.00 40.68 ? 2066 HOH A O   1 
HETATM 931 O O   . HOH B 2 .   ? 6.199   -3.083  7.869   1.00 46.51 ? 2067 HOH A O   1 
HETATM 932 O O   . HOH B 2 .   ? -5.328  -5.434  8.253   1.00 29.59 ? 2068 HOH A O   1 
HETATM 933 O O   . HOH B 2 .   ? 2.821   -6.318  10.025  1.00 52.31 ? 2069 HOH A O   1 
HETATM 934 O O   . HOH B 2 .   ? -9.530  -15.178 8.316   1.00 32.46 ? 2070 HOH A O   1 
HETATM 935 O O   . HOH B 2 .   ? -10.273 -13.820 5.786   1.00 32.77 ? 2071 HOH A O   1 
HETATM 936 O O   . HOH B 2 .   ? -9.146  -5.425  14.290  1.00 38.22 ? 2072 HOH A O   1 
HETATM 937 O O   . HOH B 2 .   ? -1.074  -6.780  10.758  1.00 32.44 ? 2073 HOH A O   1 
HETATM 938 O O   . HOH B 2 .   ? -6.128  -5.175  15.260  1.00 49.05 ? 2074 HOH A O   1 
HETATM 939 O O   . HOH B 2 .   ? -2.214  6.686   11.421  1.00 48.18 ? 2075 HOH A O   1 
HETATM 940 O O   . HOH B 2 .   ? -2.961  6.368   8.951   1.00 44.64 ? 2076 HOH A O   1 
HETATM 941 O O   . HOH B 2 .   ? 7.495   10.657  7.823   1.00 61.06 ? 2077 HOH A O   1 
HETATM 942 O O   . HOH B 2 .   ? -5.893  -0.567  10.288  1.00 54.49 ? 2078 HOH A O   1 
HETATM 943 O O   . HOH B 2 .   ? -13.900 -5.017  6.496   1.00 46.73 ? 2079 HOH A O   1 
HETATM 944 O O   . HOH B 2 .   ? -10.439 -12.437 -1.216  1.00 34.27 ? 2080 HOH A O   1 
HETATM 945 O O   . HOH B 2 .   ? -15.138 -9.828  7.215   1.00 39.88 ? 2081 HOH A O   1 
HETATM 946 O O   . HOH B 2 .   ? -15.215 -11.202 -2.319  1.00 47.79 ? 2082 HOH A O   1 
HETATM 947 O O   . HOH B 2 .   ? -12.322 -14.597 2.864   1.00 63.18 ? 2083 HOH A O   1 
HETATM 948 O O   . HOH B 2 .   ? -16.320 -5.857  -1.898  1.00 47.83 ? 2084 HOH A O   1 
HETATM 949 O O   . HOH B 2 .   ? -11.077 -4.189  3.035   1.00 29.95 ? 2085 HOH A O   1 
HETATM 950 O O   . HOH B 2 .   ? -11.720 -0.111  4.708   1.00 55.99 ? 2086 HOH A O   1 
HETATM 951 O O   . HOH B 2 .   ? -10.067 -1.825  3.554   1.00 34.84 ? 2087 HOH A O   1 
HETATM 952 O O   . HOH B 2 .   ? -6.602  2.260   5.877   1.00 31.89 ? 2088 HOH A O   1 
HETATM 953 O O   . HOH B 2 .   ? 1.658   18.425  6.908   1.00 42.36 ? 2089 HOH A O   1 
HETATM 954 O O   . HOH B 2 .   ? 8.119   14.436  6.405   1.00 58.99 ? 2090 HOH A O   1 
HETATM 955 O O   . HOH B 2 .   ? 4.666   19.953  3.403   1.00 37.03 ? 2091 HOH A O   1 
HETATM 956 O O   . HOH B 2 .   ? 10.910  13.103  -0.556  1.00 57.00 ? 2092 HOH A O   1 
HETATM 957 O O   . HOH B 2 .   ? 9.734   8.123   -7.560  1.00 51.90 ? 2093 HOH A O   1 
HETATM 958 O O   . HOH B 2 .   ? 9.335   8.002   -4.985  1.00 43.83 ? 2094 HOH A O   1 
HETATM 959 O O   . HOH B 2 .   ? 5.308   8.189   -13.160 1.00 40.44 ? 2095 HOH A O   1 
HETATM 960 O O   . HOH B 2 .   ? 6.363   9.121   2.471   1.00 38.99 ? 2096 HOH A O   1 
HETATM 961 O O   . HOH B 2 .   ? 7.611   -6.421  -7.350  1.00 51.57 ? 2097 HOH A O   1 
HETATM 962 O O   . HOH B 2 .   ? 2.511   -13.445 2.527   1.00 31.08 ? 2098 HOH A O   1 
HETATM 963 O O   . HOH B 2 .   ? 8.662   -5.515  -1.670  1.00 54.96 ? 2099 HOH A O   1 
HETATM 964 O O   . HOH B 2 .   ? 5.373   -2.777  -0.127  1.00 48.09 ? 2100 HOH A O   1 
HETATM 965 O O   . HOH B 2 .   ? 3.521   -13.823 -10.871 1.00 55.96 ? 2101 HOH A O   1 
HETATM 966 O O   . HOH B 2 .   ? 4.968   -17.029 5.032   1.00 54.32 ? 2102 HOH A O   1 
HETATM 967 O O   . HOH B 2 .   ? 11.900  -15.841 -0.498  1.00 58.08 ? 2103 HOH A O   1 
HETATM 968 O O   . HOH B 2 .   ? 5.267   -13.699 2.901   1.00 55.38 ? 2104 HOH A O   1 
HETATM 969 O O   . HOH B 2 .   ? 9.301   -10.182 -2.632  1.00 52.44 ? 2105 HOH A O   1 
HETATM 970 O O   . HOH B 2 .   ? 8.121   -11.380 -6.838  1.00 42.14 ? 2106 HOH A O   1 
HETATM 971 O O   . HOH B 2 .   ? 5.596   -13.313 -9.226  1.00 48.73 ? 2107 HOH A O   1 
HETATM 972 O O   . HOH B 2 .   ? 4.869   -9.131  -9.751  1.00 56.03 ? 2108 HOH A O   1 
HETATM 973 O O   . HOH B 2 .   ? -3.015  -10.961 -5.834  1.00 39.10 ? 2109 HOH A O   1 
HETATM 974 O O   . HOH B 2 .   ? 0.532   -6.930  -10.723 1.00 40.17 ? 2110 HOH A O   1 
HETATM 975 O O   . HOH B 2 .   ? 5.502   -4.716  -7.844  1.00 56.84 ? 2111 HOH A O   1 
HETATM 976 O O   . HOH B 2 .   ? 2.236   -4.749  -12.249 1.00 61.92 ? 2112 HOH A O   1 
HETATM 977 O O   . HOH B 2 .   ? 4.944   -4.873  -11.981 1.00 62.21 ? 2113 HOH A O   1 
HETATM 978 O O   . HOH B 2 .   ? 0.667   -0.467  -11.901 1.00 39.65 ? 2114 HOH A O   1 
HETATM 979 O O   . HOH B 2 .   ? -0.619  1.899   -11.946 1.00 34.33 ? 2115 HOH A O   1 
HETATM 980 O O   . HOH B 2 .   ? -1.030  23.896  -0.257  1.00 47.93 ? 2116 HOH A O   1 
HETATM 981 O O   . HOH B 2 .   ? -1.905  19.547  -5.470  1.00 40.92 ? 2117 HOH A O   1 
# 
